data_3ELO
# 
_entry.id   3ELO 
# 
_audit_conform.dict_name       mmcif_pdbx.dic 
_audit_conform.dict_version    5.398 
_audit_conform.dict_location   http://mmcif.pdb.org/dictionaries/ascii/mmcif_pdbx.dic 
# 
loop_
_database_2.database_id 
_database_2.database_code 
_database_2.pdbx_database_accession 
_database_2.pdbx_DOI 
PDB   3ELO         pdb_00003elo 10.2210/pdb3elo/pdb 
RCSB  RCSB049478   ?            ?                   
WWPDB D_1000049478 ?            ?                   
# 
loop_
_pdbx_audit_revision_history.ordinal 
_pdbx_audit_revision_history.data_content_type 
_pdbx_audit_revision_history.major_revision 
_pdbx_audit_revision_history.minor_revision 
_pdbx_audit_revision_history.revision_date 
1 'Structure model' 1 0 2009-04-14 
2 'Structure model' 1 1 2011-07-13 
3 'Structure model' 1 2 2014-02-05 
4 'Structure model' 1 3 2024-11-13 
# 
_pdbx_audit_revision_details.ordinal             1 
_pdbx_audit_revision_details.revision_ordinal    1 
_pdbx_audit_revision_details.data_content_type   'Structure model' 
_pdbx_audit_revision_details.provider            repository 
_pdbx_audit_revision_details.type                'Initial release' 
_pdbx_audit_revision_details.description         ? 
_pdbx_audit_revision_details.details             ? 
# 
loop_
_pdbx_audit_revision_group.ordinal 
_pdbx_audit_revision_group.revision_ordinal 
_pdbx_audit_revision_group.data_content_type 
_pdbx_audit_revision_group.group 
1 2 'Structure model' Advisory                    
2 2 'Structure model' 'Version format compliance' 
3 3 'Structure model' 'Database references'       
4 4 'Structure model' 'Data collection'           
5 4 'Structure model' 'Database references'       
6 4 'Structure model' 'Derived calculations'      
7 4 'Structure model' 'Structure summary'         
# 
loop_
_pdbx_audit_revision_category.ordinal 
_pdbx_audit_revision_category.revision_ordinal 
_pdbx_audit_revision_category.data_content_type 
_pdbx_audit_revision_category.category 
1 4 'Structure model' chem_comp_atom            
2 4 'Structure model' chem_comp_bond            
3 4 'Structure model' database_2                
4 4 'Structure model' pdbx_entry_details        
5 4 'Structure model' pdbx_modification_feature 
6 4 'Structure model' struct_site               
# 
loop_
_pdbx_audit_revision_item.ordinal 
_pdbx_audit_revision_item.revision_ordinal 
_pdbx_audit_revision_item.data_content_type 
_pdbx_audit_revision_item.item 
1 4 'Structure model' '_database_2.pdbx_DOI'                
2 4 'Structure model' '_database_2.pdbx_database_accession' 
3 4 'Structure model' '_struct_site.pdbx_auth_asym_id'      
4 4 'Structure model' '_struct_site.pdbx_auth_comp_id'      
5 4 'Structure model' '_struct_site.pdbx_auth_seq_id'       
# 
_pdbx_database_status.entry_id                        3ELO 
_pdbx_database_status.deposit_site                    RCSB 
_pdbx_database_status.process_site                    PDBJ 
_pdbx_database_status.recvd_initial_deposition_date   2008-09-22 
_pdbx_database_status.status_code                     REL 
_pdbx_database_status.status_code_sf                  REL 
_pdbx_database_status.status_code_mr                  ? 
_pdbx_database_status.SG_entry                        ? 
_pdbx_database_status.status_code_cs                  ? 
_pdbx_database_status.pdb_format_compatible           Y 
_pdbx_database_status.status_code_nmr_data            ? 
_pdbx_database_status.methods_development_category    ? 
# 
loop_
_audit_author.name 
_audit_author.pdbx_ordinal 
'Xu, W.'   1 
'Yi, L.'   2 
'Feng, Y.' 3 
'Chen, L.' 4 
'Liu, J.'  5 
# 
_citation.id                        primary 
_citation.title                     'Structural insight into the activation mechanism of human pancreatic prophospholipase A2' 
_citation.journal_abbrev            J.Biol.Chem. 
_citation.journal_volume            284 
_citation.page_first                16659 
_citation.page_last                 16666 
_citation.year                      2009 
_citation.journal_id_ASTM           JBCHA3 
_citation.country                   US 
_citation.journal_id_ISSN           0021-9258 
_citation.journal_id_CSD            0071 
_citation.book_publisher            ? 
_citation.pdbx_database_id_PubMed   19297324 
_citation.pdbx_database_id_DOI      10.1074/jbc.M808029200 
# 
loop_
_citation_author.citation_id 
_citation_author.name 
_citation_author.ordinal 
_citation_author.identifier_ORCID 
primary 'Xu, W.'   1 ? 
primary 'Yi, L.'   2 ? 
primary 'Feng, Y.' 3 ? 
primary 'Chen, L.' 4 ? 
primary 'Liu, J.'  5 ? 
# 
loop_
_entity.id 
_entity.type 
_entity.src_method 
_entity.pdbx_description 
_entity.formula_weight 
_entity.pdbx_number_of_molecules 
_entity.pdbx_ec 
_entity.pdbx_mutation 
_entity.pdbx_fragment 
_entity.details 
1 polymer     man 'Phospholipase A2' 14870.794 1   3.1.1.4 ? ? ? 
2 non-polymer syn 'SULFATE ION'      96.063    1   ?       ? ? ? 
3 water       nat water              18.015    164 ?       ? ? ? 
# 
_entity_name_com.entity_id   1 
_entity_name_com.name        'Phosphatidylcholine 2-acylhydrolase, Group IB phospholipase A2' 
# 
_entity_poly.entity_id                      1 
_entity_poly.type                           'polypeptide(L)' 
_entity_poly.nstd_linkage                   no 
_entity_poly.nstd_monomer                   no 
_entity_poly.pdbx_seq_one_letter_code       
;DSGISPRAVWQFRKMIKCVIPGSDPFLEYNNYGCYCGLGGSGTPVDELDKCCQTHDNCYDQAKKLDSCKFLLDNPYTHTY
SYSCSGSAITCSSKNKECEAFICNCDRNAAICFSKAPYNKAHKNLDTKKYCQS
;
_entity_poly.pdbx_seq_one_letter_code_can   
;DSGISPRAVWQFRKMIKCVIPGSDPFLEYNNYGCYCGLGGSGTPVDELDKCCQTHDNCYDQAKKLDSCKFLLDNPYTHTY
SYSCSGSAITCSSKNKECEAFICNCDRNAAICFSKAPYNKAHKNLDTKKYCQS
;
_entity_poly.pdbx_strand_id                 A 
_entity_poly.pdbx_target_identifier         ? 
# 
loop_
_pdbx_entity_nonpoly.entity_id 
_pdbx_entity_nonpoly.name 
_pdbx_entity_nonpoly.comp_id 
2 'SULFATE ION' SO4 
3 water         HOH 
# 
loop_
_entity_poly_seq.entity_id 
_entity_poly_seq.num 
_entity_poly_seq.mon_id 
_entity_poly_seq.hetero 
1 1   ASP n 
1 2   SER n 
1 3   GLY n 
1 4   ILE n 
1 5   SER n 
1 6   PRO n 
1 7   ARG n 
1 8   ALA n 
1 9   VAL n 
1 10  TRP n 
1 11  GLN n 
1 12  PHE n 
1 13  ARG n 
1 14  LYS n 
1 15  MET n 
1 16  ILE n 
1 17  LYS n 
1 18  CYS n 
1 19  VAL n 
1 20  ILE n 
1 21  PRO n 
1 22  GLY n 
1 23  SER n 
1 24  ASP n 
1 25  PRO n 
1 26  PHE n 
1 27  LEU n 
1 28  GLU n 
1 29  TYR n 
1 30  ASN n 
1 31  ASN n 
1 32  TYR n 
1 33  GLY n 
1 34  CYS n 
1 35  TYR n 
1 36  CYS n 
1 37  GLY n 
1 38  LEU n 
1 39  GLY n 
1 40  GLY n 
1 41  SER n 
1 42  GLY n 
1 43  THR n 
1 44  PRO n 
1 45  VAL n 
1 46  ASP n 
1 47  GLU n 
1 48  LEU n 
1 49  ASP n 
1 50  LYS n 
1 51  CYS n 
1 52  CYS n 
1 53  GLN n 
1 54  THR n 
1 55  HIS n 
1 56  ASP n 
1 57  ASN n 
1 58  CYS n 
1 59  TYR n 
1 60  ASP n 
1 61  GLN n 
1 62  ALA n 
1 63  LYS n 
1 64  LYS n 
1 65  LEU n 
1 66  ASP n 
1 67  SER n 
1 68  CYS n 
1 69  LYS n 
1 70  PHE n 
1 71  LEU n 
1 72  LEU n 
1 73  ASP n 
1 74  ASN n 
1 75  PRO n 
1 76  TYR n 
1 77  THR n 
1 78  HIS n 
1 79  THR n 
1 80  TYR n 
1 81  SER n 
1 82  TYR n 
1 83  SER n 
1 84  CYS n 
1 85  SER n 
1 86  GLY n 
1 87  SER n 
1 88  ALA n 
1 89  ILE n 
1 90  THR n 
1 91  CYS n 
1 92  SER n 
1 93  SER n 
1 94  LYS n 
1 95  ASN n 
1 96  LYS n 
1 97  GLU n 
1 98  CYS n 
1 99  GLU n 
1 100 ALA n 
1 101 PHE n 
1 102 ILE n 
1 103 CYS n 
1 104 ASN n 
1 105 CYS n 
1 106 ASP n 
1 107 ARG n 
1 108 ASN n 
1 109 ALA n 
1 110 ALA n 
1 111 ILE n 
1 112 CYS n 
1 113 PHE n 
1 114 SER n 
1 115 LYS n 
1 116 ALA n 
1 117 PRO n 
1 118 TYR n 
1 119 ASN n 
1 120 LYS n 
1 121 ALA n 
1 122 HIS n 
1 123 LYS n 
1 124 ASN n 
1 125 LEU n 
1 126 ASP n 
1 127 THR n 
1 128 LYS n 
1 129 LYS n 
1 130 TYR n 
1 131 CYS n 
1 132 GLN n 
1 133 SER n 
# 
_entity_src_gen.entity_id                          1 
_entity_src_gen.pdbx_src_id                        1 
_entity_src_gen.pdbx_alt_source_flag               sample 
_entity_src_gen.pdbx_seq_type                      ? 
_entity_src_gen.pdbx_beg_seq_num                   ? 
_entity_src_gen.pdbx_end_seq_num                   ? 
_entity_src_gen.gene_src_common_name               human 
_entity_src_gen.gene_src_genus                     ? 
_entity_src_gen.pdbx_gene_src_gene                 PLA2G1B 
_entity_src_gen.gene_src_species                   ? 
_entity_src_gen.gene_src_strain                    ? 
_entity_src_gen.gene_src_tissue                    ? 
_entity_src_gen.gene_src_tissue_fraction           ? 
_entity_src_gen.gene_src_details                   ? 
_entity_src_gen.pdbx_gene_src_fragment             ? 
_entity_src_gen.pdbx_gene_src_scientific_name      'Homo sapiens' 
_entity_src_gen.pdbx_gene_src_ncbi_taxonomy_id     9606 
_entity_src_gen.pdbx_gene_src_variant              ? 
_entity_src_gen.pdbx_gene_src_cell_line            ? 
_entity_src_gen.pdbx_gene_src_atcc                 ? 
_entity_src_gen.pdbx_gene_src_organ                ? 
_entity_src_gen.pdbx_gene_src_organelle            ? 
_entity_src_gen.pdbx_gene_src_cell                 ? 
_entity_src_gen.pdbx_gene_src_cellular_location    ? 
_entity_src_gen.host_org_common_name               ? 
_entity_src_gen.pdbx_host_org_scientific_name      'Pichia pastoris' 
_entity_src_gen.pdbx_host_org_ncbi_taxonomy_id     4922 
_entity_src_gen.host_org_genus                     ? 
_entity_src_gen.pdbx_host_org_gene                 ? 
_entity_src_gen.pdbx_host_org_organ                ? 
_entity_src_gen.host_org_species                   ? 
_entity_src_gen.pdbx_host_org_tissue               ? 
_entity_src_gen.pdbx_host_org_tissue_fraction      ? 
_entity_src_gen.pdbx_host_org_strain               GS115 
_entity_src_gen.pdbx_host_org_variant              ? 
_entity_src_gen.pdbx_host_org_cell_line            ? 
_entity_src_gen.pdbx_host_org_atcc                 ? 
_entity_src_gen.pdbx_host_org_culture_collection   ? 
_entity_src_gen.pdbx_host_org_cell                 ? 
_entity_src_gen.pdbx_host_org_organelle            ? 
_entity_src_gen.pdbx_host_org_cellular_location    ? 
_entity_src_gen.pdbx_host_org_vector_type          plasmid 
_entity_src_gen.pdbx_host_org_vector               ? 
_entity_src_gen.host_org_details                   ? 
_entity_src_gen.expression_system_id               ? 
_entity_src_gen.plasmid_name                       pPIC9K 
_entity_src_gen.plasmid_details                    ? 
_entity_src_gen.pdbx_description                   ? 
# 
loop_
_chem_comp.id 
_chem_comp.type 
_chem_comp.mon_nstd_flag 
_chem_comp.name 
_chem_comp.pdbx_synonyms 
_chem_comp.formula 
_chem_comp.formula_weight 
ALA 'L-peptide linking' y ALANINE         ? 'C3 H7 N O2'     89.093  
ARG 'L-peptide linking' y ARGININE        ? 'C6 H15 N4 O2 1' 175.209 
ASN 'L-peptide linking' y ASPARAGINE      ? 'C4 H8 N2 O3'    132.118 
ASP 'L-peptide linking' y 'ASPARTIC ACID' ? 'C4 H7 N O4'     133.103 
CYS 'L-peptide linking' y CYSTEINE        ? 'C3 H7 N O2 S'   121.158 
GLN 'L-peptide linking' y GLUTAMINE       ? 'C5 H10 N2 O3'   146.144 
GLU 'L-peptide linking' y 'GLUTAMIC ACID' ? 'C5 H9 N O4'     147.129 
GLY 'peptide linking'   y GLYCINE         ? 'C2 H5 N O2'     75.067  
HIS 'L-peptide linking' y HISTIDINE       ? 'C6 H10 N3 O2 1' 156.162 
HOH non-polymer         . WATER           ? 'H2 O'           18.015  
ILE 'L-peptide linking' y ISOLEUCINE      ? 'C6 H13 N O2'    131.173 
LEU 'L-peptide linking' y LEUCINE         ? 'C6 H13 N O2'    131.173 
LYS 'L-peptide linking' y LYSINE          ? 'C6 H15 N2 O2 1' 147.195 
MET 'L-peptide linking' y METHIONINE      ? 'C5 H11 N O2 S'  149.211 
PHE 'L-peptide linking' y PHENYLALANINE   ? 'C9 H11 N O2'    165.189 
PRO 'L-peptide linking' y PROLINE         ? 'C5 H9 N O2'     115.130 
SER 'L-peptide linking' y SERINE          ? 'C3 H7 N O3'     105.093 
SO4 non-polymer         . 'SULFATE ION'   ? 'O4 S -2'        96.063  
THR 'L-peptide linking' y THREONINE       ? 'C4 H9 N O3'     119.119 
TRP 'L-peptide linking' y TRYPTOPHAN      ? 'C11 H12 N2 O2'  204.225 
TYR 'L-peptide linking' y TYROSINE        ? 'C9 H11 N O3'    181.189 
VAL 'L-peptide linking' y VALINE          ? 'C5 H11 N O2'    117.146 
# 
loop_
_pdbx_poly_seq_scheme.asym_id 
_pdbx_poly_seq_scheme.entity_id 
_pdbx_poly_seq_scheme.seq_id 
_pdbx_poly_seq_scheme.mon_id 
_pdbx_poly_seq_scheme.ndb_seq_num 
_pdbx_poly_seq_scheme.pdb_seq_num 
_pdbx_poly_seq_scheme.auth_seq_num 
_pdbx_poly_seq_scheme.pdb_mon_id 
_pdbx_poly_seq_scheme.auth_mon_id 
_pdbx_poly_seq_scheme.pdb_strand_id 
_pdbx_poly_seq_scheme.pdb_ins_code 
_pdbx_poly_seq_scheme.hetero 
A 1 1   ASP 1   -6  -6  ASP ASP A . n 
A 1 2   SER 2   -5  -5  SER SER A . n 
A 1 3   GLY 3   -4  -4  GLY GLY A . n 
A 1 4   ILE 4   -3  -3  ILE ILE A . n 
A 1 5   SER 5   -2  -2  SER SER A . n 
A 1 6   PRO 6   -1  -1  PRO PRO A . n 
A 1 7   ARG 7   0   0   ARG ARG A . n 
A 1 8   ALA 8   1   1   ALA ALA A . n 
A 1 9   VAL 9   2   2   VAL VAL A . n 
A 1 10  TRP 10  3   3   TRP TRP A . n 
A 1 11  GLN 11  4   4   GLN GLN A . n 
A 1 12  PHE 12  5   5   PHE PHE A . n 
A 1 13  ARG 13  6   6   ARG ARG A . n 
A 1 14  LYS 14  7   7   LYS LYS A . n 
A 1 15  MET 15  8   8   MET MET A . n 
A 1 16  ILE 16  9   9   ILE ILE A . n 
A 1 17  LYS 17  10  10  LYS LYS A . n 
A 1 18  CYS 18  11  11  CYS CYS A . n 
A 1 19  VAL 19  12  12  VAL VAL A . n 
A 1 20  ILE 20  13  13  ILE ILE A . n 
A 1 21  PRO 21  14  14  PRO PRO A . n 
A 1 22  GLY 22  15  15  GLY GLY A . n 
A 1 23  SER 23  16  16  SER SER A . n 
A 1 24  ASP 24  17  17  ASP ASP A . n 
A 1 25  PRO 25  18  18  PRO PRO A . n 
A 1 26  PHE 26  19  19  PHE PHE A . n 
A 1 27  LEU 27  20  20  LEU LEU A . n 
A 1 28  GLU 28  21  21  GLU GLU A . n 
A 1 29  TYR 29  22  22  TYR TYR A . n 
A 1 30  ASN 30  23  23  ASN ASN A . n 
A 1 31  ASN 31  24  24  ASN ASN A . n 
A 1 32  TYR 32  25  25  TYR TYR A . n 
A 1 33  GLY 33  26  26  GLY GLY A . n 
A 1 34  CYS 34  27  27  CYS CYS A . n 
A 1 35  TYR 35  28  28  TYR TYR A . n 
A 1 36  CYS 36  29  29  CYS CYS A . n 
A 1 37  GLY 37  30  30  GLY GLY A . n 
A 1 38  LEU 38  31  31  LEU LEU A . n 
A 1 39  GLY 39  32  32  GLY GLY A . n 
A 1 40  GLY 40  33  33  GLY GLY A . n 
A 1 41  SER 41  34  34  SER SER A . n 
A 1 42  GLY 42  35  35  GLY GLY A . n 
A 1 43  THR 43  36  36  THR THR A . n 
A 1 44  PRO 44  37  37  PRO PRO A . n 
A 1 45  VAL 45  38  38  VAL VAL A . n 
A 1 46  ASP 46  39  39  ASP ASP A . n 
A 1 47  GLU 47  40  40  GLU GLU A . n 
A 1 48  LEU 48  41  41  LEU LEU A . n 
A 1 49  ASP 49  42  42  ASP ASP A . n 
A 1 50  LYS 50  43  43  LYS LYS A . n 
A 1 51  CYS 51  44  44  CYS CYS A . n 
A 1 52  CYS 52  45  45  CYS CYS A . n 
A 1 53  GLN 53  46  46  GLN GLN A . n 
A 1 54  THR 54  47  47  THR THR A . n 
A 1 55  HIS 55  48  48  HIS HIS A . n 
A 1 56  ASP 56  49  49  ASP ASP A . n 
A 1 57  ASN 57  50  50  ASN ASN A . n 
A 1 58  CYS 58  51  51  CYS CYS A . n 
A 1 59  TYR 59  52  52  TYR TYR A . n 
A 1 60  ASP 60  53  53  ASP ASP A . n 
A 1 61  GLN 61  54  54  GLN GLN A . n 
A 1 62  ALA 62  55  55  ALA ALA A . n 
A 1 63  LYS 63  56  56  LYS LYS A . n 
A 1 64  LYS 64  57  57  LYS LYS A . n 
A 1 65  LEU 65  58  58  LEU LEU A . n 
A 1 66  ASP 66  59  59  ASP ASP A . n 
A 1 67  SER 67  60  60  SER SER A . n 
A 1 68  CYS 68  61  61  CYS CYS A . n 
A 1 69  LYS 69  62  62  LYS LYS A . n 
A 1 70  PHE 70  63  63  PHE PHE A . n 
A 1 71  LEU 71  64  64  LEU LEU A . n 
A 1 72  LEU 72  65  65  LEU LEU A . n 
A 1 73  ASP 73  66  66  ASP ASP A . n 
A 1 74  ASN 74  67  67  ASN ASN A . n 
A 1 75  PRO 75  68  68  PRO PRO A . n 
A 1 76  TYR 76  69  69  TYR TYR A . n 
A 1 77  THR 77  70  70  THR THR A . n 
A 1 78  HIS 78  71  71  HIS HIS A . n 
A 1 79  THR 79  72  72  THR THR A . n 
A 1 80  TYR 80  73  73  TYR TYR A . n 
A 1 81  SER 81  74  74  SER SER A . n 
A 1 82  TYR 82  75  75  TYR TYR A . n 
A 1 83  SER 83  76  76  SER SER A . n 
A 1 84  CYS 84  77  77  CYS CYS A . n 
A 1 85  SER 85  78  78  SER SER A . n 
A 1 86  GLY 86  79  79  GLY GLY A . n 
A 1 87  SER 87  80  80  SER SER A . n 
A 1 88  ALA 88  81  81  ALA ALA A . n 
A 1 89  ILE 89  82  82  ILE ILE A . n 
A 1 90  THR 90  83  83  THR THR A . n 
A 1 91  CYS 91  84  84  CYS CYS A . n 
A 1 92  SER 92  85  85  SER SER A . n 
A 1 93  SER 93  86  86  SER SER A . n 
A 1 94  LYS 94  87  87  LYS LYS A . n 
A 1 95  ASN 95  88  88  ASN ASN A . n 
A 1 96  LYS 96  89  89  LYS LYS A . n 
A 1 97  GLU 97  90  90  GLU GLU A . n 
A 1 98  CYS 98  91  91  CYS CYS A . n 
A 1 99  GLU 99  92  92  GLU GLU A . n 
A 1 100 ALA 100 93  93  ALA ALA A . n 
A 1 101 PHE 101 94  94  PHE PHE A . n 
A 1 102 ILE 102 95  95  ILE ILE A . n 
A 1 103 CYS 103 96  96  CYS CYS A . n 
A 1 104 ASN 104 97  97  ASN ASN A . n 
A 1 105 CYS 105 98  98  CYS CYS A . n 
A 1 106 ASP 106 99  99  ASP ASP A . n 
A 1 107 ARG 107 100 100 ARG ARG A . n 
A 1 108 ASN 108 101 101 ASN ASN A . n 
A 1 109 ALA 109 102 102 ALA ALA A . n 
A 1 110 ALA 110 103 103 ALA ALA A . n 
A 1 111 ILE 111 104 104 ILE ILE A . n 
A 1 112 CYS 112 105 105 CYS CYS A . n 
A 1 113 PHE 113 106 106 PHE PHE A . n 
A 1 114 SER 114 107 107 SER SER A . n 
A 1 115 LYS 115 108 108 LYS LYS A . n 
A 1 116 ALA 116 109 109 ALA ALA A . n 
A 1 117 PRO 117 110 110 PRO PRO A . n 
A 1 118 TYR 118 111 111 TYR TYR A . n 
A 1 119 ASN 119 112 112 ASN ASN A . n 
A 1 120 LYS 120 113 113 LYS LYS A . n 
A 1 121 ALA 121 114 114 ALA ALA A . n 
A 1 122 HIS 122 115 115 HIS HIS A . n 
A 1 123 LYS 123 116 116 LYS LYS A . n 
A 1 124 ASN 124 117 117 ASN ASN A . n 
A 1 125 LEU 125 118 118 LEU LEU A . n 
A 1 126 ASP 126 119 119 ASP ASP A . n 
A 1 127 THR 127 120 120 THR THR A . n 
A 1 128 LYS 128 121 121 LYS LYS A . n 
A 1 129 LYS 129 122 122 LYS LYS A . n 
A 1 130 TYR 130 123 123 TYR TYR A . n 
A 1 131 CYS 131 124 124 CYS CYS A . n 
A 1 132 GLN 132 125 125 GLN GLN A . n 
A 1 133 SER 133 126 126 SER SER A . n 
# 
loop_
_pdbx_nonpoly_scheme.asym_id 
_pdbx_nonpoly_scheme.entity_id 
_pdbx_nonpoly_scheme.mon_id 
_pdbx_nonpoly_scheme.ndb_seq_num 
_pdbx_nonpoly_scheme.pdb_seq_num 
_pdbx_nonpoly_scheme.auth_seq_num 
_pdbx_nonpoly_scheme.pdb_mon_id 
_pdbx_nonpoly_scheme.auth_mon_id 
_pdbx_nonpoly_scheme.pdb_strand_id 
_pdbx_nonpoly_scheme.pdb_ins_code 
B 2 SO4 1   127 1   SO4 SO4 A . 
C 3 HOH 1   128 1   HOH HOH A . 
C 3 HOH 2   129 2   HOH HOH A . 
C 3 HOH 3   130 3   HOH HOH A . 
C 3 HOH 4   131 4   HOH HOH A . 
C 3 HOH 5   132 5   HOH HOH A . 
C 3 HOH 6   133 6   HOH HOH A . 
C 3 HOH 7   134 7   HOH HOH A . 
C 3 HOH 8   135 8   HOH HOH A . 
C 3 HOH 9   136 9   HOH HOH A . 
C 3 HOH 10  137 11  HOH HOH A . 
C 3 HOH 11  138 12  HOH HOH A . 
C 3 HOH 12  139 13  HOH HOH A . 
C 3 HOH 13  140 14  HOH HOH A . 
C 3 HOH 14  141 15  HOH HOH A . 
C 3 HOH 15  142 16  HOH HOH A . 
C 3 HOH 16  143 18  HOH HOH A . 
C 3 HOH 17  144 19  HOH HOH A . 
C 3 HOH 18  145 20  HOH HOH A . 
C 3 HOH 19  146 21  HOH HOH A . 
C 3 HOH 20  147 22  HOH HOH A . 
C 3 HOH 21  148 23  HOH HOH A . 
C 3 HOH 22  149 24  HOH HOH A . 
C 3 HOH 23  150 25  HOH HOH A . 
C 3 HOH 24  151 26  HOH HOH A . 
C 3 HOH 25  152 27  HOH HOH A . 
C 3 HOH 26  153 28  HOH HOH A . 
C 3 HOH 27  154 31  HOH HOH A . 
C 3 HOH 28  155 32  HOH HOH A . 
C 3 HOH 29  156 33  HOH HOH A . 
C 3 HOH 30  157 34  HOH HOH A . 
C 3 HOH 31  158 36  HOH HOH A . 
C 3 HOH 32  159 39  HOH HOH A . 
C 3 HOH 33  160 41  HOH HOH A . 
C 3 HOH 34  161 45  HOH HOH A . 
C 3 HOH 35  162 47  HOH HOH A . 
C 3 HOH 36  163 48  HOH HOH A . 
C 3 HOH 37  164 49  HOH HOH A . 
C 3 HOH 38  165 50  HOH HOH A . 
C 3 HOH 39  166 51  HOH HOH A . 
C 3 HOH 40  167 52  HOH HOH A . 
C 3 HOH 41  168 53  HOH HOH A . 
C 3 HOH 42  169 54  HOH HOH A . 
C 3 HOH 43  170 55  HOH HOH A . 
C 3 HOH 44  171 56  HOH HOH A . 
C 3 HOH 45  172 57  HOH HOH A . 
C 3 HOH 46  173 58  HOH HOH A . 
C 3 HOH 47  174 59  HOH HOH A . 
C 3 HOH 48  175 60  HOH HOH A . 
C 3 HOH 49  176 61  HOH HOH A . 
C 3 HOH 50  177 62  HOH HOH A . 
C 3 HOH 51  178 63  HOH HOH A . 
C 3 HOH 52  179 64  HOH HOH A . 
C 3 HOH 53  180 65  HOH HOH A . 
C 3 HOH 54  181 66  HOH HOH A . 
C 3 HOH 55  182 67  HOH HOH A . 
C 3 HOH 56  183 68  HOH HOH A . 
C 3 HOH 57  184 69  HOH HOH A . 
C 3 HOH 58  185 71  HOH HOH A . 
C 3 HOH 59  186 72  HOH HOH A . 
C 3 HOH 60  187 73  HOH HOH A . 
C 3 HOH 61  188 74  HOH HOH A . 
C 3 HOH 62  189 75  HOH HOH A . 
C 3 HOH 63  190 76  HOH HOH A . 
C 3 HOH 64  191 77  HOH HOH A . 
C 3 HOH 65  192 78  HOH HOH A . 
C 3 HOH 66  193 79  HOH HOH A . 
C 3 HOH 67  194 80  HOH HOH A . 
C 3 HOH 68  195 81  HOH HOH A . 
C 3 HOH 69  196 82  HOH HOH A . 
C 3 HOH 70  197 83  HOH HOH A . 
C 3 HOH 71  198 84  HOH HOH A . 
C 3 HOH 72  199 85  HOH HOH A . 
C 3 HOH 73  200 86  HOH HOH A . 
C 3 HOH 74  201 87  HOH HOH A . 
C 3 HOH 75  202 88  HOH HOH A . 
C 3 HOH 76  203 89  HOH HOH A . 
C 3 HOH 77  204 90  HOH HOH A . 
C 3 HOH 78  205 91  HOH HOH A . 
C 3 HOH 79  206 92  HOH HOH A . 
C 3 HOH 80  207 93  HOH HOH A . 
C 3 HOH 81  208 94  HOH HOH A . 
C 3 HOH 82  209 95  HOH HOH A . 
C 3 HOH 83  210 96  HOH HOH A . 
C 3 HOH 84  211 97  HOH HOH A . 
C 3 HOH 85  212 98  HOH HOH A . 
C 3 HOH 86  213 99  HOH HOH A . 
C 3 HOH 87  214 100 HOH HOH A . 
C 3 HOH 88  215 101 HOH HOH A . 
C 3 HOH 89  216 102 HOH HOH A . 
C 3 HOH 90  217 103 HOH HOH A . 
C 3 HOH 91  218 104 HOH HOH A . 
C 3 HOH 92  219 105 HOH HOH A . 
C 3 HOH 93  220 106 HOH HOH A . 
C 3 HOH 94  221 107 HOH HOH A . 
C 3 HOH 95  222 108 HOH HOH A . 
C 3 HOH 96  223 109 HOH HOH A . 
C 3 HOH 97  224 110 HOH HOH A . 
C 3 HOH 98  225 111 HOH HOH A . 
C 3 HOH 99  226 112 HOH HOH A . 
C 3 HOH 100 227 113 HOH HOH A . 
C 3 HOH 101 228 114 HOH HOH A . 
C 3 HOH 102 229 115 HOH HOH A . 
C 3 HOH 103 230 116 HOH HOH A . 
C 3 HOH 104 231 117 HOH HOH A . 
C 3 HOH 105 232 118 HOH HOH A . 
C 3 HOH 106 233 119 HOH HOH A . 
C 3 HOH 107 234 120 HOH HOH A . 
C 3 HOH 108 235 121 HOH HOH A . 
C 3 HOH 109 236 122 HOH HOH A . 
C 3 HOH 110 237 123 HOH HOH A . 
C 3 HOH 111 238 124 HOH HOH A . 
C 3 HOH 112 239 125 HOH HOH A . 
C 3 HOH 113 240 126 HOH HOH A . 
C 3 HOH 114 241 128 HOH HOH A . 
C 3 HOH 115 242 129 HOH HOH A . 
C 3 HOH 116 243 130 HOH HOH A . 
C 3 HOH 117 244 131 HOH HOH A . 
C 3 HOH 118 245 132 HOH HOH A . 
C 3 HOH 119 246 133 HOH HOH A . 
C 3 HOH 120 247 134 HOH HOH A . 
C 3 HOH 121 248 135 HOH HOH A . 
C 3 HOH 122 249 136 HOH HOH A . 
C 3 HOH 123 250 137 HOH HOH A . 
C 3 HOH 124 251 138 HOH HOH A . 
C 3 HOH 125 252 139 HOH HOH A . 
C 3 HOH 126 253 140 HOH HOH A . 
C 3 HOH 127 254 141 HOH HOH A . 
C 3 HOH 128 255 142 HOH HOH A . 
C 3 HOH 129 256 143 HOH HOH A . 
C 3 HOH 130 257 144 HOH HOH A . 
C 3 HOH 131 258 145 HOH HOH A . 
C 3 HOH 132 259 146 HOH HOH A . 
C 3 HOH 133 260 147 HOH HOH A . 
C 3 HOH 134 261 148 HOH HOH A . 
C 3 HOH 135 262 149 HOH HOH A . 
C 3 HOH 136 263 150 HOH HOH A . 
C 3 HOH 137 264 151 HOH HOH A . 
C 3 HOH 138 265 152 HOH HOH A . 
C 3 HOH 139 266 153 HOH HOH A . 
C 3 HOH 140 267 154 HOH HOH A . 
C 3 HOH 141 268 155 HOH HOH A . 
C 3 HOH 142 269 156 HOH HOH A . 
C 3 HOH 143 270 157 HOH HOH A . 
C 3 HOH 144 271 158 HOH HOH A . 
C 3 HOH 145 272 160 HOH HOH A . 
C 3 HOH 146 273 161 HOH HOH A . 
C 3 HOH 147 274 162 HOH HOH A . 
C 3 HOH 148 275 163 HOH HOH A . 
C 3 HOH 149 276 165 HOH HOH A . 
C 3 HOH 150 277 166 HOH HOH A . 
C 3 HOH 151 278 167 HOH HOH A . 
C 3 HOH 152 279 168 HOH HOH A . 
C 3 HOH 153 280 169 HOH HOH A . 
C 3 HOH 154 281 170 HOH HOH A . 
C 3 HOH 155 282 171 HOH HOH A . 
C 3 HOH 156 283 172 HOH HOH A . 
C 3 HOH 157 284 173 HOH HOH A . 
C 3 HOH 158 285 174 HOH HOH A . 
C 3 HOH 159 286 175 HOH HOH A . 
C 3 HOH 160 287 176 HOH HOH A . 
C 3 HOH 161 288 177 HOH HOH A . 
C 3 HOH 162 289 178 HOH HOH A . 
C 3 HOH 163 290 179 HOH HOH A . 
C 3 HOH 164 291 180 HOH HOH A . 
# 
loop_
_software.name 
_software.version 
_software.date 
_software.type 
_software.contact_author 
_software.contact_author_email 
_software.classification 
_software.location 
_software.language 
_software.citation_id 
_software.pdbx_ordinal 
SCALA       3.2.25   21/9/2006       other   'Phil R. Evans'      pre@mrc-lmb.cam.ac.uk  'data scaling'    
http://www.ccp4.ac.uk/dist/html/scala.html   Fortran_77 ? 1 
MOLREP      .        ?               program 'Alexei Vaguine'     alexei@ysbl.york.ac.uk phasing           
http://www.ccp4.ac.uk/dist/html/molrep.html  Fortran_77 ? 2 
REFMAC      5.5.0044 ?               program 'Garib N. Murshudov' garib@ysbl.york.ac.uk  refinement        
http://www.ccp4.ac.uk/dist/html/refmac5.html Fortran_77 ? 3 
PDB_EXTRACT 3.006    'June 11, 2008' package PDB                  help@deposit.rcsb.org  'data extraction' 
http://sw-tools.pdb.org/apps/PDB_EXTRACT/    C++        ? 4 
CrysalisPro .        ?               ?       ?                    ?                      'data reduction'  ? ?          ? 5 
# 
_cell.length_a           56.549 
_cell.length_b           56.549 
_cell.length_c           60.631 
_cell.angle_alpha        90.000 
_cell.angle_beta         90.000 
_cell.angle_gamma        120.000 
_cell.entry_id           3ELO 
_cell.pdbx_unique_axis   ? 
_cell.Z_PDB              6 
_cell.length_a_esd       ? 
_cell.length_b_esd       ? 
_cell.length_c_esd       ? 
_cell.angle_alpha_esd    ? 
_cell.angle_beta_esd     ? 
_cell.angle_gamma_esd    ? 
# 
_symmetry.space_group_name_H-M             'P 63' 
_symmetry.entry_id                         3ELO 
_symmetry.Int_Tables_number                173 
_symmetry.pdbx_full_space_group_name_H-M   ? 
_symmetry.cell_setting                     ? 
_symmetry.space_group_name_Hall            ? 
# 
_exptl.crystals_number   1 
_exptl.entry_id          3ELO 
_exptl.method            'X-RAY DIFFRACTION' 
# 
_exptl_crystal.id                    1 
_exptl_crystal.pdbx_mosaicity        ? 
_exptl_crystal.pdbx_mosaicity_esd    ? 
_exptl_crystal.density_Matthews      1.88 
_exptl_crystal.density_diffrn        ? 
_exptl_crystal.density_meas          ? 
_exptl_crystal.density_meas_temp     ? 
_exptl_crystal.density_percent_sol   34.64 
_exptl_crystal.size_max              ? 
_exptl_crystal.size_mid              ? 
_exptl_crystal.size_min              ? 
_exptl_crystal.size_rad              ? 
_exptl_crystal.description           ? 
_exptl_crystal.F_000                 ? 
_exptl_crystal.preparation           ? 
# 
_exptl_crystal_grow.crystal_id      1 
_exptl_crystal_grow.method          'VAPOR DIFFUSION' 
_exptl_crystal_grow.pH              8.4 
_exptl_crystal_grow.temp            298 
_exptl_crystal_grow.pdbx_details    '0.1M Tris, 0.2M lithium sulfate, 33% PEG 4000, pH 8.4, vapor diffusion, temperature 298K' 
_exptl_crystal_grow.temp_details    ? 
_exptl_crystal_grow.pdbx_pH_range   . 
# 
_diffrn.id                     1 
_diffrn.ambient_temp           110 
_diffrn.ambient_temp_details   ? 
_diffrn.crystal_id             1 
# 
_diffrn_detector.diffrn_id              1 
_diffrn_detector.detector               CCD 
_diffrn_detector.type                   'OXFORD RUBY CCD' 
_diffrn_detector.pdbx_collection_date   2007-12-14 
_diffrn_detector.details                ? 
# 
_diffrn_radiation.diffrn_id                        1 
_diffrn_radiation.pdbx_diffrn_protocol             'SINGLE WAVELENGTH' 
_diffrn_radiation.monochromator                    ? 
_diffrn_radiation.wavelength_id                    1 
_diffrn_radiation.pdbx_monochromatic_or_laue_m_l   M 
_diffrn_radiation.pdbx_scattering_type             x-ray 
# 
_diffrn_radiation_wavelength.id           1 
_diffrn_radiation_wavelength.wavelength   1.5418 
_diffrn_radiation_wavelength.wt           1.0 
# 
_diffrn_source.diffrn_id                   1 
_diffrn_source.source                      'SEALED TUBE' 
_diffrn_source.type                        'OXFORD DIFFRACTION ENHANCED ULTRA' 
_diffrn_source.pdbx_wavelength_list        1.5418 
_diffrn_source.pdbx_wavelength             ? 
_diffrn_source.pdbx_synchrotron_site       ? 
_diffrn_source.pdbx_synchrotron_beamline   ? 
# 
_reflns.entry_id                     3ELO 
_reflns.d_resolution_high            1.550 
_reflns.d_resolution_low             18.683 
_reflns.number_all                   ? 
_reflns.number_obs                   16060 
_reflns.pdbx_Rmerge_I_obs            0.072 
_reflns.pdbx_netI_over_sigmaI        7.879 
_reflns.pdbx_Rsym_value              0.072 
_reflns.pdbx_redundancy              5.200 
_reflns.percent_possible_obs         99.900 
_reflns.observed_criterion_sigma_F   ? 
_reflns.observed_criterion_sigma_I   ? 
_reflns.B_iso_Wilson_estimate        ? 
_reflns.R_free_details               ? 
_reflns.limit_h_max                  ? 
_reflns.limit_h_min                  ? 
_reflns.limit_k_max                  ? 
_reflns.limit_k_min                  ? 
_reflns.limit_l_max                  ? 
_reflns.limit_l_min                  ? 
_reflns.observed_criterion_F_max     ? 
_reflns.observed_criterion_F_min     ? 
_reflns.pdbx_chi_squared             ? 
_reflns.pdbx_scaling_rejects         ? 
_reflns.pdbx_ordinal                 1 
_reflns.pdbx_diffrn_id               1 
# 
loop_
_reflns_shell.d_res_high 
_reflns_shell.d_res_low 
_reflns_shell.number_measured_obs 
_reflns_shell.number_measured_all 
_reflns_shell.number_unique_obs 
_reflns_shell.Rmerge_I_obs 
_reflns_shell.meanI_over_sigI_obs 
_reflns_shell.pdbx_Rsym_value 
_reflns_shell.pdbx_chi_squared 
_reflns_shell.pdbx_redundancy 
_reflns_shell.percent_possible_obs 
_reflns_shell.number_unique_all 
_reflns_shell.percent_possible_all 
_reflns_shell.pdbx_ordinal 
_reflns_shell.pdbx_diffrn_id 
1.55 1.63  ? 8749 ? 0.513 1.4  0.513 ? 3.80 ? 2323 100.00 1  1 
1.63 1.73  ? 9079 ? 0.386 2.0  0.386 ? 4.10 ? 2219 100.00 2  1 
1.73 1.85  ? 8792 ? 0.351 1.7  0.351 ? 4.20 ? 2079 100.00 3  1 
1.85 2.00  ? 9382 ? 0.174 1.6  0.174 ? 4.90 ? 1931 100.00 4  1 
2.00 2.19  ? 9321 ? 0.107 6.9  0.107 ? 5.20 ? 1778 100.00 5  1 
2.19 2.45  ? 9311 ? 0.074 9.9  0.074 ? 5.70 ? 1626 100.00 6  1 
2.45 2.83  ? 9277 ? 0.056 13.1 0.056 ? 6.50 ? 1433 100.00 7  1 
2.83 3.47  ? 8434 ? 0.038 18.0 0.038 ? 7.00 ? 1199 100.00 8  1 
3.47 4.90  ? 8015 ? 0.030 21.8 0.030 ? 8.50 ? 947  100.00 9  1 
4.90 19.05 ? 3949 ? 0.027 24.8 0.027 ? 7.50 ? 525  98.30  10 1 
# 
_refine.entry_id                                 3ELO 
_refine.ls_d_res_high                            1.550 
_refine.ls_d_res_low                             18.680 
_refine.pdbx_ls_sigma_F                          0.00 
_refine.ls_percent_reflns_obs                    99.990 
_refine.ls_number_reflns_obs                     16042 
_refine.pdbx_ls_cross_valid_method               THROUGHOUT 
_refine.pdbx_R_Free_selection_details            RANDOM 
_refine.details                                  'HYDROGENS HAVE BEEN ADDED IN THE RIDING POSITIONS, U VALUES: RESIDUAL ONLY' 
_refine.ls_R_factor_obs                          0.147 
_refine.ls_R_factor_R_work                       0.145 
_refine.ls_R_factor_R_free                       0.183 
_refine.ls_percent_reflns_R_free                 5.000 
_refine.ls_number_reflns_R_free                  810 
_refine.B_iso_mean                               8.896 
_refine.aniso_B[1][1]                            0.060 
_refine.aniso_B[2][2]                            0.060 
_refine.aniso_B[3][3]                            -0.100 
_refine.aniso_B[1][2]                            0.030 
_refine.aniso_B[1][3]                            0.000 
_refine.aniso_B[2][3]                            0.000 
_refine.correlation_coeff_Fo_to_Fc               0.970 
_refine.correlation_coeff_Fo_to_Fc_free          0.951 
_refine.pdbx_overall_ESU_R                       0.079 
_refine.pdbx_overall_ESU_R_Free                  0.082 
_refine.overall_SU_ML                            0.053 
_refine.overall_SU_B                             3.326 
_refine.solvent_model_details                    'BABINET MODEL WITH MASK' 
_refine.pdbx_solvent_vdw_probe_radii             1.400 
_refine.pdbx_solvent_ion_probe_radii             0.800 
_refine.pdbx_solvent_shrinkage_radii             0.800 
_refine.pdbx_method_to_determine_struct          'MOLECULAR REPLACEMENT' 
_refine.pdbx_stereochemistry_target_values       'MAXIMUM LIKELIHOOD' 
_refine.B_iso_max                                36.78 
_refine.B_iso_min                                2.44 
_refine.occupancy_max                            1.00 
_refine.occupancy_min                            0.33 
_refine.pdbx_ls_sigma_I                          ? 
_refine.ls_number_reflns_all                     ? 
_refine.ls_R_factor_all                          ? 
_refine.ls_redundancy_reflns_obs                 ? 
_refine.pdbx_data_cutoff_high_absF               ? 
_refine.pdbx_data_cutoff_low_absF                ? 
_refine.ls_number_parameters                     ? 
_refine.ls_number_restraints                     ? 
_refine.ls_R_factor_R_free_error                 ? 
_refine.ls_R_factor_R_free_error_details         ? 
_refine.pdbx_starting_model                      ? 
_refine.pdbx_stereochem_target_val_spec_case     ? 
_refine.solvent_model_param_bsol                 ? 
_refine.solvent_model_param_ksol                 ? 
_refine.pdbx_isotropic_thermal_model             ? 
_refine.overall_SU_R_Cruickshank_DPI             ? 
_refine.overall_SU_R_free                        ? 
_refine.pdbx_data_cutoff_high_rms_absF           ? 
_refine.ls_wR_factor_R_free                      ? 
_refine.ls_wR_factor_R_work                      ? 
_refine.overall_FOM_free_R_set                   ? 
_refine.overall_FOM_work_R_set                   ? 
_refine.pdbx_refine_id                           'X-RAY DIFFRACTION' 
_refine.pdbx_overall_phase_error                 ? 
_refine.pdbx_TLS_residual_ADP_flag               'LIKELY RESIDUAL' 
_refine.pdbx_diffrn_id                           1 
_refine.pdbx_overall_SU_R_free_Cruickshank_DPI   ? 
_refine.pdbx_overall_SU_R_Blow_DPI               ? 
_refine.pdbx_overall_SU_R_free_Blow_DPI          ? 
# 
_refine_hist.pdbx_refine_id                   'X-RAY DIFFRACTION' 
_refine_hist.cycle_id                         LAST 
_refine_hist.pdbx_number_atoms_protein        1033 
_refine_hist.pdbx_number_atoms_nucleic_acid   0 
_refine_hist.pdbx_number_atoms_ligand         5 
_refine_hist.number_atoms_solvent             164 
_refine_hist.number_atoms_total               1202 
_refine_hist.d_res_high                       1.550 
_refine_hist.d_res_low                        18.680 
# 
loop_
_refine_ls_restr.type 
_refine_ls_restr.number 
_refine_ls_restr.dev_ideal 
_refine_ls_restr.dev_ideal_target 
_refine_ls_restr.weight 
_refine_ls_restr.pdbx_refine_id 
_refine_ls_restr.pdbx_restraint_function 
r_bond_refined_d       1093 0.010  0.022  ? 'X-RAY DIFFRACTION' ? 
r_bond_other_d         756  0.002  0.020  ? 'X-RAY DIFFRACTION' ? 
r_angle_refined_deg    1486 1.365  1.955  ? 'X-RAY DIFFRACTION' ? 
r_angle_other_deg      1835 0.936  3.015  ? 'X-RAY DIFFRACTION' ? 
r_dihedral_angle_1_deg 140  5.789  5.000  ? 'X-RAY DIFFRACTION' ? 
r_dihedral_angle_2_deg 50   40.676 25.200 ? 'X-RAY DIFFRACTION' ? 
r_dihedral_angle_3_deg 185  11.998 15.000 ? 'X-RAY DIFFRACTION' ? 
r_dihedral_angle_4_deg 3    9.309  15.000 ? 'X-RAY DIFFRACTION' ? 
r_chiral_restr         151  0.087  0.200  ? 'X-RAY DIFFRACTION' ? 
r_gen_planes_refined   1235 0.006  0.021  ? 'X-RAY DIFFRACTION' ? 
r_gen_planes_other     215  0.001  0.020  ? 'X-RAY DIFFRACTION' ? 
r_mcbond_it            678  0.524  1.500  ? 'X-RAY DIFFRACTION' ? 
r_mcbond_other         272  0.151  1.500  ? 'X-RAY DIFFRACTION' ? 
r_mcangle_it           1093 0.915  2.000  ? 'X-RAY DIFFRACTION' ? 
r_scbond_it            415  1.611  3.000  ? 'X-RAY DIFFRACTION' ? 
r_scangle_it           390  2.571  4.500  ? 'X-RAY DIFFRACTION' ? 
# 
_refine_ls_shell.d_res_high                       1.550 
_refine_ls_shell.d_res_low                        1.590 
_refine_ls_shell.pdbx_total_number_of_bins_used   20 
_refine_ls_shell.percent_reflns_obs               100.000 
_refine_ls_shell.number_reflns_R_work             1111 
_refine_ls_shell.R_factor_all                     ? 
_refine_ls_shell.R_factor_R_work                  0.243 
_refine_ls_shell.R_factor_R_free                  0.243 
_refine_ls_shell.percent_reflns_R_free            ? 
_refine_ls_shell.number_reflns_R_free             63 
_refine_ls_shell.R_factor_R_free_error            ? 
_refine_ls_shell.number_reflns_all                1174 
_refine_ls_shell.number_reflns_obs                ? 
_refine_ls_shell.redundancy_reflns_obs            ? 
_refine_ls_shell.pdbx_refine_id                   'X-RAY DIFFRACTION' 
# 
_struct.entry_id                  3ELO 
_struct.title                     'Crystal Structure of Human Pancreatic Prophospholipase A2' 
_struct.pdbx_model_details        ? 
_struct.pdbx_CASP_flag            ? 
_struct.pdbx_model_type_details   ? 
# 
_struct_keywords.entry_id        3ELO 
_struct_keywords.text            
'Human Pancreatic Prophospholipase A2, Trimeric, Hydrolase, Lipid degradation, Metal-binding, Secreted' 
_struct_keywords.pdbx_keywords   HYDROLASE 
# 
loop_
_struct_asym.id 
_struct_asym.pdbx_blank_PDB_chainid_flag 
_struct_asym.pdbx_modified 
_struct_asym.entity_id 
_struct_asym.details 
A N N 1 ? 
B N N 2 ? 
C N N 3 ? 
# 
_struct_ref.id                         1 
_struct_ref.db_name                    UNP 
_struct_ref.db_code                    PA21B_HUMAN 
_struct_ref.pdbx_db_accession          P04054 
_struct_ref.entity_id                  1 
_struct_ref.pdbx_seq_one_letter_code   
;DSGISPRAVWQFRKMIKCVIPGSDPFLEYNNYGCYCGLGGSGTPVDELDKCCQTHDNCYDQAKKLDSCKFLLDNPYTHTY
SYSCSGSAITCSSKNKECEAFICNCDRNAAICFSKAPYNKAHKNLDTKKYCQS
;
_struct_ref.pdbx_align_begin           16 
_struct_ref.pdbx_db_isoform            ? 
# 
_struct_ref_seq.align_id                      1 
_struct_ref_seq.ref_id                        1 
_struct_ref_seq.pdbx_PDB_id_code              3ELO 
_struct_ref_seq.pdbx_strand_id                A 
_struct_ref_seq.seq_align_beg                 1 
_struct_ref_seq.pdbx_seq_align_beg_ins_code   ? 
_struct_ref_seq.seq_align_end                 133 
_struct_ref_seq.pdbx_seq_align_end_ins_code   ? 
_struct_ref_seq.pdbx_db_accession             P04054 
_struct_ref_seq.db_align_beg                  16 
_struct_ref_seq.pdbx_db_align_beg_ins_code    ? 
_struct_ref_seq.db_align_end                  148 
_struct_ref_seq.pdbx_db_align_end_ins_code    ? 
_struct_ref_seq.pdbx_auth_seq_align_beg       -6 
_struct_ref_seq.pdbx_auth_seq_align_end       126 
# 
loop_
_pdbx_struct_assembly.id 
_pdbx_struct_assembly.details 
_pdbx_struct_assembly.method_details 
_pdbx_struct_assembly.oligomeric_details 
_pdbx_struct_assembly.oligomeric_count 
1 author_defined_assembly   ?    monomeric 1 
2 software_defined_assembly PISA trimeric  3 
# 
loop_
_pdbx_struct_assembly_prop.biol_id 
_pdbx_struct_assembly_prop.type 
_pdbx_struct_assembly_prop.value 
_pdbx_struct_assembly_prop.details 
2 'ABSA (A^2)' 5670  ? 
2 MORE         -71   ? 
2 'SSA (A^2)'  16610 ? 
# 
loop_
_pdbx_struct_assembly_gen.assembly_id 
_pdbx_struct_assembly_gen.oper_expression 
_pdbx_struct_assembly_gen.asym_id_list 
1 1     A,B,C 
2 1,2,3 A,B,C 
# 
loop_
_pdbx_struct_oper_list.id 
_pdbx_struct_oper_list.type 
_pdbx_struct_oper_list.name 
_pdbx_struct_oper_list.symmetry_operation 
_pdbx_struct_oper_list.matrix[1][1] 
_pdbx_struct_oper_list.matrix[1][2] 
_pdbx_struct_oper_list.matrix[1][3] 
_pdbx_struct_oper_list.vector[1] 
_pdbx_struct_oper_list.matrix[2][1] 
_pdbx_struct_oper_list.matrix[2][2] 
_pdbx_struct_oper_list.matrix[2][3] 
_pdbx_struct_oper_list.vector[2] 
_pdbx_struct_oper_list.matrix[3][1] 
_pdbx_struct_oper_list.matrix[3][2] 
_pdbx_struct_oper_list.matrix[3][3] 
_pdbx_struct_oper_list.vector[3] 
1 'identity operation'         1_555 x,y,z        1.0000000000  0.0000000000  0.0000000000  0.0000000000   0.0000000000  1.0000000000  0.0000000000  0.0000000000   0.0000000000  0.0000000000  1.0000000000 0.0000000000   
2 'crystal symmetry operation' 2_445 -y-1,x-y-1,z -0.1735062588 0.9743154341  -0.1435444636 -11.9887967381 -0.3448843062 -0.1966377186 -0.9178172057 -17.3166999508 -0.9224697250 -0.1097407969 0.3701439774 -17.5684380019 
3 'crystal symmetry operation' 3_545 -x+y,-x-1,z  -0.1735062588 -0.3448843062 -0.9224697250 -24.2587414887 0.9743154341  -0.1966377186 -0.1097407969 6.3477789400   -0.1435444636 -0.9178172057 0.3701439774 -11.1116390381 
# 
_struct_biol.id        1 
_struct_biol.details   ? 
# 
loop_
_struct_conf.conf_type_id 
_struct_conf.id 
_struct_conf.pdbx_PDB_helix_id 
_struct_conf.beg_label_comp_id 
_struct_conf.beg_label_asym_id 
_struct_conf.beg_label_seq_id 
_struct_conf.pdbx_beg_PDB_ins_code 
_struct_conf.end_label_comp_id 
_struct_conf.end_label_asym_id 
_struct_conf.end_label_seq_id 
_struct_conf.pdbx_end_PDB_ins_code 
_struct_conf.beg_auth_comp_id 
_struct_conf.beg_auth_asym_id 
_struct_conf.beg_auth_seq_id 
_struct_conf.end_auth_comp_id 
_struct_conf.end_auth_asym_id 
_struct_conf.end_auth_seq_id 
_struct_conf.pdbx_PDB_helix_class 
_struct_conf.details 
_struct_conf.pdbx_PDB_helix_length 
HELX_P HELX_P1 1 SER A 5   ? ALA A 8   ? SER A -2  ALA A 1   5 ? 4  
HELX_P HELX_P2 2 VAL A 9   ? ILE A 16  ? VAL A 2   ILE A 9   1 ? 8  
HELX_P HELX_P3 3 LYS A 17  ? VAL A 19  ? LYS A 10  VAL A 12  5 ? 3  
HELX_P HELX_P4 4 ASP A 24  ? ASN A 30  ? ASP A 17  ASN A 23  5 ? 7  
HELX_P HELX_P5 5 ASP A 46  ? LYS A 63  ? ASP A 39  LYS A 56  1 ? 18 
HELX_P HELX_P6 6 LYS A 64  ? LYS A 69  ? LYS A 57  LYS A 62  5 ? 6  
HELX_P HELX_P7 7 LYS A 96  ? ALA A 116 ? LYS A 89  ALA A 109 1 ? 21 
HELX_P HELX_P8 8 ASN A 119 ? LYS A 123 ? ASN A 112 LYS A 116 5 ? 5  
HELX_P HELX_P9 9 ASP A 126 ? CYS A 131 ? ASP A 119 CYS A 124 1 ? 6  
# 
_struct_conf_type.id          HELX_P 
_struct_conf_type.criteria    ? 
_struct_conf_type.reference   ? 
# 
loop_
_struct_conn.id 
_struct_conn.conn_type_id 
_struct_conn.pdbx_leaving_atom_flag 
_struct_conn.pdbx_PDB_id 
_struct_conn.ptnr1_label_asym_id 
_struct_conn.ptnr1_label_comp_id 
_struct_conn.ptnr1_label_seq_id 
_struct_conn.ptnr1_label_atom_id 
_struct_conn.pdbx_ptnr1_label_alt_id 
_struct_conn.pdbx_ptnr1_PDB_ins_code 
_struct_conn.pdbx_ptnr1_standard_comp_id 
_struct_conn.ptnr1_symmetry 
_struct_conn.ptnr2_label_asym_id 
_struct_conn.ptnr2_label_comp_id 
_struct_conn.ptnr2_label_seq_id 
_struct_conn.ptnr2_label_atom_id 
_struct_conn.pdbx_ptnr2_label_alt_id 
_struct_conn.pdbx_ptnr2_PDB_ins_code 
_struct_conn.ptnr1_auth_asym_id 
_struct_conn.ptnr1_auth_comp_id 
_struct_conn.ptnr1_auth_seq_id 
_struct_conn.ptnr2_auth_asym_id 
_struct_conn.ptnr2_auth_comp_id 
_struct_conn.ptnr2_auth_seq_id 
_struct_conn.ptnr2_symmetry 
_struct_conn.pdbx_ptnr3_label_atom_id 
_struct_conn.pdbx_ptnr3_label_seq_id 
_struct_conn.pdbx_ptnr3_label_comp_id 
_struct_conn.pdbx_ptnr3_label_asym_id 
_struct_conn.pdbx_ptnr3_label_alt_id 
_struct_conn.pdbx_ptnr3_PDB_ins_code 
_struct_conn.details 
_struct_conn.pdbx_dist_value 
_struct_conn.pdbx_value_order 
_struct_conn.pdbx_role 
disulf1 disulf ? ? A CYS 18 SG ? ? ? 1_555 A CYS 84  SG ? ? A CYS 11 A CYS 77  1_555 ? ? ? ? ? ? ? 2.045 ? ? 
disulf2 disulf ? ? A CYS 34 SG ? ? ? 1_555 A CYS 131 SG ? ? A CYS 27 A CYS 124 1_555 ? ? ? ? ? ? ? 2.007 ? ? 
disulf3 disulf ? ? A CYS 36 SG ? ? ? 1_555 A CYS 52  SG ? ? A CYS 29 A CYS 45  1_555 ? ? ? ? ? ? ? 2.023 ? ? 
disulf4 disulf ? ? A CYS 51 SG ? ? ? 1_555 A CYS 112 SG ? ? A CYS 44 A CYS 105 1_555 ? ? ? ? ? ? ? 2.007 ? ? 
disulf5 disulf ? ? A CYS 58 SG ? ? ? 1_555 A CYS 105 SG ? ? A CYS 51 A CYS 98  1_555 ? ? ? ? ? ? ? 2.032 ? ? 
disulf6 disulf ? ? A CYS 68 SG ? ? ? 1_555 A CYS 98  SG ? ? A CYS 61 A CYS 91  1_555 ? ? ? ? ? ? ? 2.004 ? ? 
disulf7 disulf ? ? A CYS 91 SG ? ? ? 1_555 A CYS 103 SG ? ? A CYS 84 A CYS 96  1_555 ? ? ? ? ? ? ? 2.030 ? ? 
# 
_struct_conn_type.id          disulf 
_struct_conn_type.criteria    ? 
_struct_conn_type.reference   ? 
# 
loop_
_pdbx_modification_feature.ordinal 
_pdbx_modification_feature.label_comp_id 
_pdbx_modification_feature.label_asym_id 
_pdbx_modification_feature.label_seq_id 
_pdbx_modification_feature.label_alt_id 
_pdbx_modification_feature.modified_residue_label_comp_id 
_pdbx_modification_feature.modified_residue_label_asym_id 
_pdbx_modification_feature.modified_residue_label_seq_id 
_pdbx_modification_feature.modified_residue_label_alt_id 
_pdbx_modification_feature.auth_comp_id 
_pdbx_modification_feature.auth_asym_id 
_pdbx_modification_feature.auth_seq_id 
_pdbx_modification_feature.PDB_ins_code 
_pdbx_modification_feature.symmetry 
_pdbx_modification_feature.modified_residue_auth_comp_id 
_pdbx_modification_feature.modified_residue_auth_asym_id 
_pdbx_modification_feature.modified_residue_auth_seq_id 
_pdbx_modification_feature.modified_residue_PDB_ins_code 
_pdbx_modification_feature.modified_residue_symmetry 
_pdbx_modification_feature.comp_id_linking_atom 
_pdbx_modification_feature.modified_residue_id_linking_atom 
_pdbx_modification_feature.modified_residue_id 
_pdbx_modification_feature.ref_pcm_id 
_pdbx_modification_feature.ref_comp_id 
_pdbx_modification_feature.type 
_pdbx_modification_feature.category 
1 CYS A 18 ? CYS A 84  ? CYS A 11 ? 1_555 CYS A 77  ? 1_555 SG SG . . . None 'Disulfide bridge' 
2 CYS A 34 ? CYS A 131 ? CYS A 27 ? 1_555 CYS A 124 ? 1_555 SG SG . . . None 'Disulfide bridge' 
3 CYS A 36 ? CYS A 52  ? CYS A 29 ? 1_555 CYS A 45  ? 1_555 SG SG . . . None 'Disulfide bridge' 
4 CYS A 51 ? CYS A 112 ? CYS A 44 ? 1_555 CYS A 105 ? 1_555 SG SG . . . None 'Disulfide bridge' 
5 CYS A 58 ? CYS A 105 ? CYS A 51 ? 1_555 CYS A 98  ? 1_555 SG SG . . . None 'Disulfide bridge' 
6 CYS A 68 ? CYS A 98  ? CYS A 61 ? 1_555 CYS A 91  ? 1_555 SG SG . . . None 'Disulfide bridge' 
7 CYS A 91 ? CYS A 103 ? CYS A 84 ? 1_555 CYS A 96  ? 1_555 SG SG . . . None 'Disulfide bridge' 
# 
_struct_sheet.id               A 
_struct_sheet.type             ? 
_struct_sheet.number_strands   2 
_struct_sheet.details          ? 
# 
_struct_sheet_order.sheet_id     A 
_struct_sheet_order.range_id_1   1 
_struct_sheet_order.range_id_2   2 
_struct_sheet_order.offset       ? 
_struct_sheet_order.sense        anti-parallel 
# 
loop_
_struct_sheet_range.sheet_id 
_struct_sheet_range.id 
_struct_sheet_range.beg_label_comp_id 
_struct_sheet_range.beg_label_asym_id 
_struct_sheet_range.beg_label_seq_id 
_struct_sheet_range.pdbx_beg_PDB_ins_code 
_struct_sheet_range.end_label_comp_id 
_struct_sheet_range.end_label_asym_id 
_struct_sheet_range.end_label_seq_id 
_struct_sheet_range.pdbx_end_PDB_ins_code 
_struct_sheet_range.beg_auth_comp_id 
_struct_sheet_range.beg_auth_asym_id 
_struct_sheet_range.beg_auth_seq_id 
_struct_sheet_range.end_auth_comp_id 
_struct_sheet_range.end_auth_asym_id 
_struct_sheet_range.end_auth_seq_id 
A 1 TYR A 82 ? SER A 85 ? TYR A 75 SER A 78 
A 2 ALA A 88 ? CYS A 91 ? ALA A 81 CYS A 84 
# 
_pdbx_struct_sheet_hbond.sheet_id                A 
_pdbx_struct_sheet_hbond.range_id_1              1 
_pdbx_struct_sheet_hbond.range_id_2              2 
_pdbx_struct_sheet_hbond.range_1_label_atom_id   N 
_pdbx_struct_sheet_hbond.range_1_label_comp_id   SER 
_pdbx_struct_sheet_hbond.range_1_label_asym_id   A 
_pdbx_struct_sheet_hbond.range_1_label_seq_id    83 
_pdbx_struct_sheet_hbond.range_1_PDB_ins_code    ? 
_pdbx_struct_sheet_hbond.range_1_auth_atom_id    N 
_pdbx_struct_sheet_hbond.range_1_auth_comp_id    SER 
_pdbx_struct_sheet_hbond.range_1_auth_asym_id    A 
_pdbx_struct_sheet_hbond.range_1_auth_seq_id     76 
_pdbx_struct_sheet_hbond.range_2_label_atom_id   O 
_pdbx_struct_sheet_hbond.range_2_label_comp_id   THR 
_pdbx_struct_sheet_hbond.range_2_label_asym_id   A 
_pdbx_struct_sheet_hbond.range_2_label_seq_id    90 
_pdbx_struct_sheet_hbond.range_2_PDB_ins_code    ? 
_pdbx_struct_sheet_hbond.range_2_auth_atom_id    O 
_pdbx_struct_sheet_hbond.range_2_auth_comp_id    THR 
_pdbx_struct_sheet_hbond.range_2_auth_asym_id    A 
_pdbx_struct_sheet_hbond.range_2_auth_seq_id     83 
# 
_struct_site.id                   AC1 
_struct_site.pdbx_evidence_code   Software 
_struct_site.pdbx_auth_asym_id    A 
_struct_site.pdbx_auth_comp_id    SO4 
_struct_site.pdbx_auth_seq_id     127 
_struct_site.pdbx_auth_ins_code   ? 
_struct_site.pdbx_num_residues    4 
_struct_site.details              'BINDING SITE FOR RESIDUE SO4 A 127' 
# 
loop_
_struct_site_gen.id 
_struct_site_gen.site_id 
_struct_site_gen.pdbx_num_res 
_struct_site_gen.label_comp_id 
_struct_site_gen.label_asym_id 
_struct_site_gen.label_seq_id 
_struct_site_gen.pdbx_auth_ins_code 
_struct_site_gen.auth_comp_id 
_struct_site_gen.auth_asym_id 
_struct_site_gen.auth_seq_id 
_struct_site_gen.label_atom_id 
_struct_site_gen.label_alt_id 
_struct_site_gen.symmetry 
_struct_site_gen.details 
1 AC1 4 TRP A 10 ? TRP A 3   . ? 1_555 ? 
2 AC1 4 ARG A 13 ? ARG A 6   . ? 1_555 ? 
3 AC1 4 TYR A 76 ? TYR A 69  . ? 1_555 ? 
4 AC1 4 HOH C .  ? HOH A 174 . ? 1_555 ? 
# 
_pdbx_entry_details.entry_id                   3ELO 
_pdbx_entry_details.compound_details           ? 
_pdbx_entry_details.source_details             ? 
_pdbx_entry_details.nonpolymer_details         ? 
_pdbx_entry_details.sequence_details           ? 
_pdbx_entry_details.has_ligand_of_interest     ? 
_pdbx_entry_details.has_protein_modification   Y 
# 
loop_
_pdbx_validate_close_contact.id 
_pdbx_validate_close_contact.PDB_model_num 
_pdbx_validate_close_contact.auth_atom_id_1 
_pdbx_validate_close_contact.auth_asym_id_1 
_pdbx_validate_close_contact.auth_comp_id_1 
_pdbx_validate_close_contact.auth_seq_id_1 
_pdbx_validate_close_contact.PDB_ins_code_1 
_pdbx_validate_close_contact.label_alt_id_1 
_pdbx_validate_close_contact.auth_atom_id_2 
_pdbx_validate_close_contact.auth_asym_id_2 
_pdbx_validate_close_contact.auth_comp_id_2 
_pdbx_validate_close_contact.auth_seq_id_2 
_pdbx_validate_close_contact.PDB_ins_code_2 
_pdbx_validate_close_contact.label_alt_id_2 
_pdbx_validate_close_contact.dist 
1 1 O  A HOH 158 ? ? O A HOH 279 ? ? 1.89 
2 1 O  A HOH 165 ? ? O A HOH 212 ? ? 1.94 
3 1 OG A SER 60  ? ? O A HOH 170 ? ? 2.07 
4 1 O  A HOH 165 ? ? O A HOH 241 ? ? 2.18 
# 
_pdbx_validate_torsion.id              1 
_pdbx_validate_torsion.PDB_model_num   1 
_pdbx_validate_torsion.auth_comp_id    PHE 
_pdbx_validate_torsion.auth_asym_id    A 
_pdbx_validate_torsion.auth_seq_id     63 
_pdbx_validate_torsion.PDB_ins_code    ? 
_pdbx_validate_torsion.label_alt_id    ? 
_pdbx_validate_torsion.phi             81.67 
_pdbx_validate_torsion.psi             -7.30 
# 
loop_
_pdbx_struct_special_symmetry.id 
_pdbx_struct_special_symmetry.PDB_model_num 
_pdbx_struct_special_symmetry.auth_asym_id 
_pdbx_struct_special_symmetry.auth_comp_id 
_pdbx_struct_special_symmetry.auth_seq_id 
_pdbx_struct_special_symmetry.PDB_ins_code 
_pdbx_struct_special_symmetry.label_asym_id 
_pdbx_struct_special_symmetry.label_comp_id 
_pdbx_struct_special_symmetry.label_seq_id 
1 1 A SO4 127 ? B SO4 . 
2 1 A SO4 127 ? B SO4 . 
# 
loop_
_pdbx_refine_tls.id 
_pdbx_refine_tls.details 
_pdbx_refine_tls.method 
_pdbx_refine_tls.origin_x 
_pdbx_refine_tls.origin_y 
_pdbx_refine_tls.origin_z 
_pdbx_refine_tls.T[1][1] 
_pdbx_refine_tls.T[2][2] 
_pdbx_refine_tls.T[3][3] 
_pdbx_refine_tls.T[1][2] 
_pdbx_refine_tls.T[1][3] 
_pdbx_refine_tls.T[2][3] 
_pdbx_refine_tls.L[1][1] 
_pdbx_refine_tls.L[2][2] 
_pdbx_refine_tls.L[3][3] 
_pdbx_refine_tls.L[1][2] 
_pdbx_refine_tls.L[1][3] 
_pdbx_refine_tls.L[2][3] 
_pdbx_refine_tls.S[1][1] 
_pdbx_refine_tls.S[2][2] 
_pdbx_refine_tls.S[3][3] 
_pdbx_refine_tls.S[1][2] 
_pdbx_refine_tls.S[1][3] 
_pdbx_refine_tls.S[2][3] 
_pdbx_refine_tls.S[2][1] 
_pdbx_refine_tls.S[3][1] 
_pdbx_refine_tls.S[3][2] 
_pdbx_refine_tls.pdbx_refine_id 
1  ? refined -7.7993  -5.0423  -0.2007  0.0436 0.1351 0.2099 -0.0507 0.0073  0.0631  4.7877  3.3273 11.3245 -3.0714 0.3780  2.0656  -0.0909 0.0372  0.0536  -0.3532 -0.9563 0.7642  0.0476  0.5305  -1.1306 'X-RAY DIFFRACTION' 
2  ? refined -2.6264  3.5754   -7.7162  0.0435 0.0520 0.0541 0.0037  -0.0012 0.0085  2.1873  1.5522 0.5898  1.4972  -0.7727 -0.1230 -0.0218 0.0293  -0.0075 0.1063  0.0779  0.0635  -0.0931 -0.0434 -0.0677 'X-RAY DIFFRACTION' 
3  ? refined 3.7572   -2.1246  -10.2191 0.0305 0.0669 0.0403 -0.0134 0.0063  -0.0208 2.3640  4.6134 1.3161  1.1210  -1.0503 -2.3417 -0.1113 0.0324  0.0789  0.2827  -0.1426 -0.1470 -0.3146 0.1676  -0.0652 'X-RAY DIFFRACTION' 
4  ? refined 1.2789   -9.9111  3.5142   0.0304 0.0425 0.0543 0.0054  0.0001  0.0017  0.3758  1.4231 3.8392  0.3599  -0.5668 -1.1326 0.0167  0.0267  -0.0433 -0.0385 -0.0374 0.0445  0.0188  -0.0263 -0.0498 'X-RAY DIFFRACTION' 
5  ? refined 3.5441   -2.8487  5.9388   0.0453 0.0682 0.0423 -0.0046 -0.0122 0.0098  1.5432  1.9703 0.3470  -0.6543 -0.1443 0.0149  -0.0355 0.0291  0.0064  -0.1473 -0.0210 -0.0128 0.1035  -0.0005 0.0207  'X-RAY DIFFRACTION' 
6  ? refined -10.6991 7.3616   10.5323  0.0693 0.0842 0.0608 0.0068  0.0177  -0.0154 10.5514 3.4065 4.9196  -0.4260 2.2552  -0.8874 -0.0685 0.1306  -0.0622 -0.6677 -0.0658 0.1987  0.4292  -0.0294 -0.0539 'X-RAY DIFFRACTION' 
7  ? refined -13.5187 2.8223   0.6442   0.0094 0.0608 0.0545 -0.0056 -0.0075 -0.0167 0.4321  2.4535 3.6757  -0.7198 -1.2291 1.5775  0.0013  -0.0616 0.0604  0.0269  -0.0288 0.1214  0.0368  -0.0109 -0.0825 'X-RAY DIFFRACTION' 
8  ? refined 0.6936   14.2392  -4.6048  0.0616 0.0329 0.0285 -0.0101 0.0026  0.0056  5.0135  2.0114 2.9826  0.5643  -1.9651 -0.3318 0.1752  -0.0784 -0.0968 -0.0516 0.1563  0.0905  0.1372  -0.3374 -0.0466 'X-RAY DIFFRACTION' 
9  ? refined -0.0025  8.6511   1.7629   0.0501 0.0573 0.0503 -0.0136 -0.0120 -0.0024 2.6052  2.2402 1.2014  -1.3727 -0.6015 0.4004  0.0132  -0.0176 0.0044  -0.0530 0.1058  -0.0151 0.0160  -0.0721 -0.0434 'X-RAY DIFFRACTION' 
10 ? refined 9.0841   -10.5162 -3.4778  0.0303 0.0497 0.0593 0.0135  0.0101  -0.0050 4.5012  3.2183 1.0101  2.5643  0.8031  -0.4652 -0.0012 -0.0532 0.0544  0.0446  -0.0273 -0.0265 -0.0736 0.0588  0.0612  'X-RAY DIFFRACTION' 
11 ? refined 2.7760   -19.7964 7.2941   0.0511 0.0450 0.0540 -0.0046 -0.0047 0.0087  1.5711  3.2013 13.8767 -0.0567 -1.6983 2.1258  0.0270  -0.0016 -0.0254 0.1102  -0.1951 -0.0755 -0.0680 0.5692  -0.1437 'X-RAY DIFFRACTION' 
# 
loop_
_pdbx_refine_tls_group.id 
_pdbx_refine_tls_group.refine_tls_id 
_pdbx_refine_tls_group.beg_auth_asym_id 
_pdbx_refine_tls_group.end_auth_asym_id 
_pdbx_refine_tls_group.end_auth_seq_id 
_pdbx_refine_tls_group.selection 
_pdbx_refine_tls_group.beg_auth_seq_id 
_pdbx_refine_tls_group.beg_label_asym_id 
_pdbx_refine_tls_group.beg_label_seq_id 
_pdbx_refine_tls_group.end_label_asym_id 
_pdbx_refine_tls_group.end_label_seq_id 
_pdbx_refine_tls_group.pdbx_refine_id 
_pdbx_refine_tls_group.selection_details 
1  1  A A 0   ? -6  . . . . 'X-RAY DIFFRACTION' ? 
2  2  A A 10  ? 1   . . . . 'X-RAY DIFFRACTION' ? 
3  3  A A 22  ? 11  . . . . 'X-RAY DIFFRACTION' ? 
4  4  A A 36  ? 23  . . . . 'X-RAY DIFFRACTION' ? 
5  5  A A 54  ? 37  . . . . 'X-RAY DIFFRACTION' ? 
6  6  A A 60  ? 55  . . . . 'X-RAY DIFFRACTION' ? 
7  7  A A 71  ? 61  . . . . 'X-RAY DIFFRACTION' ? 
8  8  A A 87  ? 72  . . . . 'X-RAY DIFFRACTION' ? 
9  9  A A 107 ? 88  . . . . 'X-RAY DIFFRACTION' ? 
10 10 A A 118 ? 108 . . . . 'X-RAY DIFFRACTION' ? 
11 11 A A 126 ? 119 . . . . 'X-RAY DIFFRACTION' ? 
# 
_phasing.method   MR 
# 
loop_
_chem_comp_atom.comp_id 
_chem_comp_atom.atom_id 
_chem_comp_atom.type_symbol 
_chem_comp_atom.pdbx_aromatic_flag 
_chem_comp_atom.pdbx_stereo_config 
_chem_comp_atom.pdbx_ordinal 
ALA N    N N N 1   
ALA CA   C N S 2   
ALA C    C N N 3   
ALA O    O N N 4   
ALA CB   C N N 5   
ALA OXT  O N N 6   
ALA H    H N N 7   
ALA H2   H N N 8   
ALA HA   H N N 9   
ALA HB1  H N N 10  
ALA HB2  H N N 11  
ALA HB3  H N N 12  
ALA HXT  H N N 13  
ARG N    N N N 14  
ARG CA   C N S 15  
ARG C    C N N 16  
ARG O    O N N 17  
ARG CB   C N N 18  
ARG CG   C N N 19  
ARG CD   C N N 20  
ARG NE   N N N 21  
ARG CZ   C N N 22  
ARG NH1  N N N 23  
ARG NH2  N N N 24  
ARG OXT  O N N 25  
ARG H    H N N 26  
ARG H2   H N N 27  
ARG HA   H N N 28  
ARG HB2  H N N 29  
ARG HB3  H N N 30  
ARG HG2  H N N 31  
ARG HG3  H N N 32  
ARG HD2  H N N 33  
ARG HD3  H N N 34  
ARG HE   H N N 35  
ARG HH11 H N N 36  
ARG HH12 H N N 37  
ARG HH21 H N N 38  
ARG HH22 H N N 39  
ARG HXT  H N N 40  
ASN N    N N N 41  
ASN CA   C N S 42  
ASN C    C N N 43  
ASN O    O N N 44  
ASN CB   C N N 45  
ASN CG   C N N 46  
ASN OD1  O N N 47  
ASN ND2  N N N 48  
ASN OXT  O N N 49  
ASN H    H N N 50  
ASN H2   H N N 51  
ASN HA   H N N 52  
ASN HB2  H N N 53  
ASN HB3  H N N 54  
ASN HD21 H N N 55  
ASN HD22 H N N 56  
ASN HXT  H N N 57  
ASP N    N N N 58  
ASP CA   C N S 59  
ASP C    C N N 60  
ASP O    O N N 61  
ASP CB   C N N 62  
ASP CG   C N N 63  
ASP OD1  O N N 64  
ASP OD2  O N N 65  
ASP OXT  O N N 66  
ASP H    H N N 67  
ASP H2   H N N 68  
ASP HA   H N N 69  
ASP HB2  H N N 70  
ASP HB3  H N N 71  
ASP HD2  H N N 72  
ASP HXT  H N N 73  
CYS N    N N N 74  
CYS CA   C N R 75  
CYS C    C N N 76  
CYS O    O N N 77  
CYS CB   C N N 78  
CYS SG   S N N 79  
CYS OXT  O N N 80  
CYS H    H N N 81  
CYS H2   H N N 82  
CYS HA   H N N 83  
CYS HB2  H N N 84  
CYS HB3  H N N 85  
CYS HG   H N N 86  
CYS HXT  H N N 87  
GLN N    N N N 88  
GLN CA   C N S 89  
GLN C    C N N 90  
GLN O    O N N 91  
GLN CB   C N N 92  
GLN CG   C N N 93  
GLN CD   C N N 94  
GLN OE1  O N N 95  
GLN NE2  N N N 96  
GLN OXT  O N N 97  
GLN H    H N N 98  
GLN H2   H N N 99  
GLN HA   H N N 100 
GLN HB2  H N N 101 
GLN HB3  H N N 102 
GLN HG2  H N N 103 
GLN HG3  H N N 104 
GLN HE21 H N N 105 
GLN HE22 H N N 106 
GLN HXT  H N N 107 
GLU N    N N N 108 
GLU CA   C N S 109 
GLU C    C N N 110 
GLU O    O N N 111 
GLU CB   C N N 112 
GLU CG   C N N 113 
GLU CD   C N N 114 
GLU OE1  O N N 115 
GLU OE2  O N N 116 
GLU OXT  O N N 117 
GLU H    H N N 118 
GLU H2   H N N 119 
GLU HA   H N N 120 
GLU HB2  H N N 121 
GLU HB3  H N N 122 
GLU HG2  H N N 123 
GLU HG3  H N N 124 
GLU HE2  H N N 125 
GLU HXT  H N N 126 
GLY N    N N N 127 
GLY CA   C N N 128 
GLY C    C N N 129 
GLY O    O N N 130 
GLY OXT  O N N 131 
GLY H    H N N 132 
GLY H2   H N N 133 
GLY HA2  H N N 134 
GLY HA3  H N N 135 
GLY HXT  H N N 136 
HIS N    N N N 137 
HIS CA   C N S 138 
HIS C    C N N 139 
HIS O    O N N 140 
HIS CB   C N N 141 
HIS CG   C Y N 142 
HIS ND1  N Y N 143 
HIS CD2  C Y N 144 
HIS CE1  C Y N 145 
HIS NE2  N Y N 146 
HIS OXT  O N N 147 
HIS H    H N N 148 
HIS H2   H N N 149 
HIS HA   H N N 150 
HIS HB2  H N N 151 
HIS HB3  H N N 152 
HIS HD1  H N N 153 
HIS HD2  H N N 154 
HIS HE1  H N N 155 
HIS HE2  H N N 156 
HIS HXT  H N N 157 
HOH O    O N N 158 
HOH H1   H N N 159 
HOH H2   H N N 160 
ILE N    N N N 161 
ILE CA   C N S 162 
ILE C    C N N 163 
ILE O    O N N 164 
ILE CB   C N S 165 
ILE CG1  C N N 166 
ILE CG2  C N N 167 
ILE CD1  C N N 168 
ILE OXT  O N N 169 
ILE H    H N N 170 
ILE H2   H N N 171 
ILE HA   H N N 172 
ILE HB   H N N 173 
ILE HG12 H N N 174 
ILE HG13 H N N 175 
ILE HG21 H N N 176 
ILE HG22 H N N 177 
ILE HG23 H N N 178 
ILE HD11 H N N 179 
ILE HD12 H N N 180 
ILE HD13 H N N 181 
ILE HXT  H N N 182 
LEU N    N N N 183 
LEU CA   C N S 184 
LEU C    C N N 185 
LEU O    O N N 186 
LEU CB   C N N 187 
LEU CG   C N N 188 
LEU CD1  C N N 189 
LEU CD2  C N N 190 
LEU OXT  O N N 191 
LEU H    H N N 192 
LEU H2   H N N 193 
LEU HA   H N N 194 
LEU HB2  H N N 195 
LEU HB3  H N N 196 
LEU HG   H N N 197 
LEU HD11 H N N 198 
LEU HD12 H N N 199 
LEU HD13 H N N 200 
LEU HD21 H N N 201 
LEU HD22 H N N 202 
LEU HD23 H N N 203 
LEU HXT  H N N 204 
LYS N    N N N 205 
LYS CA   C N S 206 
LYS C    C N N 207 
LYS O    O N N 208 
LYS CB   C N N 209 
LYS CG   C N N 210 
LYS CD   C N N 211 
LYS CE   C N N 212 
LYS NZ   N N N 213 
LYS OXT  O N N 214 
LYS H    H N N 215 
LYS H2   H N N 216 
LYS HA   H N N 217 
LYS HB2  H N N 218 
LYS HB3  H N N 219 
LYS HG2  H N N 220 
LYS HG3  H N N 221 
LYS HD2  H N N 222 
LYS HD3  H N N 223 
LYS HE2  H N N 224 
LYS HE3  H N N 225 
LYS HZ1  H N N 226 
LYS HZ2  H N N 227 
LYS HZ3  H N N 228 
LYS HXT  H N N 229 
MET N    N N N 230 
MET CA   C N S 231 
MET C    C N N 232 
MET O    O N N 233 
MET CB   C N N 234 
MET CG   C N N 235 
MET SD   S N N 236 
MET CE   C N N 237 
MET OXT  O N N 238 
MET H    H N N 239 
MET H2   H N N 240 
MET HA   H N N 241 
MET HB2  H N N 242 
MET HB3  H N N 243 
MET HG2  H N N 244 
MET HG3  H N N 245 
MET HE1  H N N 246 
MET HE2  H N N 247 
MET HE3  H N N 248 
MET HXT  H N N 249 
PHE N    N N N 250 
PHE CA   C N S 251 
PHE C    C N N 252 
PHE O    O N N 253 
PHE CB   C N N 254 
PHE CG   C Y N 255 
PHE CD1  C Y N 256 
PHE CD2  C Y N 257 
PHE CE1  C Y N 258 
PHE CE2  C Y N 259 
PHE CZ   C Y N 260 
PHE OXT  O N N 261 
PHE H    H N N 262 
PHE H2   H N N 263 
PHE HA   H N N 264 
PHE HB2  H N N 265 
PHE HB3  H N N 266 
PHE HD1  H N N 267 
PHE HD2  H N N 268 
PHE HE1  H N N 269 
PHE HE2  H N N 270 
PHE HZ   H N N 271 
PHE HXT  H N N 272 
PRO N    N N N 273 
PRO CA   C N S 274 
PRO C    C N N 275 
PRO O    O N N 276 
PRO CB   C N N 277 
PRO CG   C N N 278 
PRO CD   C N N 279 
PRO OXT  O N N 280 
PRO H    H N N 281 
PRO HA   H N N 282 
PRO HB2  H N N 283 
PRO HB3  H N N 284 
PRO HG2  H N N 285 
PRO HG3  H N N 286 
PRO HD2  H N N 287 
PRO HD3  H N N 288 
PRO HXT  H N N 289 
SER N    N N N 290 
SER CA   C N S 291 
SER C    C N N 292 
SER O    O N N 293 
SER CB   C N N 294 
SER OG   O N N 295 
SER OXT  O N N 296 
SER H    H N N 297 
SER H2   H N N 298 
SER HA   H N N 299 
SER HB2  H N N 300 
SER HB3  H N N 301 
SER HG   H N N 302 
SER HXT  H N N 303 
SO4 S    S N N 304 
SO4 O1   O N N 305 
SO4 O2   O N N 306 
SO4 O3   O N N 307 
SO4 O4   O N N 308 
THR N    N N N 309 
THR CA   C N S 310 
THR C    C N N 311 
THR O    O N N 312 
THR CB   C N R 313 
THR OG1  O N N 314 
THR CG2  C N N 315 
THR OXT  O N N 316 
THR H    H N N 317 
THR H2   H N N 318 
THR HA   H N N 319 
THR HB   H N N 320 
THR HG1  H N N 321 
THR HG21 H N N 322 
THR HG22 H N N 323 
THR HG23 H N N 324 
THR HXT  H N N 325 
TRP N    N N N 326 
TRP CA   C N S 327 
TRP C    C N N 328 
TRP O    O N N 329 
TRP CB   C N N 330 
TRP CG   C Y N 331 
TRP CD1  C Y N 332 
TRP CD2  C Y N 333 
TRP NE1  N Y N 334 
TRP CE2  C Y N 335 
TRP CE3  C Y N 336 
TRP CZ2  C Y N 337 
TRP CZ3  C Y N 338 
TRP CH2  C Y N 339 
TRP OXT  O N N 340 
TRP H    H N N 341 
TRP H2   H N N 342 
TRP HA   H N N 343 
TRP HB2  H N N 344 
TRP HB3  H N N 345 
TRP HD1  H N N 346 
TRP HE1  H N N 347 
TRP HE3  H N N 348 
TRP HZ2  H N N 349 
TRP HZ3  H N N 350 
TRP HH2  H N N 351 
TRP HXT  H N N 352 
TYR N    N N N 353 
TYR CA   C N S 354 
TYR C    C N N 355 
TYR O    O N N 356 
TYR CB   C N N 357 
TYR CG   C Y N 358 
TYR CD1  C Y N 359 
TYR CD2  C Y N 360 
TYR CE1  C Y N 361 
TYR CE2  C Y N 362 
TYR CZ   C Y N 363 
TYR OH   O N N 364 
TYR OXT  O N N 365 
TYR H    H N N 366 
TYR H2   H N N 367 
TYR HA   H N N 368 
TYR HB2  H N N 369 
TYR HB3  H N N 370 
TYR HD1  H N N 371 
TYR HD2  H N N 372 
TYR HE1  H N N 373 
TYR HE2  H N N 374 
TYR HH   H N N 375 
TYR HXT  H N N 376 
VAL N    N N N 377 
VAL CA   C N S 378 
VAL C    C N N 379 
VAL O    O N N 380 
VAL CB   C N N 381 
VAL CG1  C N N 382 
VAL CG2  C N N 383 
VAL OXT  O N N 384 
VAL H    H N N 385 
VAL H2   H N N 386 
VAL HA   H N N 387 
VAL HB   H N N 388 
VAL HG11 H N N 389 
VAL HG12 H N N 390 
VAL HG13 H N N 391 
VAL HG21 H N N 392 
VAL HG22 H N N 393 
VAL HG23 H N N 394 
VAL HXT  H N N 395 
# 
loop_
_chem_comp_bond.comp_id 
_chem_comp_bond.atom_id_1 
_chem_comp_bond.atom_id_2 
_chem_comp_bond.value_order 
_chem_comp_bond.pdbx_aromatic_flag 
_chem_comp_bond.pdbx_stereo_config 
_chem_comp_bond.pdbx_ordinal 
ALA N   CA   sing N N 1   
ALA N   H    sing N N 2   
ALA N   H2   sing N N 3   
ALA CA  C    sing N N 4   
ALA CA  CB   sing N N 5   
ALA CA  HA   sing N N 6   
ALA C   O    doub N N 7   
ALA C   OXT  sing N N 8   
ALA CB  HB1  sing N N 9   
ALA CB  HB2  sing N N 10  
ALA CB  HB3  sing N N 11  
ALA OXT HXT  sing N N 12  
ARG N   CA   sing N N 13  
ARG N   H    sing N N 14  
ARG N   H2   sing N N 15  
ARG CA  C    sing N N 16  
ARG CA  CB   sing N N 17  
ARG CA  HA   sing N N 18  
ARG C   O    doub N N 19  
ARG C   OXT  sing N N 20  
ARG CB  CG   sing N N 21  
ARG CB  HB2  sing N N 22  
ARG CB  HB3  sing N N 23  
ARG CG  CD   sing N N 24  
ARG CG  HG2  sing N N 25  
ARG CG  HG3  sing N N 26  
ARG CD  NE   sing N N 27  
ARG CD  HD2  sing N N 28  
ARG CD  HD3  sing N N 29  
ARG NE  CZ   sing N N 30  
ARG NE  HE   sing N N 31  
ARG CZ  NH1  sing N N 32  
ARG CZ  NH2  doub N N 33  
ARG NH1 HH11 sing N N 34  
ARG NH1 HH12 sing N N 35  
ARG NH2 HH21 sing N N 36  
ARG NH2 HH22 sing N N 37  
ARG OXT HXT  sing N N 38  
ASN N   CA   sing N N 39  
ASN N   H    sing N N 40  
ASN N   H2   sing N N 41  
ASN CA  C    sing N N 42  
ASN CA  CB   sing N N 43  
ASN CA  HA   sing N N 44  
ASN C   O    doub N N 45  
ASN C   OXT  sing N N 46  
ASN CB  CG   sing N N 47  
ASN CB  HB2  sing N N 48  
ASN CB  HB3  sing N N 49  
ASN CG  OD1  doub N N 50  
ASN CG  ND2  sing N N 51  
ASN ND2 HD21 sing N N 52  
ASN ND2 HD22 sing N N 53  
ASN OXT HXT  sing N N 54  
ASP N   CA   sing N N 55  
ASP N   H    sing N N 56  
ASP N   H2   sing N N 57  
ASP CA  C    sing N N 58  
ASP CA  CB   sing N N 59  
ASP CA  HA   sing N N 60  
ASP C   O    doub N N 61  
ASP C   OXT  sing N N 62  
ASP CB  CG   sing N N 63  
ASP CB  HB2  sing N N 64  
ASP CB  HB3  sing N N 65  
ASP CG  OD1  doub N N 66  
ASP CG  OD2  sing N N 67  
ASP OD2 HD2  sing N N 68  
ASP OXT HXT  sing N N 69  
CYS N   CA   sing N N 70  
CYS N   H    sing N N 71  
CYS N   H2   sing N N 72  
CYS CA  C    sing N N 73  
CYS CA  CB   sing N N 74  
CYS CA  HA   sing N N 75  
CYS C   O    doub N N 76  
CYS C   OXT  sing N N 77  
CYS CB  SG   sing N N 78  
CYS CB  HB2  sing N N 79  
CYS CB  HB3  sing N N 80  
CYS SG  HG   sing N N 81  
CYS OXT HXT  sing N N 82  
GLN N   CA   sing N N 83  
GLN N   H    sing N N 84  
GLN N   H2   sing N N 85  
GLN CA  C    sing N N 86  
GLN CA  CB   sing N N 87  
GLN CA  HA   sing N N 88  
GLN C   O    doub N N 89  
GLN C   OXT  sing N N 90  
GLN CB  CG   sing N N 91  
GLN CB  HB2  sing N N 92  
GLN CB  HB3  sing N N 93  
GLN CG  CD   sing N N 94  
GLN CG  HG2  sing N N 95  
GLN CG  HG3  sing N N 96  
GLN CD  OE1  doub N N 97  
GLN CD  NE2  sing N N 98  
GLN NE2 HE21 sing N N 99  
GLN NE2 HE22 sing N N 100 
GLN OXT HXT  sing N N 101 
GLU N   CA   sing N N 102 
GLU N   H    sing N N 103 
GLU N   H2   sing N N 104 
GLU CA  C    sing N N 105 
GLU CA  CB   sing N N 106 
GLU CA  HA   sing N N 107 
GLU C   O    doub N N 108 
GLU C   OXT  sing N N 109 
GLU CB  CG   sing N N 110 
GLU CB  HB2  sing N N 111 
GLU CB  HB3  sing N N 112 
GLU CG  CD   sing N N 113 
GLU CG  HG2  sing N N 114 
GLU CG  HG3  sing N N 115 
GLU CD  OE1  doub N N 116 
GLU CD  OE2  sing N N 117 
GLU OE2 HE2  sing N N 118 
GLU OXT HXT  sing N N 119 
GLY N   CA   sing N N 120 
GLY N   H    sing N N 121 
GLY N   H2   sing N N 122 
GLY CA  C    sing N N 123 
GLY CA  HA2  sing N N 124 
GLY CA  HA3  sing N N 125 
GLY C   O    doub N N 126 
GLY C   OXT  sing N N 127 
GLY OXT HXT  sing N N 128 
HIS N   CA   sing N N 129 
HIS N   H    sing N N 130 
HIS N   H2   sing N N 131 
HIS CA  C    sing N N 132 
HIS CA  CB   sing N N 133 
HIS CA  HA   sing N N 134 
HIS C   O    doub N N 135 
HIS C   OXT  sing N N 136 
HIS CB  CG   sing N N 137 
HIS CB  HB2  sing N N 138 
HIS CB  HB3  sing N N 139 
HIS CG  ND1  sing Y N 140 
HIS CG  CD2  doub Y N 141 
HIS ND1 CE1  doub Y N 142 
HIS ND1 HD1  sing N N 143 
HIS CD2 NE2  sing Y N 144 
HIS CD2 HD2  sing N N 145 
HIS CE1 NE2  sing Y N 146 
HIS CE1 HE1  sing N N 147 
HIS NE2 HE2  sing N N 148 
HIS OXT HXT  sing N N 149 
HOH O   H1   sing N N 150 
HOH O   H2   sing N N 151 
ILE N   CA   sing N N 152 
ILE N   H    sing N N 153 
ILE N   H2   sing N N 154 
ILE CA  C    sing N N 155 
ILE CA  CB   sing N N 156 
ILE CA  HA   sing N N 157 
ILE C   O    doub N N 158 
ILE C   OXT  sing N N 159 
ILE CB  CG1  sing N N 160 
ILE CB  CG2  sing N N 161 
ILE CB  HB   sing N N 162 
ILE CG1 CD1  sing N N 163 
ILE CG1 HG12 sing N N 164 
ILE CG1 HG13 sing N N 165 
ILE CG2 HG21 sing N N 166 
ILE CG2 HG22 sing N N 167 
ILE CG2 HG23 sing N N 168 
ILE CD1 HD11 sing N N 169 
ILE CD1 HD12 sing N N 170 
ILE CD1 HD13 sing N N 171 
ILE OXT HXT  sing N N 172 
LEU N   CA   sing N N 173 
LEU N   H    sing N N 174 
LEU N   H2   sing N N 175 
LEU CA  C    sing N N 176 
LEU CA  CB   sing N N 177 
LEU CA  HA   sing N N 178 
LEU C   O    doub N N 179 
LEU C   OXT  sing N N 180 
LEU CB  CG   sing N N 181 
LEU CB  HB2  sing N N 182 
LEU CB  HB3  sing N N 183 
LEU CG  CD1  sing N N 184 
LEU CG  CD2  sing N N 185 
LEU CG  HG   sing N N 186 
LEU CD1 HD11 sing N N 187 
LEU CD1 HD12 sing N N 188 
LEU CD1 HD13 sing N N 189 
LEU CD2 HD21 sing N N 190 
LEU CD2 HD22 sing N N 191 
LEU CD2 HD23 sing N N 192 
LEU OXT HXT  sing N N 193 
LYS N   CA   sing N N 194 
LYS N   H    sing N N 195 
LYS N   H2   sing N N 196 
LYS CA  C    sing N N 197 
LYS CA  CB   sing N N 198 
LYS CA  HA   sing N N 199 
LYS C   O    doub N N 200 
LYS C   OXT  sing N N 201 
LYS CB  CG   sing N N 202 
LYS CB  HB2  sing N N 203 
LYS CB  HB3  sing N N 204 
LYS CG  CD   sing N N 205 
LYS CG  HG2  sing N N 206 
LYS CG  HG3  sing N N 207 
LYS CD  CE   sing N N 208 
LYS CD  HD2  sing N N 209 
LYS CD  HD3  sing N N 210 
LYS CE  NZ   sing N N 211 
LYS CE  HE2  sing N N 212 
LYS CE  HE3  sing N N 213 
LYS NZ  HZ1  sing N N 214 
LYS NZ  HZ2  sing N N 215 
LYS NZ  HZ3  sing N N 216 
LYS OXT HXT  sing N N 217 
MET N   CA   sing N N 218 
MET N   H    sing N N 219 
MET N   H2   sing N N 220 
MET CA  C    sing N N 221 
MET CA  CB   sing N N 222 
MET CA  HA   sing N N 223 
MET C   O    doub N N 224 
MET C   OXT  sing N N 225 
MET CB  CG   sing N N 226 
MET CB  HB2  sing N N 227 
MET CB  HB3  sing N N 228 
MET CG  SD   sing N N 229 
MET CG  HG2  sing N N 230 
MET CG  HG3  sing N N 231 
MET SD  CE   sing N N 232 
MET CE  HE1  sing N N 233 
MET CE  HE2  sing N N 234 
MET CE  HE3  sing N N 235 
MET OXT HXT  sing N N 236 
PHE N   CA   sing N N 237 
PHE N   H    sing N N 238 
PHE N   H2   sing N N 239 
PHE CA  C    sing N N 240 
PHE CA  CB   sing N N 241 
PHE CA  HA   sing N N 242 
PHE C   O    doub N N 243 
PHE C   OXT  sing N N 244 
PHE CB  CG   sing N N 245 
PHE CB  HB2  sing N N 246 
PHE CB  HB3  sing N N 247 
PHE CG  CD1  doub Y N 248 
PHE CG  CD2  sing Y N 249 
PHE CD1 CE1  sing Y N 250 
PHE CD1 HD1  sing N N 251 
PHE CD2 CE2  doub Y N 252 
PHE CD2 HD2  sing N N 253 
PHE CE1 CZ   doub Y N 254 
PHE CE1 HE1  sing N N 255 
PHE CE2 CZ   sing Y N 256 
PHE CE2 HE2  sing N N 257 
PHE CZ  HZ   sing N N 258 
PHE OXT HXT  sing N N 259 
PRO N   CA   sing N N 260 
PRO N   CD   sing N N 261 
PRO N   H    sing N N 262 
PRO CA  C    sing N N 263 
PRO CA  CB   sing N N 264 
PRO CA  HA   sing N N 265 
PRO C   O    doub N N 266 
PRO C   OXT  sing N N 267 
PRO CB  CG   sing N N 268 
PRO CB  HB2  sing N N 269 
PRO CB  HB3  sing N N 270 
PRO CG  CD   sing N N 271 
PRO CG  HG2  sing N N 272 
PRO CG  HG3  sing N N 273 
PRO CD  HD2  sing N N 274 
PRO CD  HD3  sing N N 275 
PRO OXT HXT  sing N N 276 
SER N   CA   sing N N 277 
SER N   H    sing N N 278 
SER N   H2   sing N N 279 
SER CA  C    sing N N 280 
SER CA  CB   sing N N 281 
SER CA  HA   sing N N 282 
SER C   O    doub N N 283 
SER C   OXT  sing N N 284 
SER CB  OG   sing N N 285 
SER CB  HB2  sing N N 286 
SER CB  HB3  sing N N 287 
SER OG  HG   sing N N 288 
SER OXT HXT  sing N N 289 
SO4 S   O1   doub N N 290 
SO4 S   O2   doub N N 291 
SO4 S   O3   sing N N 292 
SO4 S   O4   sing N N 293 
THR N   CA   sing N N 294 
THR N   H    sing N N 295 
THR N   H2   sing N N 296 
THR CA  C    sing N N 297 
THR CA  CB   sing N N 298 
THR CA  HA   sing N N 299 
THR C   O    doub N N 300 
THR C   OXT  sing N N 301 
THR CB  OG1  sing N N 302 
THR CB  CG2  sing N N 303 
THR CB  HB   sing N N 304 
THR OG1 HG1  sing N N 305 
THR CG2 HG21 sing N N 306 
THR CG2 HG22 sing N N 307 
THR CG2 HG23 sing N N 308 
THR OXT HXT  sing N N 309 
TRP N   CA   sing N N 310 
TRP N   H    sing N N 311 
TRP N   H2   sing N N 312 
TRP CA  C    sing N N 313 
TRP CA  CB   sing N N 314 
TRP CA  HA   sing N N 315 
TRP C   O    doub N N 316 
TRP C   OXT  sing N N 317 
TRP CB  CG   sing N N 318 
TRP CB  HB2  sing N N 319 
TRP CB  HB3  sing N N 320 
TRP CG  CD1  doub Y N 321 
TRP CG  CD2  sing Y N 322 
TRP CD1 NE1  sing Y N 323 
TRP CD1 HD1  sing N N 324 
TRP CD2 CE2  doub Y N 325 
TRP CD2 CE3  sing Y N 326 
TRP NE1 CE2  sing Y N 327 
TRP NE1 HE1  sing N N 328 
TRP CE2 CZ2  sing Y N 329 
TRP CE3 CZ3  doub Y N 330 
TRP CE3 HE3  sing N N 331 
TRP CZ2 CH2  doub Y N 332 
TRP CZ2 HZ2  sing N N 333 
TRP CZ3 CH2  sing Y N 334 
TRP CZ3 HZ3  sing N N 335 
TRP CH2 HH2  sing N N 336 
TRP OXT HXT  sing N N 337 
TYR N   CA   sing N N 338 
TYR N   H    sing N N 339 
TYR N   H2   sing N N 340 
TYR CA  C    sing N N 341 
TYR CA  CB   sing N N 342 
TYR CA  HA   sing N N 343 
TYR C   O    doub N N 344 
TYR C   OXT  sing N N 345 
TYR CB  CG   sing N N 346 
TYR CB  HB2  sing N N 347 
TYR CB  HB3  sing N N 348 
TYR CG  CD1  doub Y N 349 
TYR CG  CD2  sing Y N 350 
TYR CD1 CE1  sing Y N 351 
TYR CD1 HD1  sing N N 352 
TYR CD2 CE2  doub Y N 353 
TYR CD2 HD2  sing N N 354 
TYR CE1 CZ   doub Y N 355 
TYR CE1 HE1  sing N N 356 
TYR CE2 CZ   sing Y N 357 
TYR CE2 HE2  sing N N 358 
TYR CZ  OH   sing N N 359 
TYR OH  HH   sing N N 360 
TYR OXT HXT  sing N N 361 
VAL N   CA   sing N N 362 
VAL N   H    sing N N 363 
VAL N   H2   sing N N 364 
VAL CA  C    sing N N 365 
VAL CA  CB   sing N N 366 
VAL CA  HA   sing N N 367 
VAL C   O    doub N N 368 
VAL C   OXT  sing N N 369 
VAL CB  CG1  sing N N 370 
VAL CB  CG2  sing N N 371 
VAL CB  HB   sing N N 372 
VAL CG1 HG11 sing N N 373 
VAL CG1 HG12 sing N N 374 
VAL CG1 HG13 sing N N 375 
VAL CG2 HG21 sing N N 376 
VAL CG2 HG22 sing N N 377 
VAL CG2 HG23 sing N N 378 
VAL OXT HXT  sing N N 379 
# 
_atom_sites.entry_id                    3ELO 
_atom_sites.fract_transf_matrix[1][1]   -0.01530933 
_atom_sites.fract_transf_matrix[1][2]   0.01343520 
_atom_sites.fract_transf_matrix[1][3]   -0.00144489 
_atom_sites.fract_transf_matrix[2][1]   0.00064433 
_atom_sites.fract_transf_matrix[2][2]   0.01739878 
_atom_sites.fract_transf_matrix[2][3]   0.01066784 
_atom_sites.fract_transf_matrix[3][1]   0.00769470 
_atom_sites.fract_transf_matrix[3][2]   0.00741711 
_atom_sites.fract_transf_matrix[3][3]   -0.01256173 
_atom_sites.fract_transf_vector[1]      -0.483007 
_atom_sites.fract_transf_vector[2]      -0.493266 
_atom_sites.fract_transf_vector[3]      -0.007144 
# 
loop_
_atom_type.symbol 
C 
N 
O 
S 
# 
loop_
_atom_site.group_PDB 
_atom_site.id 
_atom_site.type_symbol 
_atom_site.label_atom_id 
_atom_site.label_alt_id 
_atom_site.label_comp_id 
_atom_site.label_asym_id 
_atom_site.label_entity_id 
_atom_site.label_seq_id 
_atom_site.pdbx_PDB_ins_code 
_atom_site.Cartn_x 
_atom_site.Cartn_y 
_atom_site.Cartn_z 
_atom_site.occupancy 
_atom_site.B_iso_or_equiv 
_atom_site.pdbx_formal_charge 
_atom_site.auth_seq_id 
_atom_site.auth_comp_id 
_atom_site.auth_asym_id 
_atom_site.auth_atom_id 
_atom_site.pdbx_PDB_model_num 
ATOM   1    N N   . ASP A 1 1   ? -16.808 -9.923  1.546   1.00 17.83 ? -6  ASP A N   1 
ATOM   2    C CA  . ASP A 1 1   ? -16.023 -8.723  1.140   1.00 17.60 ? -6  ASP A CA  1 
ATOM   3    C C   . ASP A 1 1   ? -14.915 -9.146  0.184   1.00 17.32 ? -6  ASP A C   1 
ATOM   4    O O   . ASP A 1 1   ? -14.464 -10.296 0.211   1.00 17.73 ? -6  ASP A O   1 
ATOM   5    C CB  . ASP A 1 1   ? -15.393 -8.037  2.355   1.00 17.88 ? -6  ASP A CB  1 
ATOM   6    C CG  . ASP A 1 1   ? -16.105 -8.360  3.653   1.00 18.50 ? -6  ASP A CG  1 
ATOM   7    O OD1 . ASP A 1 1   ? -17.359 -8.309  3.694   1.00 19.83 ? -6  ASP A OD1 1 
ATOM   8    O OD2 . ASP A 1 1   ? -15.396 -8.666  4.640   1.00 19.71 ? -6  ASP A OD2 1 
ATOM   9    N N   . SER A 1 2   ? -14.455 -8.201  -0.631  1.00 16.44 ? -5  SER A N   1 
ATOM   10   C CA  . SER A 1 2   ? -13.434 -8.470  -1.649  1.00 15.82 ? -5  SER A CA  1 
ATOM   11   C C   . SER A 1 2   ? -12.081 -8.819  -1.059  1.00 15.04 ? -5  SER A C   1 
ATOM   12   O O   . SER A 1 2   ? -11.252 -9.443  -1.724  1.00 14.91 ? -5  SER A O   1 
ATOM   13   C CB  . SER A 1 2   ? -13.261 -7.250  -2.549  1.00 15.77 ? -5  SER A CB  1 
ATOM   14   O OG  . SER A 1 2   ? -14.526 -6.730  -2.914  1.00 16.45 ? -5  SER A OG  1 
ATOM   15   N N   . GLY A 1 3   ? -11.846 -8.395  0.181   1.00 14.21 ? -4  GLY A N   1 
ATOM   16   C CA  . GLY A 1 3   ? -10.550 -8.567  0.809   1.00 13.21 ? -4  GLY A CA  1 
ATOM   17   C C   . GLY A 1 3   ? -9.463  -7.761  0.122   1.00 12.32 ? -4  GLY A C   1 
ATOM   18   O O   . GLY A 1 3   ? -8.318  -8.217  0.048   1.00 12.50 ? -4  GLY A O   1 
ATOM   19   N N   . ILE A 1 4   ? -9.789  -6.564  -0.381  1.00 10.92 ? -3  ILE A N   1 
ATOM   20   C CA  . ILE A 1 4   ? -8.753  -5.737  -1.009  1.00 9.37  ? -3  ILE A CA  1 
ATOM   21   C C   . ILE A 1 4   ? -7.855  -5.010  0.010   1.00 8.28  ? -3  ILE A C   1 
ATOM   22   O O   . ILE A 1 4   ? -8.297  -4.527  1.062   1.00 7.44  ? -3  ILE A O   1 
ATOM   23   C CB  . ILE A 1 4   ? -9.283  -4.743  -2.094  1.00 8.94  ? -3  ILE A CB  1 
ATOM   24   C CG1 . ILE A 1 4   ? -10.090 -3.603  -1.477  1.00 9.91  ? -3  ILE A CG1 1 
ATOM   25   C CG2 . ILE A 1 4   ? -10.106 -5.502  -3.152  1.00 8.31  ? -3  ILE A CG2 1 
ATOM   26   C CD1 . ILE A 1 4   ? -9.664  -2.244  -1.943  1.00 9.81  ? -3  ILE A CD1 1 
ATOM   27   N N   . SER A 1 5   ? -6.583  -4.949  -0.348  1.00 7.37  ? -2  SER A N   1 
ATOM   28   C CA  . SER A 1 5   ? -5.549  -4.331  0.464   1.00 6.54  ? -2  SER A CA  1 
ATOM   29   C C   . SER A 1 5   ? -5.364  -2.900  -0.007  1.00 6.59  ? -2  SER A C   1 
ATOM   30   O O   . SER A 1 5   ? -5.869  -2.530  -1.081  1.00 4.90  ? -2  SER A O   1 
ATOM   31   C CB  . SER A 1 5   ? -4.222  -5.111  0.325   1.00 6.62  ? -2  SER A CB  1 
ATOM   32   O OG  . SER A 1 5   ? -3.422  -4.623  -0.748  1.00 7.05  ? -2  SER A OG  1 
ATOM   33   N N   . PRO A 1 6   ? -4.618  -2.085  0.773   1.00 5.60  ? -1  PRO A N   1 
ATOM   34   C CA  . PRO A 1 6   ? -4.301  -0.749  0.337   1.00 6.34  ? -1  PRO A CA  1 
ATOM   35   C C   . PRO A 1 6   ? -3.611  -0.687  -1.027  1.00 5.38  ? -1  PRO A C   1 
ATOM   36   O O   . PRO A 1 6   ? -3.724  0.323   -1.716  1.00 6.55  ? -1  PRO A O   1 
ATOM   37   C CB  . PRO A 1 6   ? -3.329  -0.257  1.414   1.00 6.02  ? -1  PRO A CB  1 
ATOM   38   C CG  . PRO A 1 6   ? -3.704  -1.009  2.638   1.00 6.64  ? -1  PRO A CG  1 
ATOM   39   C CD  . PRO A 1 6   ? -4.125  -2.347  2.146   1.00 6.03  ? -1  PRO A CD  1 
ATOM   40   N N   . ARG A 1 7   ? -2.942  -1.774  -1.411  1.00 5.35  ? 0   ARG A N   1 
ATOM   41   C CA  . ARG A 1 7   ? -2.163  -1.776  -2.635  1.00 5.37  ? 0   ARG A CA  1 
ATOM   42   C C   . ARG A 1 7   ? -3.014  -2.054  -3.877  1.00 5.35  ? 0   ARG A C   1 
ATOM   43   O O   . ARG A 1 7   ? -2.472  -2.093  -4.962  1.00 5.72  ? 0   ARG A O   1 
ATOM   44   C CB  . ARG A 1 7   ? -0.965  -2.713  -2.478  1.00 6.44  ? 0   ARG A CB  1 
ATOM   45   C CG  . ARG A 1 7   ? 0.075   -2.079  -1.539  1.00 5.51  ? 0   ARG A CG  1 
ATOM   46   C CD  . ARG A 1 7   ? 0.887   -3.085  -0.774  1.00 5.48  ? 0   ARG A CD  1 
ATOM   47   N NE  . ARG A 1 7   ? 0.078   -4.011  0.001   1.00 5.52  ? 0   ARG A NE  1 
ATOM   48   C CZ  . ARG A 1 7   ? -0.425  -3.792  1.223   1.00 7.07  ? 0   ARG A CZ  1 
ATOM   49   N NH1 . ARG A 1 7   ? -0.207  -2.652  1.867   1.00 6.19  ? 0   ARG A NH1 1 
ATOM   50   N NH2 . ARG A 1 7   ? -1.132  -4.734  1.814   1.00 5.79  ? 0   ARG A NH2 1 
ATOM   51   N N   . ALA A 1 8   ? -4.336  -2.195  -3.701  1.00 4.59  ? 1   ALA A N   1 
ATOM   52   C CA  . ALA A 1 8   ? -5.291  -2.238  -4.816  1.00 4.02  ? 1   ALA A CA  1 
ATOM   53   C C   . ALA A 1 8   ? -6.172  -0.989  -4.887  1.00 4.14  ? 1   ALA A C   1 
ATOM   54   O O   . ALA A 1 8   ? -6.958  -0.860  -5.822  1.00 3.54  ? 1   ALA A O   1 
ATOM   55   C CB  . ALA A 1 8   ? -6.190  -3.511  -4.721  1.00 4.56  ? 1   ALA A CB  1 
ATOM   56   N N   . VAL A 1 9   ? -6.031  -0.066  -3.933  1.00 3.86  ? 2   VAL A N   1 
ATOM   57   C CA  . VAL A 1 9   ? -6.842  1.142   -3.916  1.00 4.61  ? 2   VAL A CA  1 
ATOM   58   C C   . VAL A 1 9   ? -6.408  2.028   -5.095  1.00 4.63  ? 2   VAL A C   1 
ATOM   59   O O   . VAL A 1 9   ? -5.236  2.038   -5.460  1.00 4.57  ? 2   VAL A O   1 
ATOM   60   C CB  . VAL A 1 9   ? -6.771  1.857   -2.545  1.00 5.00  ? 2   VAL A CB  1 
ATOM   61   C CG1 . VAL A 1 9   ? -7.557  3.151   -2.557  1.00 6.63  ? 2   VAL A CG1 1 
ATOM   62   C CG2 . VAL A 1 9   ? -7.307  0.932   -1.425  1.00 5.02  ? 2   VAL A CG2 1 
ATOM   63   N N   . TRP A 1 10  ? -7.366  2.722   -5.716  1.00 4.34  ? 3   TRP A N   1 
ATOM   64   C CA  . TRP A 1 10  ? -7.128  3.294   -7.037  1.00 4.51  ? 3   TRP A CA  1 
ATOM   65   C C   . TRP A 1 10  ? -5.901  4.198   -7.127  1.00 4.38  ? 3   TRP A C   1 
ATOM   66   O O   . TRP A 1 10  ? -5.075  4.006   -8.003  1.00 4.55  ? 3   TRP A O   1 
ATOM   67   C CB  . TRP A 1 10  ? -8.346  4.068   -7.507  1.00 4.82  ? 3   TRP A CB  1 
ATOM   68   C CG  . TRP A 1 10  ? -8.328  4.384   -8.957  1.00 4.82  ? 3   TRP A CG  1 
ATOM   69   C CD1 . TRP A 1 10  ? -7.879  5.530   -9.548  1.00 5.27  ? 3   TRP A CD1 1 
ATOM   70   C CD2 . TRP A 1 10  ? -8.812  3.547   -10.010 1.00 3.29  ? 3   TRP A CD2 1 
ATOM   71   N NE1 . TRP A 1 10  ? -8.047  5.448   -10.914 1.00 5.81  ? 3   TRP A NE1 1 
ATOM   72   C CE2 . TRP A 1 10  ? -8.623  4.242   -11.217 1.00 5.17  ? 3   TRP A CE2 1 
ATOM   73   C CE3 . TRP A 1 10  ? -9.379  2.274   -10.049 1.00 5.53  ? 3   TRP A CE3 1 
ATOM   74   C CZ2 . TRP A 1 10  ? -8.999  3.707   -12.451 1.00 5.74  ? 3   TRP A CZ2 1 
ATOM   75   C CZ3 . TRP A 1 10  ? -9.732  1.742   -11.271 1.00 3.78  ? 3   TRP A CZ3 1 
ATOM   76   C CH2 . TRP A 1 10  ? -9.542  2.450   -12.447 1.00 4.08  ? 3   TRP A CH2 1 
ATOM   77   N N   . GLN A 1 11  ? -5.800  5.200   -6.256  1.00 3.87  ? 4   GLN A N   1 
ATOM   78   C CA  . GLN A 1 11  ? -4.698  6.154   -6.394  1.00 4.00  ? 4   GLN A CA  1 
ATOM   79   C C   . GLN A 1 11  ? -3.328  5.538   -6.090  1.00 4.10  ? 4   GLN A C   1 
ATOM   80   O O   . GLN A 1 11  ? -2.351  5.954   -6.694  1.00 4.48  ? 4   GLN A O   1 
ATOM   81   C CB  . GLN A 1 11  ? -4.922  7.428   -5.573  1.00 4.59  ? 4   GLN A CB  1 
ATOM   82   C CG  . GLN A 1 11  ? -6.016  8.342   -6.070  1.00 4.93  ? 4   GLN A CG  1 
ATOM   83   C CD  . GLN A 1 11  ? -5.751  8.893   -7.436  1.00 4.67  ? 4   GLN A CD  1 
ATOM   84   O OE1 . GLN A 1 11  ? -6.122  8.288   -8.439  1.00 6.77  ? 4   GLN A OE1 1 
ATOM   85   N NE2 . GLN A 1 11  ? -5.120  10.069  -7.495  1.00 5.54  ? 4   GLN A NE2 1 
ATOM   86   N N   . PHE A 1 12  ? -3.251  4.539   -5.198  1.00 3.95  ? 5   PHE A N   1 
ATOM   87   C CA  . PHE A 1 12  ? -1.989  3.836   -4.991  1.00 4.48  ? 5   PHE A CA  1 
ATOM   88   C C   . PHE A 1 12  ? -1.486  3.251   -6.312  1.00 4.69  ? 5   PHE A C   1 
ATOM   89   O O   . PHE A 1 12  ? -0.295  3.287   -6.598  1.00 4.59  ? 5   PHE A O   1 
ATOM   90   C CB  . PHE A 1 12  ? -2.063  2.716   -3.943  1.00 4.45  ? 5   PHE A CB  1 
ATOM   91   C CG  . PHE A 1 12  ? -0.787  1.917   -3.859  1.00 4.50  ? 5   PHE A CG  1 
ATOM   92   C CD1 . PHE A 1 12  ? 0.270   2.379   -3.107  1.00 5.13  ? 5   PHE A CD1 1 
ATOM   93   C CD2 . PHE A 1 12  ? -0.623  0.739   -4.591  1.00 3.99  ? 5   PHE A CD2 1 
ATOM   94   C CE1 . PHE A 1 12  ? 1.480   1.682   -3.061  1.00 6.14  ? 5   PHE A CE1 1 
ATOM   95   C CE2 . PHE A 1 12  ? 0.587   0.050   -4.556  1.00 4.01  ? 5   PHE A CE2 1 
ATOM   96   C CZ  . PHE A 1 12  ? 1.634   0.526   -3.781  1.00 4.65  ? 5   PHE A CZ  1 
ATOM   97   N N   . ARG A 1 13  ? -2.394  2.708   -7.117  1.00 4.04  ? 6   ARG A N   1 
ATOM   98   C CA  . ARG A 1 13  ? -2.013  2.133   -8.412  1.00 3.86  ? 6   ARG A CA  1 
ATOM   99   C C   . ARG A 1 13  ? -1.276  3.166   -9.265  1.00 3.87  ? 6   ARG A C   1 
ATOM   100  O O   . ARG A 1 13  ? -0.313  2.848   -9.943  1.00 3.80  ? 6   ARG A O   1 
ATOM   101  C CB  . ARG A 1 13  ? -3.213  1.609   -9.196  1.00 4.77  ? 6   ARG A CB  1 
ATOM   102  C CG  . ARG A 1 13  ? -4.060  0.636   -8.453  1.00 5.00  ? 6   ARG A CG  1 
ATOM   103  C CD  . ARG A 1 13  ? -5.216  0.200   -9.333  1.00 4.45  ? 6   ARG A CD  1 
ATOM   104  N NE  . ARG A 1 13  ? -6.287  -0.456  -8.595  1.00 4.60  ? 6   ARG A NE  1 
ATOM   105  C CZ  . ARG A 1 13  ? -7.380  -0.958  -9.156  1.00 4.01  ? 6   ARG A CZ  1 
ATOM   106  N NH1 . ARG A 1 13  ? -7.579  -0.872  -10.469 1.00 2.93  ? 6   ARG A NH1 1 
ATOM   107  N NH2 . ARG A 1 13  ? -8.292  -1.520  -8.387  1.00 4.65  ? 6   ARG A NH2 1 
ATOM   108  N N   . LYS A 1 14  ? -1.734  4.410   -9.212  1.00 3.54  ? 7   LYS A N   1 
ATOM   109  C CA  . LYS A 1 14  ? -1.084  5.479   -9.946  1.00 3.92  ? 7   LYS A CA  1 
ATOM   110  C C   . LYS A 1 14  ? 0.232   5.904   -9.284  1.00 3.98  ? 7   LYS A C   1 
ATOM   111  O O   . LYS A 1 14  ? 1.273   5.955   -9.943  1.00 4.05  ? 7   LYS A O   1 
ATOM   112  C CB  . LYS A 1 14  ? -2.026  6.679   -10.092 1.00 4.14  ? 7   LYS A CB  1 
ATOM   113  C CG  . LYS A 1 14  ? -3.223  6.412   -10.940 1.00 5.72  ? 7   LYS A CG  1 
ATOM   114  C CD  . LYS A 1 14  ? -3.946  7.701   -11.372 1.00 9.28  ? 7   LYS A CD  1 
ATOM   115  C CE  . LYS A 1 14  ? -5.075  7.352   -12.353 1.00 13.01 ? 7   LYS A CE  1 
ATOM   116  N NZ  . LYS A 1 14  ? -5.848  8.521   -12.916 1.00 15.56 ? 7   LYS A NZ  1 
ATOM   117  N N   . MET A 1 15  ? 0.189   6.175   -7.991  1.00 3.38  ? 8   MET A N   1 
ATOM   118  C CA  . MET A 1 15  ? 1.374   6.660   -7.268  1.00 3.70  ? 8   MET A CA  1 
ATOM   119  C C   . MET A 1 15  ? 2.566   5.715   -7.316  1.00 3.98  ? 8   MET A C   1 
ATOM   120  O O   . MET A 1 15  ? 3.707   6.173   -7.397  1.00 3.95  ? 8   MET A O   1 
ATOM   121  C CB  . MET A 1 15  ? 1.056   6.998   -5.817  1.00 3.38  ? 8   MET A CB  1 
ATOM   122  C CG  . MET A 1 15  ? 2.220   7.724   -5.143  1.00 4.66  ? 8   MET A CG  1 
ATOM   123  S SD  . MET A 1 15  ? 2.017   7.924   -3.379  1.00 4.70  ? 8   MET A SD  1 
ATOM   124  C CE  . MET A 1 15  ? 0.784   9.225   -3.278  1.00 2.97  ? 8   MET A CE  1 
ATOM   125  N N   . ILE A 1 16  ? 2.318   4.409   -7.281  1.00 4.29  ? 9   ILE A N   1 
ATOM   126  C CA  . ILE A 1 16  ? 3.409   3.437   -7.285  1.00 4.46  ? 9   ILE A CA  1 
ATOM   127  C C   . ILE A 1 16  ? 4.234   3.534   -8.584  1.00 4.56  ? 9   ILE A C   1 
ATOM   128  O O   . ILE A 1 16  ? 5.439   3.231   -8.594  1.00 4.88  ? 9   ILE A O   1 
ATOM   129  C CB  . ILE A 1 16  ? 2.920   1.995   -7.012  1.00 4.61  ? 9   ILE A CB  1 
ATOM   130  C CG1 . ILE A 1 16  ? 4.101   1.065   -6.672  1.00 4.96  ? 9   ILE A CG1 1 
ATOM   131  C CG2 . ILE A 1 16  ? 2.154   1.447   -8.220  1.00 4.52  ? 9   ILE A CG2 1 
ATOM   132  C CD1 . ILE A 1 16  ? 4.986   1.524   -5.485  1.00 5.16  ? 9   ILE A CD1 1 
ATOM   133  N N   . LYS A 1 17  ? 3.600   4.002   -9.666  1.00 4.16  ? 10  LYS A N   1 
ATOM   134  C CA  . LYS A 1 17  ? 4.303   4.222   -10.927 1.00 4.59  ? 10  LYS A CA  1 
ATOM   135  C C   . LYS A 1 17  ? 5.295   5.378   -10.880 1.00 4.14  ? 10  LYS A C   1 
ATOM   136  O O   . LYS A 1 17  ? 6.112   5.521   -11.773 1.00 4.66  ? 10  LYS A O   1 
ATOM   137  C CB  . LYS A 1 17  ? 3.309   4.466   -12.067 1.00 4.32  ? 10  LYS A CB  1 
ATOM   138  C CG  . LYS A 1 17  ? 2.357   3.317   -12.335 1.00 6.78  ? 10  LYS A CG  1 
ATOM   139  C CD  . LYS A 1 17  ? 1.424   3.744   -13.452 1.00 9.99  ? 10  LYS A CD  1 
ATOM   140  C CE  . LYS A 1 17  ? 0.314   2.782   -13.666 1.00 13.02 ? 10  LYS A CE  1 
ATOM   141  N NZ  . LYS A 1 17  ? -0.338  3.080   -14.991 1.00 17.17 ? 10  LYS A NZ  1 
ATOM   142  N N   . CYS A 1 18  ? 5.230   6.206   -9.845  1.00 5.22  ? 11  CYS A N   1 
ATOM   143  C CA  . CYS A 1 18  ? 6.241   7.227   -9.641  1.00 5.41  ? 11  CYS A CA  1 
ATOM   144  C C   . CYS A 1 18  ? 7.638   6.605   -9.497  1.00 6.17  ? 11  CYS A C   1 
ATOM   145  O O   . CYS A 1 18  ? 8.641   7.208   -9.895  1.00 6.29  ? 11  CYS A O   1 
ATOM   146  C CB  . CYS A 1 18  ? 5.928   8.036   -8.383  1.00 5.26  ? 11  CYS A CB  1 
ATOM   147  S SG  . CYS A 1 18  ? 4.420   8.980   -8.411  1.00 4.91  ? 11  CYS A SG  1 
ATOM   148  N N   . VAL A 1 19  ? 7.690   5.405   -8.914  1.00 6.96  ? 12  VAL A N   1 
ATOM   149  C CA  . VAL A 1 19  ? 8.959   4.758   -8.576  1.00 7.80  ? 12  VAL A CA  1 
ATOM   150  C C   . VAL A 1 19  ? 9.192   3.355   -9.143  1.00 7.95  ? 12  VAL A C   1 
ATOM   151  O O   . VAL A 1 19  ? 10.338  2.916   -9.223  1.00 8.14  ? 12  VAL A O   1 
ATOM   152  C CB  . VAL A 1 19  ? 9.199   4.717   -7.026  1.00 7.96  ? 12  VAL A CB  1 
ATOM   153  C CG1 . VAL A 1 19  ? 9.354   6.123   -6.483  1.00 8.29  ? 12  VAL A CG1 1 
ATOM   154  C CG2 . VAL A 1 19  ? 8.110   3.931   -6.279  1.00 7.92  ? 12  VAL A CG2 1 
ATOM   155  N N   . ILE A 1 20  ? 8.129   2.628   -9.479  1.00 7.81  ? 13  ILE A N   1 
ATOM   156  C CA  . ILE A 1 20  ? 8.271   1.285   -10.063 1.00 7.92  ? 13  ILE A CA  1 
ATOM   157  C C   . ILE A 1 20  ? 7.853   1.350   -11.533 1.00 7.83  ? 13  ILE A C   1 
ATOM   158  O O   . ILE A 1 20  ? 6.720   1.689   -11.824 1.00 8.73  ? 13  ILE A O   1 
ATOM   159  C CB  . ILE A 1 20  ? 7.392   0.224   -9.332  1.00 8.22  ? 13  ILE A CB  1 
ATOM   160  C CG1 . ILE A 1 20  ? 7.553   0.300   -7.810  1.00 8.66  ? 13  ILE A CG1 1 
ATOM   161  C CG2 . ILE A 1 20  ? 7.726   -1.176  -9.837  1.00 7.44  ? 13  ILE A CG2 1 
ATOM   162  C CD1 . ILE A 1 20  ? 8.986   0.092   -7.307  1.00 7.80  ? 13  ILE A CD1 1 
ATOM   163  N N   . PRO A 1 21  ? 8.754   0.993   -12.469 1.00 8.34  ? 14  PRO A N   1 
ATOM   164  C CA  . PRO A 1 21  ? 8.430   1.042   -13.900 1.00 8.82  ? 14  PRO A CA  1 
ATOM   165  C C   . PRO A 1 21  ? 7.475   -0.072  -14.331 1.00 9.67  ? 14  PRO A C   1 
ATOM   166  O O   . PRO A 1 21  ? 7.329   -1.055  -13.613 1.00 10.06 ? 14  PRO A O   1 
ATOM   167  C CB  . PRO A 1 21  ? 9.800   0.888   -14.566 1.00 8.92  ? 14  PRO A CB  1 
ATOM   168  C CG  . PRO A 1 21  ? 10.592  0.103   -13.593 1.00 8.92  ? 14  PRO A CG  1 
ATOM   169  C CD  . PRO A 1 21  ? 10.143  0.552   -12.241 1.00 9.06  ? 14  PRO A CD  1 
ATOM   170  N N   . GLY A 1 22  ? 6.827   0.096   -15.486 1.00 10.43 ? 15  GLY A N   1 
ATOM   171  C CA  . GLY A 1 22  ? 5.927   -0.930  -16.051 1.00 11.38 ? 15  GLY A CA  1 
ATOM   172  C C   . GLY A 1 22  ? 4.485   -0.455  -16.139 1.00 11.51 ? 15  GLY A C   1 
ATOM   173  O O   . GLY A 1 22  ? 4.152   0.585   -15.593 1.00 11.76 ? 15  GLY A O   1 
ATOM   174  N N   . SER A 1 23  ? 3.618   -1.214  -16.815 1.00 12.65 ? 16  SER A N   1 
ATOM   175  C CA  . SER A 1 23  ? 2.242   -0.727  -17.078 1.00 12.89 ? 16  SER A CA  1 
ATOM   176  C C   . SER A 1 23  ? 1.303   -0.756  -15.850 1.00 12.56 ? 16  SER A C   1 
ATOM   177  O O   . SER A 1 23  ? 0.540   0.203   -15.615 1.00 13.64 ? 16  SER A O   1 
ATOM   178  C CB  . SER A 1 23  ? 1.603   -1.467  -18.270 1.00 13.54 ? 16  SER A CB  1 
ATOM   179  O OG  . SER A 1 23  ? 1.359   -2.844  -18.015 1.00 13.71 ? 16  SER A OG  1 
ATOM   180  N N   . ASP A 1 24  ? 1.368   -1.853  -15.100 1.00 10.45 ? 17  ASP A N   1 
ATOM   181  C CA  . ASP A 1 24  ? 0.492   -2.114  -13.939 1.00 9.99  ? 17  ASP A CA  1 
ATOM   182  C C   . ASP A 1 24  ? 1.289   -2.691  -12.777 1.00 8.99  ? 17  ASP A C   1 
ATOM   183  O O   . ASP A 1 24  ? 1.013   -3.810  -12.315 1.00 8.61  ? 17  ASP A O   1 
ATOM   184  C CB  . ASP A 1 24  ? -0.595  -3.129  -14.316 1.00 9.91  ? 17  ASP A CB  1 
ATOM   185  C CG  . ASP A 1 24  ? -1.630  -2.566  -15.253 1.00 11.72 ? 17  ASP A CG  1 
ATOM   186  O OD1 . ASP A 1 24  ? -2.084  -1.428  -15.025 1.00 11.57 ? 17  ASP A OD1 1 
ATOM   187  O OD2 . ASP A 1 24  ? -2.015  -3.288  -16.203 1.00 13.81 ? 17  ASP A OD2 1 
ATOM   188  N N   . PRO A 1 25  ? 2.280   -1.940  -12.284 1.00 8.11  ? 18  PRO A N   1 
ATOM   189  C CA  . PRO A 1 25  ? 3.107   -2.480  -11.208 1.00 8.12  ? 18  PRO A CA  1 
ATOM   190  C C   . PRO A 1 25  ? 2.348   -2.786  -9.906  1.00 7.67  ? 18  PRO A C   1 
ATOM   191  O O   . PRO A 1 25  ? 2.811   -3.618  -9.120  1.00 7.88  ? 18  PRO A O   1 
ATOM   192  C CB  . PRO A 1 25  ? 4.178   -1.392  -11.006 1.00 8.25  ? 18  PRO A CB  1 
ATOM   193  C CG  . PRO A 1 25  ? 3.570   -0.162  -11.572 1.00 8.33  ? 18  PRO A CG  1 
ATOM   194  C CD  . PRO A 1 25  ? 2.746   -0.606  -12.708 1.00 8.03  ? 18  PRO A CD  1 
ATOM   195  N N   . PHE A 1 26  ? 1.194   -2.163  -9.666  1.00 6.81  ? 19  PHE A N   1 
ATOM   196  C CA  . PHE A 1 26  ? 0.472   -2.441  -8.397  1.00 6.39  ? 19  PHE A CA  1 
ATOM   197  C C   . PHE A 1 26  ? 0.231   -3.932  -8.180  1.00 6.81  ? 19  PHE A C   1 
ATOM   198  O O   . PHE A 1 26  ? 0.230   -4.417  -7.043  1.00 6.73  ? 19  PHE A O   1 
ATOM   199  C CB  . PHE A 1 26  ? -0.845  -1.644  -8.281  1.00 6.27  ? 19  PHE A CB  1 
ATOM   200  C CG  . PHE A 1 26  ? -2.028  -2.240  -9.026  1.00 4.30  ? 19  PHE A CG  1 
ATOM   201  C CD1 . PHE A 1 26  ? -2.997  -2.975  -8.360  1.00 4.47  ? 19  PHE A CD1 1 
ATOM   202  C CD2 . PHE A 1 26  ? -2.183  -2.030  -10.392 1.00 4.21  ? 19  PHE A CD2 1 
ATOM   203  C CE1 . PHE A 1 26  ? -4.091  -3.489  -9.024  1.00 4.53  ? 19  PHE A CE1 1 
ATOM   204  C CE2 . PHE A 1 26  ? -3.263  -2.546  -11.073 1.00 5.43  ? 19  PHE A CE2 1 
ATOM   205  C CZ  . PHE A 1 26  ? -4.225  -3.280  -10.395 1.00 4.79  ? 19  PHE A CZ  1 
ATOM   206  N N   . LEU A 1 27  ? -0.018  -4.655  -9.264  1.00 6.41  ? 20  LEU A N   1 
ATOM   207  C CA  . LEU A 1 27  ? -0.282  -6.089  -9.161  1.00 7.22  ? 20  LEU A CA  1 
ATOM   208  C C   . LEU A 1 27  ? 0.854   -6.846  -8.486  1.00 6.93  ? 20  LEU A C   1 
ATOM   209  O O   . LEU A 1 27  ? 0.607   -7.812  -7.785  1.00 7.76  ? 20  LEU A O   1 
ATOM   210  C CB  . LEU A 1 27  ? -0.504  -6.695  -10.533 1.00 7.31  ? 20  LEU A CB  1 
ATOM   211  C CG  . LEU A 1 27  ? -1.901  -6.447  -11.071 1.00 10.56 ? 20  LEU A CG  1 
ATOM   212  C CD1 . LEU A 1 27  ? -1.814  -6.458  -12.566 1.00 13.95 ? 20  LEU A CD1 1 
ATOM   213  C CD2 . LEU A 1 27  ? -2.863  -7.510  -10.514 1.00 11.68 ? 20  LEU A CD2 1 
ATOM   214  N N   A GLU A 1 28  ? 2.085   -6.381  -8.700  0.50 7.11  ? 21  GLU A N   1 
ATOM   215  N N   B GLU A 1 28  ? 2.089   -6.398  -8.684  0.50 7.21  ? 21  GLU A N   1 
ATOM   216  C CA  A GLU A 1 28  ? 3.277   -7.005  -8.113  0.50 7.01  ? 21  GLU A CA  1 
ATOM   217  C CA  B GLU A 1 28  ? 3.240   -7.081  -8.093  0.50 7.17  ? 21  GLU A CA  1 
ATOM   218  C C   A GLU A 1 28  ? 3.298   -6.896  -6.586  0.50 6.76  ? 21  GLU A C   1 
ATOM   219  C C   B GLU A 1 28  ? 3.339   -6.872  -6.576  0.50 6.86  ? 21  GLU A C   1 
ATOM   220  O O   A GLU A 1 28  ? 3.934   -7.713  -5.911  0.50 6.90  ? 21  GLU A O   1 
ATOM   221  O O   B GLU A 1 28  ? 4.084   -7.588  -5.898  0.50 6.93  ? 21  GLU A O   1 
ATOM   222  C CB  A GLU A 1 28  ? 4.548   -6.356  -8.679  0.50 7.21  ? 21  GLU A CB  1 
ATOM   223  C CB  B GLU A 1 28  ? 4.529   -6.610  -8.756  0.50 7.42  ? 21  GLU A CB  1 
ATOM   224  C CG  A GLU A 1 28  ? 4.668   -6.434  -10.195 0.50 9.16  ? 21  GLU A CG  1 
ATOM   225  C CG  B GLU A 1 28  ? 4.604   -6.876  -10.254 0.50 9.66  ? 21  GLU A CG  1 
ATOM   226  C CD  A GLU A 1 28  ? 4.932   -7.842  -10.664 0.50 10.62 ? 21  GLU A CD  1 
ATOM   227  C CD  B GLU A 1 28  ? 5.819   -6.224  -10.876 0.50 11.98 ? 21  GLU A CD  1 
ATOM   228  O OE1 A GLU A 1 28  ? 6.097   -8.290  -10.587 0.50 12.58 ? 21  GLU A OE1 1 
ATOM   229  O OE1 B GLU A 1 28  ? 6.159   -5.088  -10.470 0.50 14.55 ? 21  GLU A OE1 1 
ATOM   230  O OE2 A GLU A 1 28  ? 3.978   -8.500  -11.100 0.50 10.81 ? 21  GLU A OE2 1 
ATOM   231  O OE2 B GLU A 1 28  ? 6.446   -6.848  -11.762 0.50 14.40 ? 21  GLU A OE2 1 
ATOM   232  N N   . TYR A 1 29  ? 2.606   -5.884  -6.061  1.00 6.56  ? 22  TYR A N   1 
ATOM   233  C CA  . TYR A 1 29  ? 2.625   -5.510  -4.645  1.00 6.29  ? 22  TYR A CA  1 
ATOM   234  C C   . TYR A 1 29  ? 1.393   -5.966  -3.870  1.00 6.09  ? 22  TYR A C   1 
ATOM   235  O O   . TYR A 1 29  ? 1.200   -5.575  -2.719  1.00 7.45  ? 22  TYR A O   1 
ATOM   236  C CB  . TYR A 1 29  ? 2.859   -3.982  -4.532  1.00 5.89  ? 22  TYR A CB  1 
ATOM   237  C CG  . TYR A 1 29  ? 4.269   -3.658  -4.951  1.00 6.57  ? 22  TYR A CG  1 
ATOM   238  C CD1 . TYR A 1 29  ? 5.307   -3.659  -4.032  1.00 9.05  ? 22  TYR A CD1 1 
ATOM   239  C CD2 . TYR A 1 29  ? 4.591   -3.499  -6.292  1.00 8.16  ? 22  TYR A CD2 1 
ATOM   240  C CE1 . TYR A 1 29  ? 6.617   -3.445  -4.424  1.00 7.76  ? 22  TYR A CE1 1 
ATOM   241  C CE2 . TYR A 1 29  ? 5.888   -3.286  -6.698  1.00 7.68  ? 22  TYR A CE2 1 
ATOM   242  C CZ  . TYR A 1 29  ? 6.908   -3.257  -5.752  1.00 8.22  ? 22  TYR A CZ  1 
ATOM   243  O OH  . TYR A 1 29  ? 8.217   -3.073  -6.120  1.00 7.06  ? 22  TYR A OH  1 
ATOM   244  N N   . ASN A 1 30  ? 0.582   -6.824  -4.475  1.00 5.66  ? 23  ASN A N   1 
ATOM   245  C CA  . ASN A 1 30  ? -0.503  -7.460  -3.766  1.00 5.08  ? 23  ASN A CA  1 
ATOM   246  C C   . ASN A 1 30  ? -0.155  -8.928  -3.560  1.00 5.31  ? 23  ASN A C   1 
ATOM   247  O O   . ASN A 1 30  ? 0.393   -9.575  -4.457  1.00 4.92  ? 23  ASN A O   1 
ATOM   248  C CB  . ASN A 1 30  ? -1.823  -7.320  -4.529  1.00 4.96  ? 23  ASN A CB  1 
ATOM   249  C CG  . ASN A 1 30  ? -2.411  -5.912  -4.447  1.00 5.45  ? 23  ASN A CG  1 
ATOM   250  O OD1 . ASN A 1 30  ? -3.243  -5.623  -3.568  1.00 6.61  ? 23  ASN A OD1 1 
ATOM   251  N ND2 . ASN A 1 30  ? -1.972  -5.019  -5.345  1.00 2.44  ? 23  ASN A ND2 1 
ATOM   252  N N   . ASN A 1 31  ? -0.481  -9.445  -2.381  1.00 4.49  ? 24  ASN A N   1 
ATOM   253  C CA  . ASN A 1 31  ? -0.331  -10.876 -2.121  1.00 5.02  ? 24  ASN A CA  1 
ATOM   254  C C   . ASN A 1 31  ? 1.096   -11.373 -2.388  1.00 5.03  ? 24  ASN A C   1 
ATOM   255  O O   . ASN A 1 31  ? 1.377   -12.180 -3.268  1.00 4.90  ? 24  ASN A O   1 
ATOM   256  C CB  . ASN A 1 31  ? -1.416  -11.666 -2.851  1.00 4.98  ? 24  ASN A CB  1 
ATOM   257  C CG  . ASN A 1 31  ? -2.804  -11.328 -2.323  1.00 6.95  ? 24  ASN A CG  1 
ATOM   258  O OD1 . ASN A 1 31  ? -3.395  -10.292 -2.689  1.00 9.97  ? 24  ASN A OD1 1 
ATOM   259  N ND2 . ASN A 1 31  ? -3.319  -12.174 -1.420  1.00 8.44  ? 24  ASN A ND2 1 
ATOM   260  N N   . TYR A 1 32  ? 1.970   -10.872 -1.533  1.00 5.24  ? 25  TYR A N   1 
ATOM   261  C CA  . TYR A 1 32  ? 3.394   -11.104 -1.548  1.00 5.04  ? 25  TYR A CA  1 
ATOM   262  C C   . TYR A 1 32  ? 3.790   -11.148 -0.081  1.00 5.08  ? 25  TYR A C   1 
ATOM   263  O O   . TYR A 1 32  ? 3.338   -10.320 0.710   1.00 5.30  ? 25  TYR A O   1 
ATOM   264  C CB  . TYR A 1 32  ? 4.070   -9.920  -2.233  1.00 5.51  ? 25  TYR A CB  1 
ATOM   265  C CG  . TYR A 1 32  ? 5.591   -9.893  -2.216  1.00 3.89  ? 25  TYR A CG  1 
ATOM   266  C CD1 . TYR A 1 32  ? 6.324   -10.101 -3.389  1.00 5.68  ? 25  TYR A CD1 1 
ATOM   267  C CD2 . TYR A 1 32  ? 6.304   -9.609  -1.041  1.00 5.14  ? 25  TYR A CD2 1 
ATOM   268  C CE1 . TYR A 1 32  ? 7.725   -10.039 -3.390  1.00 5.70  ? 25  TYR A CE1 1 
ATOM   269  C CE2 . TYR A 1 32  ? 7.695   -9.544  -1.031  1.00 3.64  ? 25  TYR A CE2 1 
ATOM   270  C CZ  . TYR A 1 32  ? 8.399   -9.756  -2.211  1.00 4.79  ? 25  TYR A CZ  1 
ATOM   271  O OH  . TYR A 1 32  ? 9.773   -9.692  -2.218  1.00 5.84  ? 25  TYR A OH  1 
ATOM   272  N N   . GLY A 1 33  ? 4.632   -12.104 0.281   1.00 5.23  ? 26  GLY A N   1 
ATOM   273  C CA  . GLY A 1 33  ? 5.060   -12.234 1.673   1.00 4.78  ? 26  GLY A CA  1 
ATOM   274  C C   . GLY A 1 33  ? 3.886   -12.490 2.600   1.00 4.43  ? 26  GLY A C   1 
ATOM   275  O O   . GLY A 1 33  ? 2.846   -13.037 2.197   1.00 5.44  ? 26  GLY A O   1 
ATOM   276  N N   . CYS A 1 34  ? 4.074   -12.094 3.854   1.00 4.37  ? 27  CYS A N   1 
ATOM   277  C CA  . CYS A 1 34  ? 3.085   -12.248 4.897   1.00 4.83  ? 27  CYS A CA  1 
ATOM   278  C C   . CYS A 1 34  ? 2.135   -11.055 5.022   1.00 5.19  ? 27  CYS A C   1 
ATOM   279  O O   . CYS A 1 34  ? 1.076   -11.180 5.657   1.00 6.70  ? 27  CYS A O   1 
ATOM   280  C CB  . CYS A 1 34  ? 3.781   -12.480 6.227   1.00 4.99  ? 27  CYS A CB  1 
ATOM   281  S SG  . CYS A 1 34  ? 4.730   -14.020 6.254   1.00 5.66  ? 27  CYS A SG  1 
ATOM   282  N N   . TYR A 1 35  ? 2.502   -9.909  4.447   1.00 4.92  ? 28  TYR A N   1 
ATOM   283  C CA  . TYR A 1 35  ? 1.763   -8.669  4.709   1.00 4.66  ? 28  TYR A CA  1 
ATOM   284  C C   . TYR A 1 35  ? 1.227   -7.911  3.495   1.00 4.96  ? 28  TYR A C   1 
ATOM   285  O O   . TYR A 1 35  ? 0.440   -6.986  3.673   1.00 5.00  ? 28  TYR A O   1 
ATOM   286  C CB  . TYR A 1 35  ? 2.588   -7.723  5.589   1.00 4.47  ? 28  TYR A CB  1 
ATOM   287  C CG  . TYR A 1 35  ? 2.622   -8.209  7.004   1.00 4.03  ? 28  TYR A CG  1 
ATOM   288  C CD1 . TYR A 1 35  ? 3.610   -9.083  7.428   1.00 5.47  ? 28  TYR A CD1 1 
ATOM   289  C CD2 . TYR A 1 35  ? 1.601   -7.873  7.899   1.00 4.09  ? 28  TYR A CD2 1 
ATOM   290  C CE1 . TYR A 1 35  ? 3.601   -9.584  8.718   1.00 4.66  ? 28  TYR A CE1 1 
ATOM   291  C CE2 . TYR A 1 35  ? 1.579   -8.386  9.183   1.00 4.41  ? 28  TYR A CE2 1 
ATOM   292  C CZ  . TYR A 1 35  ? 2.599   -9.221  9.590   1.00 6.07  ? 28  TYR A CZ  1 
ATOM   293  O OH  . TYR A 1 35  ? 2.552   -9.729  10.868  1.00 4.72  ? 28  TYR A OH  1 
ATOM   294  N N   . CYS A 1 36  ? 1.629   -8.264  2.275   1.00 5.22  ? 29  CYS A N   1 
ATOM   295  C CA  . CYS A 1 36  ? 1.225   -7.438  1.141   1.00 5.33  ? 29  CYS A CA  1 
ATOM   296  C C   . CYS A 1 36  ? -0.203  -7.723  0.670   1.00 5.03  ? 29  CYS A C   1 
ATOM   297  O O   . CYS A 1 36  ? -0.756  -6.962  -0.131  1.00 5.10  ? 29  CYS A O   1 
ATOM   298  C CB  . CYS A 1 36  ? 2.212   -7.531  -0.017  1.00 5.56  ? 29  CYS A CB  1 
ATOM   299  S SG  . CYS A 1 36  ? 3.891   -6.940  0.403   1.00 5.78  ? 29  CYS A SG  1 
ATOM   300  N N   . GLY A 1 37  ? -0.794  -8.808  1.165   1.00 5.09  ? 30  GLY A N   1 
ATOM   301  C CA  . GLY A 1 37  ? -2.235  -8.985  1.031   1.00 5.04  ? 30  GLY A CA  1 
ATOM   302  C C   . GLY A 1 37  ? -2.975  -8.136  2.050   1.00 5.52  ? 30  GLY A C   1 
ATOM   303  O O   . GLY A 1 37  ? -2.379  -7.292  2.745   1.00 4.55  ? 30  GLY A O   1 
ATOM   304  N N   . LEU A 1 38  ? -4.281  -8.349  2.164   1.00 6.16  ? 31  LEU A N   1 
ATOM   305  C CA  . LEU A 1 38  ? -5.068  -7.683  3.211   1.00 6.13  ? 31  LEU A CA  1 
ATOM   306  C C   . LEU A 1 38  ? -4.520  -8.122  4.575   1.00 5.81  ? 31  LEU A C   1 
ATOM   307  O O   . LEU A 1 38  ? -4.399  -9.324  4.856   1.00 5.56  ? 31  LEU A O   1 
ATOM   308  C CB  . LEU A 1 38  ? -6.548  -8.063  3.120   1.00 6.90  ? 31  LEU A CB  1 
ATOM   309  C CG  . LEU A 1 38  ? -7.485  -7.538  4.220   1.00 8.28  ? 31  LEU A CG  1 
ATOM   310  C CD1 . LEU A 1 38  ? -7.506  -6.015  4.261   1.00 10.50 ? 31  LEU A CD1 1 
ATOM   311  C CD2 . LEU A 1 38  ? -8.862  -8.098  3.989   1.00 9.78  ? 31  LEU A CD2 1 
ATOM   312  N N   . GLY A 1 39  ? -4.194  -7.154  5.424   1.00 5.70  ? 32  GLY A N   1 
ATOM   313  C CA  . GLY A 1 39  ? -3.641  -7.479  6.734   1.00 5.38  ? 32  GLY A CA  1 
ATOM   314  C C   . GLY A 1 39  ? -2.436  -8.416  6.612   1.00 4.86  ? 32  GLY A C   1 
ATOM   315  O O   . GLY A 1 39  ? -1.605  -8.319  5.680   1.00 3.78  ? 32  GLY A O   1 
ATOM   316  N N   . GLY A 1 40  ? -2.334  -9.347  7.550   1.00 4.19  ? 33  GLY A N   1 
ATOM   317  C CA  . GLY A 1 40  ? -1.221  -10.279 7.571   1.00 4.21  ? 33  GLY A CA  1 
ATOM   318  C C   . GLY A 1 40  ? -0.942  -10.806 8.969   1.00 4.63  ? 33  GLY A C   1 
ATOM   319  O O   . GLY A 1 40  ? -1.617  -10.436 9.912   1.00 5.91  ? 33  GLY A O   1 
ATOM   320  N N   . SER A 1 41  ? 0.092   -11.638 9.084   1.00 4.24  ? 34  SER A N   1 
ATOM   321  C CA  . SER A 1 41  ? 0.460   -12.299 10.333  1.00 4.35  ? 34  SER A CA  1 
ATOM   322  C C   . SER A 1 41  ? 1.896   -12.776 10.237  1.00 4.28  ? 34  SER A C   1 
ATOM   323  O O   . SER A 1 41  ? 2.495   -12.760 9.166   1.00 4.45  ? 34  SER A O   1 
ATOM   324  C CB  . SER A 1 41  ? -0.468  -13.483 10.590  1.00 4.31  ? 34  SER A CB  1 
ATOM   325  O OG  . SER A 1 41  ? -0.452  -14.397 9.497   1.00 4.46  ? 34  SER A OG  1 
ATOM   326  N N   . GLY A 1 42  ? 2.472   -13.187 11.357  1.00 5.05  ? 35  GLY A N   1 
ATOM   327  C CA  . GLY A 1 42  ? 3.835   -13.676 11.353  1.00 5.42  ? 35  GLY A CA  1 
ATOM   328  C C   . GLY A 1 42  ? 4.859   -12.555 11.206  1.00 6.20  ? 35  GLY A C   1 
ATOM   329  O O   . GLY A 1 42  ? 4.545   -11.368 11.410  1.00 7.15  ? 35  GLY A O   1 
ATOM   330  N N   . THR A 1 43  ? 6.090   -12.932 10.891  1.00 6.73  ? 36  THR A N   1 
ATOM   331  C CA  . THR A 1 43  ? 7.160   -11.959 10.756  1.00 6.86  ? 36  THR A CA  1 
ATOM   332  C C   . THR A 1 43  ? 7.333   -11.611 9.281   1.00 6.06  ? 36  THR A C   1 
ATOM   333  O O   . THR A 1 43  ? 7.360   -12.495 8.427   1.00 5.42  ? 36  THR A O   1 
ATOM   334  C CB  . THR A 1 43  ? 8.475   -12.481 11.350  1.00 7.51  ? 36  THR A CB  1 
ATOM   335  O OG1 . THR A 1 43  ? 8.258   -12.838 12.720  1.00 9.34  ? 36  THR A OG1 1 
ATOM   336  C CG2 . THR A 1 43  ? 9.577   -11.423 11.279  1.00 8.34  ? 36  THR A CG2 1 
ATOM   337  N N   . PRO A 1 44  ? 7.441   -10.321 8.969   1.00 5.84  ? 37  PRO A N   1 
ATOM   338  C CA  . PRO A 1 44  ? 7.647   -10.017 7.550   1.00 5.52  ? 37  PRO A CA  1 
ATOM   339  C C   . PRO A 1 44  ? 8.868   -10.723 6.974   1.00 4.89  ? 37  PRO A C   1 
ATOM   340  O O   . PRO A 1 44  ? 9.910   -10.820 7.650   1.00 4.29  ? 37  PRO A O   1 
ATOM   341  C CB  . PRO A 1 44  ? 7.846   -8.507  7.546   1.00 5.48  ? 37  PRO A CB  1 
ATOM   342  C CG  . PRO A 1 44  ? 7.244   -8.029  8.801   1.00 6.57  ? 37  PRO A CG  1 
ATOM   343  C CD  . PRO A 1 44  ? 7.416   -9.101  9.796   1.00 6.22  ? 37  PRO A CD  1 
ATOM   344  N N   . VAL A 1 45  ? 8.749   -11.224 5.743   1.00 4.58  ? 38  VAL A N   1 
ATOM   345  C CA  . VAL A 1 45  ? 9.759   -12.139 5.190   1.00 4.60  ? 38  VAL A CA  1 
ATOM   346  C C   . VAL A 1 45  ? 10.949  -11.425 4.576   1.00 4.14  ? 38  VAL A C   1 
ATOM   347  O O   . VAL A 1 45  ? 12.031  -12.024 4.441   1.00 5.34  ? 38  VAL A O   1 
ATOM   348  C CB  . VAL A 1 45  ? 9.189   -13.097 4.131   1.00 4.66  ? 38  VAL A CB  1 
ATOM   349  C CG1 . VAL A 1 45  ? 8.199   -14.052 4.797   1.00 8.09  ? 38  VAL A CG1 1 
ATOM   350  C CG2 . VAL A 1 45  ? 8.612   -12.343 2.908   1.00 3.02  ? 38  VAL A CG2 1 
ATOM   351  N N   . ASP A 1 46  ? 10.756  -10.173 4.199   1.00 3.96  ? 39  ASP A N   1 
ATOM   352  C CA  . ASP A 1 46  ? 11.817  -9.356  3.615   1.00 3.16  ? 39  ASP A CA  1 
ATOM   353  C C   . ASP A 1 46  ? 11.494  -7.858  3.757   1.00 3.95  ? 39  ASP A C   1 
ATOM   354  O O   . ASP A 1 46  ? 10.496  -7.487  4.387   1.00 3.10  ? 39  ASP A O   1 
ATOM   355  C CB  . ASP A 1 46  ? 12.118  -9.765  2.147   1.00 3.28  ? 39  ASP A CB  1 
ATOM   356  C CG  . ASP A 1 46  ? 10.955  -9.532  1.192   1.00 5.23  ? 39  ASP A CG  1 
ATOM   357  O OD1 . ASP A 1 46  ? 9.986   -8.805  1.513   1.00 3.81  ? 39  ASP A OD1 1 
ATOM   358  O OD2 . ASP A 1 46  ? 11.040  -10.079 0.071   1.00 7.16  ? 39  ASP A OD2 1 
ATOM   359  N N   . GLU A 1 47  ? 12.330  -7.006  3.181   1.00 4.63  ? 40  GLU A N   1 
ATOM   360  C CA  . GLU A 1 47  ? 12.169  -5.557  3.328   1.00 4.71  ? 40  GLU A CA  1 
ATOM   361  C C   . GLU A 1 47  ? 10.895  -5.043  2.672   1.00 4.58  ? 40  GLU A C   1 
ATOM   362  O O   . GLU A 1 47  ? 10.200  -4.215  3.240   1.00 4.05  ? 40  GLU A O   1 
ATOM   363  C CB  . GLU A 1 47  ? 13.397  -4.830  2.761   1.00 5.43  ? 40  GLU A CB  1 
ATOM   364  C CG  . GLU A 1 47  ? 14.671  -5.103  3.565   1.00 7.25  ? 40  GLU A CG  1 
ATOM   365  C CD  . GLU A 1 47  ? 14.463  -4.721  4.999   1.00 12.11 ? 40  GLU A CD  1 
ATOM   366  O OE1 . GLU A 1 47  ? 14.202  -3.526  5.242   1.00 20.03 ? 40  GLU A OE1 1 
ATOM   367  O OE2 . GLU A 1 47  ? 14.441  -5.609  5.870   1.00 12.20 ? 40  GLU A OE2 1 
ATOM   368  N N   . LEU A 1 48  ? 10.582  -5.573  1.497   1.00 4.97  ? 41  LEU A N   1 
ATOM   369  C CA  . LEU A 1 48  ? 9.365   -5.222  0.785   1.00 4.42  ? 41  LEU A CA  1 
ATOM   370  C C   . LEU A 1 48  ? 8.150   -5.562  1.662   1.00 4.51  ? 41  LEU A C   1 
ATOM   371  O O   . LEU A 1 48  ? 7.250   -4.745  1.811   1.00 4.48  ? 41  LEU A O   1 
ATOM   372  C CB  . LEU A 1 48  ? 9.317   -5.945  -0.577  1.00 4.14  ? 41  LEU A CB  1 
ATOM   373  C CG  . LEU A 1 48  ? 8.300   -5.523  -1.636  1.00 4.98  ? 41  LEU A CG  1 
ATOM   374  C CD1 . LEU A 1 48  ? 8.723   -6.079  -3.011  1.00 5.63  ? 41  LEU A CD1 1 
ATOM   375  C CD2 . LEU A 1 48  ? 6.837   -5.933  -1.285  1.00 5.90  ? 41  LEU A CD2 1 
ATOM   376  N N   . ASP A 1 49  ? 8.143   -6.760  2.250   1.00 4.66  ? 42  ASP A N   1 
ATOM   377  C CA  . ASP A 1 49  ? 7.054   -7.189  3.136   1.00 4.71  ? 42  ASP A CA  1 
ATOM   378  C C   . ASP A 1 49  ? 6.908   -6.230  4.329   1.00 4.56  ? 42  ASP A C   1 
ATOM   379  O O   . ASP A 1 49  ? 5.790   -5.906  4.757   1.00 4.18  ? 42  ASP A O   1 
ATOM   380  C CB  . ASP A 1 49  ? 7.322   -8.620  3.618   1.00 4.72  ? 42  ASP A CB  1 
ATOM   381  C CG  . ASP A 1 49  ? 6.070   -9.403  3.944   1.00 4.90  ? 42  ASP A CG  1 
ATOM   382  O OD1 . ASP A 1 49  ? 4.943   -8.963  3.611   1.00 4.16  ? 42  ASP A OD1 1 
ATOM   383  O OD2 . ASP A 1 49  ? 6.220   -10.488 4.538   1.00 6.38  ? 42  ASP A OD2 1 
ATOM   384  N N   . LYS A 1 50  ? 8.039   -5.793  4.894   1.00 4.43  ? 43  LYS A N   1 
ATOM   385  C CA  . LYS A 1 50  ? 8.013   -4.799  5.986   1.00 4.48  ? 43  LYS A CA  1 
ATOM   386  C C   . LYS A 1 50  ? 7.319   -3.516  5.547   1.00 4.53  ? 43  LYS A C   1 
ATOM   387  O O   . LYS A 1 50  ? 6.530   -2.947  6.293   1.00 4.09  ? 43  LYS A O   1 
ATOM   388  C CB  . LYS A 1 50  ? 9.426   -4.463  6.492   1.00 4.88  ? 43  LYS A CB  1 
ATOM   389  C CG  . LYS A 1 50  ? 10.101  -5.536  7.318   1.00 7.94  ? 43  LYS A CG  1 
ATOM   390  C CD  . LYS A 1 50  ? 11.479  -5.031  7.746   1.00 11.05 ? 43  LYS A CD  1 
ATOM   391  C CE  . LYS A 1 50  ? 12.383  -6.131  8.241   1.00 13.06 ? 43  LYS A CE  1 
ATOM   392  N NZ  . LYS A 1 50  ? 13.714  -5.552  8.596   1.00 13.35 ? 43  LYS A NZ  1 
ATOM   393  N N   . CYS A 1 51  ? 7.609   -3.072  4.325   1.00 4.70  ? 44  CYS A N   1 
ATOM   394  C CA  . CYS A 1 51  ? 6.904   -1.909  3.766   1.00 4.82  ? 44  CYS A CA  1 
ATOM   395  C C   . CYS A 1 51  ? 5.374   -2.107  3.740   1.00 4.30  ? 44  CYS A C   1 
ATOM   396  O O   . CYS A 1 51  ? 4.613   -1.201  4.069   1.00 5.02  ? 44  CYS A O   1 
ATOM   397  C CB  . CYS A 1 51  ? 7.360   -1.621  2.332   1.00 4.85  ? 44  CYS A CB  1 
ATOM   398  S SG  . CYS A 1 51  ? 9.100   -1.191  2.106   1.00 5.66  ? 44  CYS A SG  1 
ATOM   399  N N   . CYS A 1 52  ? 4.941   -3.300  3.350   1.00 4.43  ? 45  CYS A N   1 
ATOM   400  C CA  . CYS A 1 52  ? 3.523   -3.654  3.337   1.00 3.99  ? 45  CYS A CA  1 
ATOM   401  C C   . CYS A 1 52  ? 2.906   -3.617  4.727   1.00 3.90  ? 45  CYS A C   1 
ATOM   402  O O   . CYS A 1 52  ? 1.812   -3.100  4.907   1.00 4.12  ? 45  CYS A O   1 
ATOM   403  C CB  . CYS A 1 52  ? 3.309   -5.032  2.708   1.00 4.51  ? 45  CYS A CB  1 
ATOM   404  S SG  . CYS A 1 52  ? 3.629   -5.004  0.927   1.00 5.32  ? 45  CYS A SG  1 
ATOM   405  N N   . GLN A 1 53  ? 3.600   -4.176  5.710   1.00 3.96  ? 46  GLN A N   1 
ATOM   406  C CA  . GLN A 1 53  ? 3.081   -4.155  7.077   1.00 4.60  ? 46  GLN A CA  1 
ATOM   407  C C   . GLN A 1 53  ? 2.837   -2.716  7.542   1.00 4.71  ? 46  GLN A C   1 
ATOM   408  O O   . GLN A 1 53  ? 1.796   -2.403  8.130   1.00 4.72  ? 46  GLN A O   1 
ATOM   409  C CB  . GLN A 1 53  ? 4.054   -4.880  7.987   1.00 4.95  ? 46  GLN A CB  1 
ATOM   410  C CG  . GLN A 1 53  ? 3.688   -4.905  9.443   1.00 4.86  ? 46  GLN A CG  1 
ATOM   411  C CD  . GLN A 1 53  ? 4.763   -5.563  10.292  1.00 8.17  ? 46  GLN A CD  1 
ATOM   412  O OE1 . GLN A 1 53  ? 5.950   -5.281  10.139  1.00 10.11 ? 46  GLN A OE1 1 
ATOM   413  N NE2 . GLN A 1 53  ? 4.345   -6.442  11.197  1.00 7.56  ? 46  GLN A NE2 1 
ATOM   414  N N   . THR A 1 54  ? 3.819   -1.851  7.306   1.00 4.62  ? 47  THR A N   1 
ATOM   415  C CA  . THR A 1 54  ? 3.709   -0.455  7.688   1.00 4.52  ? 47  THR A CA  1 
ATOM   416  C C   . THR A 1 54  ? 2.545   0.233   6.956   1.00 3.91  ? 47  THR A C   1 
ATOM   417  O O   . THR A 1 54  ? 1.791   1.003   7.550   1.00 4.25  ? 47  THR A O   1 
ATOM   418  C CB  . THR A 1 54  ? 5.051   0.237   7.430   1.00 4.08  ? 47  THR A CB  1 
ATOM   419  O OG1 . THR A 1 54  ? 6.057   -0.440  8.204   1.00 5.96  ? 47  THR A OG1 1 
ATOM   420  C CG2 . THR A 1 54  ? 4.994   1.721   7.797   1.00 6.05  ? 47  THR A CG2 1 
ATOM   421  N N   . HIS A 1 55  ? 2.401   -0.065  5.664   1.00 4.10  ? 48  HIS A N   1 
ATOM   422  C CA  . HIS A 1 55  ? 1.321   0.484   4.831   1.00 3.83  ? 48  HIS A CA  1 
ATOM   423  C C   . HIS A 1 55  ? -0.042  0.078   5.384   1.00 3.88  ? 48  HIS A C   1 
ATOM   424  O O   . HIS A 1 55  ? -0.930  0.916   5.547   1.00 4.14  ? 48  HIS A O   1 
ATOM   425  C CB  . HIS A 1 55  ? 1.525   -0.023  3.404   1.00 3.85  ? 48  HIS A CB  1 
ATOM   426  C CG  . HIS A 1 55  ? 0.748   0.700   2.349   1.00 3.93  ? 48  HIS A CG  1 
ATOM   427  N ND1 . HIS A 1 55  ? 0.508   0.133   1.114   1.00 4.18  ? 48  HIS A ND1 1 
ATOM   428  C CD2 . HIS A 1 55  ? 0.227   1.948   2.299   1.00 4.24  ? 48  HIS A CD2 1 
ATOM   429  C CE1 . HIS A 1 55  ? -0.158  0.988   0.361   1.00 4.72  ? 48  HIS A CE1 1 
ATOM   430  N NE2 . HIS A 1 55  ? -0.338  2.103   1.052   1.00 3.23  ? 48  HIS A NE2 1 
ATOM   431  N N   . ASP A 1 56  ? -0.189  -1.212  5.696   1.00 3.89  ? 49  ASP A N   1 
ATOM   432  C CA  . ASP A 1 56  ? -1.369  -1.722  6.375   1.00 3.99  ? 49  ASP A CA  1 
ATOM   433  C C   . ASP A 1 56  ? -1.638  -1.035  7.708   1.00 4.09  ? 49  ASP A C   1 
ATOM   434  O O   . ASP A 1 56  ? -2.782  -0.669  7.993   1.00 4.55  ? 49  ASP A O   1 
ATOM   435  C CB  . ASP A 1 56  ? -1.223  -3.223  6.630   1.00 3.77  ? 49  ASP A CB  1 
ATOM   436  C CG  . ASP A 1 56  ? -1.428  -4.069  5.385   1.00 4.88  ? 49  ASP A CG  1 
ATOM   437  O OD1 . ASP A 1 56  ? -1.697  -3.546  4.278   1.00 7.36  ? 49  ASP A OD1 1 
ATOM   438  O OD2 . ASP A 1 56  ? -1.313  -5.306  5.526   1.00 5.26  ? 49  ASP A OD2 1 
ATOM   439  N N   . ASN A 1 57  ? -0.604  -0.880  8.526   1.00 4.60  ? 50  ASN A N   1 
ATOM   440  C CA  . ASN A 1 57  ? -0.773  -0.207  9.804   1.00 4.82  ? 50  ASN A CA  1 
ATOM   441  C C   . ASN A 1 57  ? -1.215  1.226   9.611   1.00 5.14  ? 50  ASN A C   1 
ATOM   442  O O   . ASN A 1 57  ? -2.053  1.728   10.360  1.00 5.65  ? 50  ASN A O   1 
ATOM   443  C CB  . ASN A 1 57  ? 0.487   -0.281  10.656  1.00 5.35  ? 50  ASN A CB  1 
ATOM   444  C CG  . ASN A 1 57  ? 0.729   -1.659  11.195  1.00 8.07  ? 50  ASN A CG  1 
ATOM   445  O OD1 . ASN A 1 57  ? -0.196  -2.481  11.274  1.00 10.88 ? 50  ASN A OD1 1 
ATOM   446  N ND2 . ASN A 1 57  ? 1.971   -1.933  11.583  1.00 9.74  ? 50  ASN A ND2 1 
ATOM   447  N N   . CYS A 1 58  ? -0.680  1.862   8.576   1.00 4.31  ? 51  CYS A N   1 
ATOM   448  C CA  . CYS A 1 58  ? -1.043  3.231   8.259   1.00 4.82  ? 51  CYS A CA  1 
ATOM   449  C C   . CYS A 1 58  ? -2.529  3.359   7.910   1.00 4.76  ? 51  CYS A C   1 
ATOM   450  O O   . CYS A 1 58  ? -3.229  4.230   8.433   1.00 4.65  ? 51  CYS A O   1 
ATOM   451  C CB  . CYS A 1 58  ? -0.135  3.766   7.154   1.00 4.46  ? 51  CYS A CB  1 
ATOM   452  S SG  . CYS A 1 58  ? -0.117  5.578   7.015   1.00 5.13  ? 51  CYS A SG  1 
ATOM   453  N N   . TYR A 1 59  ? -3.023  2.470   7.060   1.00 4.81  ? 52  TYR A N   1 
ATOM   454  C CA  . TYR A 1 59  ? -4.439  2.499   6.703   1.00 4.79  ? 52  TYR A CA  1 
ATOM   455  C C   . TYR A 1 59  ? -5.326  2.159   7.918   1.00 5.77  ? 52  TYR A C   1 
ATOM   456  O O   . TYR A 1 59  ? -6.432  2.686   8.043   1.00 5.13  ? 52  TYR A O   1 
ATOM   457  C CB  . TYR A 1 59  ? -4.749  1.564   5.530   1.00 5.14  ? 52  TYR A CB  1 
ATOM   458  C CG  . TYR A 1 59  ? -4.605  2.198   4.159   1.00 4.70  ? 52  TYR A CG  1 
ATOM   459  C CD1 . TYR A 1 59  ? -3.388  2.757   3.739   1.00 4.62  ? 52  TYR A CD1 1 
ATOM   460  C CD2 . TYR A 1 59  ? -5.675  2.220   3.271   1.00 4.11  ? 52  TYR A CD2 1 
ATOM   461  C CE1 . TYR A 1 59  ? -3.255  3.357   2.480   1.00 5.28  ? 52  TYR A CE1 1 
ATOM   462  C CE2 . TYR A 1 59  ? -5.539  2.794   1.993   1.00 4.38  ? 52  TYR A CE2 1 
ATOM   463  C CZ  . TYR A 1 59  ? -4.338  3.354   1.610   1.00 4.78  ? 52  TYR A CZ  1 
ATOM   464  O OH  . TYR A 1 59  ? -4.239  3.884   0.342   1.00 5.29  ? 52  TYR A OH  1 
ATOM   465  N N   . ASP A 1 60  ? -4.857  1.275   8.796   1.00 6.21  ? 53  ASP A N   1 
ATOM   466  C CA  . ASP A 1 60  ? -5.606  0.993   10.036  1.00 7.15  ? 53  ASP A CA  1 
ATOM   467  C C   . ASP A 1 60  ? -5.730  2.231   10.917  1.00 7.10  ? 53  ASP A C   1 
ATOM   468  O O   . ASP A 1 60  ? -6.765  2.465   11.546  1.00 8.22  ? 53  ASP A O   1 
ATOM   469  C CB  . ASP A 1 60  ? -4.950  -0.126  10.859  1.00 7.00  ? 53  ASP A CB  1 
ATOM   470  C CG  . ASP A 1 60  ? -5.329  -1.510  10.388  1.00 10.36 ? 53  ASP A CG  1 
ATOM   471  O OD1 . ASP A 1 60  ? -6.266  -1.665  9.575   1.00 10.18 ? 53  ASP A OD1 1 
ATOM   472  O OD2 . ASP A 1 60  ? -4.678  -2.464  10.861  1.00 16.19 ? 53  ASP A OD2 1 
ATOM   473  N N   . GLN A 1 61  ? -4.655  3.003   11.002  1.00 6.69  ? 54  GLN A N   1 
ATOM   474  C CA  . GLN A 1 61  ? -4.676  4.262   11.715  1.00 6.62  ? 54  GLN A CA  1 
ATOM   475  C C   . GLN A 1 61  ? -5.648  5.248   11.046  1.00 6.57  ? 54  GLN A C   1 
ATOM   476  O O   . GLN A 1 61  ? -6.396  5.959   11.730  1.00 5.29  ? 54  GLN A O   1 
ATOM   477  C CB  . GLN A 1 61  ? -3.259  4.822   11.764  1.00 7.27  ? 54  GLN A CB  1 
ATOM   478  C CG  . GLN A 1 61  ? -3.088  6.050   12.595  1.00 8.57  ? 54  GLN A CG  1 
ATOM   479  C CD  . GLN A 1 61  ? -1.623  6.467   12.691  1.00 9.46  ? 54  GLN A CD  1 
ATOM   480  O OE1 . GLN A 1 61  ? -0.715  5.696   12.342  1.00 11.59 ? 54  GLN A OE1 1 
ATOM   481  N NE2 . GLN A 1 61  ? -1.393  7.696   13.139  1.00 8.59  ? 54  GLN A NE2 1 
ATOM   482  N N   . ALA A 1 62  ? -5.663  5.259   9.710   1.00 7.09  ? 55  ALA A N   1 
ATOM   483  C CA  . ALA A 1 62  ? -6.581  6.106   8.952   1.00 7.85  ? 55  ALA A CA  1 
ATOM   484  C C   . ALA A 1 62  ? -8.038  5.859   9.313   1.00 8.54  ? 55  ALA A C   1 
ATOM   485  O O   . ALA A 1 62  ? -8.847  6.788   9.335   1.00 8.56  ? 55  ALA A O   1 
ATOM   486  C CB  . ALA A 1 62  ? -6.384  5.900   7.431   1.00 7.16  ? 55  ALA A CB  1 
ATOM   487  N N   . LYS A 1 63  ? -8.370  4.605   9.597   1.00 10.01 ? 56  LYS A N   1 
ATOM   488  C CA  . LYS A 1 63  ? -9.747  4.212   9.902   1.00 11.22 ? 56  LYS A CA  1 
ATOM   489  C C   . LYS A 1 63  ? -10.330 4.942   11.119  1.00 11.66 ? 56  LYS A C   1 
ATOM   490  O O   . LYS A 1 63  ? -11.552 4.994   11.279  1.00 11.86 ? 56  LYS A O   1 
ATOM   491  C CB  . LYS A 1 63  ? -9.827  2.706   10.154  1.00 11.62 ? 56  LYS A CB  1 
ATOM   492  C CG  . LYS A 1 63  ? -9.579  1.851   8.939   1.00 13.17 ? 56  LYS A CG  1 
ATOM   493  C CD  . LYS A 1 63  ? -9.707  0.387   9.290   1.00 15.74 ? 56  LYS A CD  1 
ATOM   494  C CE  . LYS A 1 63  ? -9.351  -0.502  8.114   1.00 17.18 ? 56  LYS A CE  1 
ATOM   495  N NZ  . LYS A 1 63  ? -9.531  -1.951  8.446   1.00 18.27 ? 56  LYS A NZ  1 
ATOM   496  N N   . LYS A 1 64  ? -9.467  5.489   11.982  1.00 12.31 ? 57  LYS A N   1 
ATOM   497  C CA  . LYS A 1 64  ? -9.919  6.265   13.142  1.00 12.20 ? 57  LYS A CA  1 
ATOM   498  C C   . LYS A 1 64  ? -10.511 7.633   12.774  1.00 12.16 ? 57  LYS A C   1 
ATOM   499  O O   . LYS A 1 64  ? -11.146 8.294   13.610  1.00 11.85 ? 57  LYS A O   1 
ATOM   500  C CB  . LYS A 1 64  ? -8.776  6.463   14.146  1.00 12.58 ? 57  LYS A CB  1 
ATOM   501  C CG  . LYS A 1 64  ? -8.314  5.166   14.815  1.00 14.91 ? 57  LYS A CG  1 
ATOM   502  C CD  . LYS A 1 64  ? -7.708  5.403   16.205  1.00 18.48 ? 57  LYS A CD  1 
ATOM   503  C CE  . LYS A 1 64  ? -6.317  6.023   16.147  1.00 20.55 ? 57  LYS A CE  1 
ATOM   504  N NZ  . LYS A 1 64  ? -5.321  5.153   15.461  1.00 22.96 ? 57  LYS A NZ  1 
ATOM   505  N N   . LEU A 1 65  ? -10.305 8.068   11.541  1.00 11.69 ? 58  LEU A N   1 
ATOM   506  C CA  . LEU A 1 65  ? -10.816 9.358   11.102  1.00 11.42 ? 58  LEU A CA  1 
ATOM   507  C C   . LEU A 1 65  ? -12.221 9.193   10.532  1.00 11.61 ? 58  LEU A C   1 
ATOM   508  O O   . LEU A 1 65  ? -12.486 8.274   9.762   1.00 11.48 ? 58  LEU A O   1 
ATOM   509  C CB  . LEU A 1 65  ? -9.876  9.968   10.061  1.00 11.16 ? 58  LEU A CB  1 
ATOM   510  C CG  . LEU A 1 65  ? -8.414  10.101  10.501  1.00 10.85 ? 58  LEU A CG  1 
ATOM   511  C CD1 . LEU A 1 65  ? -7.561  10.498  9.330   1.00 9.66  ? 58  LEU A CD1 1 
ATOM   512  C CD2 . LEU A 1 65  ? -8.288  11.128  11.626  1.00 10.26 ? 58  LEU A CD2 1 
ATOM   513  N N   . ASP A 1 66  ? -13.127 10.076  10.930  1.00 11.95 ? 59  ASP A N   1 
ATOM   514  C CA  . ASP A 1 66  ? -14.530 9.926   10.549  1.00 12.37 ? 59  ASP A CA  1 
ATOM   515  C C   . ASP A 1 66  ? -14.709 9.988   9.037   1.00 11.81 ? 59  ASP A C   1 
ATOM   516  O O   . ASP A 1 66  ? -15.531 9.257   8.490   1.00 11.67 ? 59  ASP A O   1 
ATOM   517  C CB  . ASP A 1 66  ? -15.405 10.965  11.247  1.00 13.26 ? 59  ASP A CB  1 
ATOM   518  C CG  . ASP A 1 66  ? -15.504 10.729  12.751  1.00 15.65 ? 59  ASP A CG  1 
ATOM   519  O OD1 . ASP A 1 66  ? -15.805 9.576   13.164  1.00 18.86 ? 59  ASP A OD1 1 
ATOM   520  O OD2 . ASP A 1 66  ? -15.276 11.695  13.513  1.00 18.75 ? 59  ASP A OD2 1 
ATOM   521  N N   . SER A 1 67  ? -13.905 10.797  8.343   1.00 10.77 ? 60  SER A N   1 
ATOM   522  C CA  . SER A 1 67  ? -14.051 10.871  6.882   1.00 11.04 ? 60  SER A CA  1 
ATOM   523  C C   . SER A 1 67  ? -13.362 9.721   6.145   1.00 9.88  ? 60  SER A C   1 
ATOM   524  O O   . SER A 1 67  ? -13.476 9.623   4.923   1.00 10.31 ? 60  SER A O   1 
ATOM   525  C CB  . SER A 1 67  ? -13.608 12.226  6.328   1.00 11.61 ? 60  SER A CB  1 
ATOM   526  O OG  . SER A 1 67  ? -12.213 12.412  6.466   1.00 14.65 ? 60  SER A OG  1 
ATOM   527  N N   . CYS A 1 68  ? -12.685 8.844   6.882   1.00 8.57  ? 61  CYS A N   1 
ATOM   528  C CA  . CYS A 1 68  ? -12.184 7.580   6.333   1.00 7.79  ? 61  CYS A CA  1 
ATOM   529  C C   . CYS A 1 68  ? -13.179 6.414   6.405   1.00 7.78  ? 61  CYS A C   1 
ATOM   530  O O   . CYS A 1 68  ? -12.827 5.275   6.067   1.00 6.44  ? 61  CYS A O   1 
ATOM   531  C CB  . CYS A 1 68  ? -10.880 7.159   7.012   1.00 7.71  ? 61  CYS A CB  1 
ATOM   532  S SG  . CYS A 1 68  ? -9.429  8.150   6.593   1.00 7.22  ? 61  CYS A SG  1 
ATOM   533  N N   . LYS A 1 69  ? -14.414 6.668   6.844   1.00 6.93  ? 62  LYS A N   1 
ATOM   534  C CA  . LYS A 1 69  ? -15.435 5.608   6.804   1.00 6.90  ? 62  LYS A CA  1 
ATOM   535  C C   . LYS A 1 69  ? -15.470 5.002   5.390   1.00 7.18  ? 62  LYS A C   1 
ATOM   536  O O   . LYS A 1 69  ? -15.310 5.720   4.393   1.00 8.01  ? 62  LYS A O   1 
ATOM   537  C CB  . LYS A 1 69  ? -16.817 6.144   7.216   1.00 7.04  ? 62  LYS A CB  1 
ATOM   538  C CG  . LYS A 1 69  ? -17.856 5.054   7.522   1.00 7.21  ? 62  LYS A CG  1 
ATOM   539  C CD  . LYS A 1 69  ? -19.141 5.610   8.132   1.00 8.87  ? 62  LYS A CD  1 
ATOM   540  C CE  . LYS A 1 69  ? -19.975 4.500   8.770   1.00 10.93 ? 62  LYS A CE  1 
ATOM   541  N NZ  . LYS A 1 69  ? -20.267 3.416   7.809   1.00 15.82 ? 62  LYS A NZ  1 
ATOM   542  N N   . PHE A 1 70  ? -15.614 3.676   5.330   1.00 7.23  ? 63  PHE A N   1 
ATOM   543  C CA  . PHE A 1 70  ? -15.685 2.881   4.097   1.00 6.86  ? 63  PHE A CA  1 
ATOM   544  C C   . PHE A 1 70  ? -14.342 2.539   3.449   1.00 6.91  ? 63  PHE A C   1 
ATOM   545  O O   . PHE A 1 70  ? -14.311 1.780   2.491   1.00 7.17  ? 63  PHE A O   1 
ATOM   546  C CB  . PHE A 1 70  ? -16.620 3.514   3.053   1.00 7.49  ? 63  PHE A CB  1 
ATOM   547  C CG  . PHE A 1 70  ? -17.984 3.858   3.609   1.00 7.78  ? 63  PHE A CG  1 
ATOM   548  C CD1 . PHE A 1 70  ? -18.803 2.855   4.088   1.00 9.00  ? 63  PHE A CD1 1 
ATOM   549  C CD2 . PHE A 1 70  ? -18.445 5.179   3.645   1.00 9.00  ? 63  PHE A CD2 1 
ATOM   550  C CE1 . PHE A 1 70  ? -20.051 3.142   4.618   1.00 8.26  ? 63  PHE A CE1 1 
ATOM   551  C CE2 . PHE A 1 70  ? -19.711 5.482   4.180   1.00 8.51  ? 63  PHE A CE2 1 
ATOM   552  C CZ  . PHE A 1 70  ? -20.509 4.456   4.666   1.00 7.60  ? 63  PHE A CZ  1 
ATOM   553  N N   . LEU A 1 71  ? -13.254 3.110   3.964   1.00 6.94  ? 64  LEU A N   1 
ATOM   554  C CA  . LEU A 1 71  ? -11.923 2.875   3.420   1.00 6.85  ? 64  LEU A CA  1 
ATOM   555  C C   . LEU A 1 71  ? -11.649 1.373   3.379   1.00 7.05  ? 64  LEU A C   1 
ATOM   556  O O   . LEU A 1 71  ? -11.908 0.680   4.369   1.00 6.85  ? 64  LEU A O   1 
ATOM   557  C CB  . LEU A 1 71  ? -10.863 3.593   4.269   1.00 7.26  ? 64  LEU A CB  1 
ATOM   558  C CG  . LEU A 1 71  ? -9.397  3.577   3.805   1.00 7.05  ? 64  LEU A CG  1 
ATOM   559  C CD1 . LEU A 1 71  ? -9.222  4.149   2.390   1.00 7.34  ? 64  LEU A CD1 1 
ATOM   560  C CD2 . LEU A 1 71  ? -8.503  4.340   4.806   1.00 6.18  ? 64  LEU A CD2 1 
ATOM   561  N N   . LEU A 1 72  ? -11.168 0.910   2.219   1.00 6.66  ? 65  LEU A N   1 
ATOM   562  C CA  . LEU A 1 72  ? -10.872 -0.492  1.903   1.00 6.98  ? 65  LEU A CA  1 
ATOM   563  C C   . LEU A 1 72  ? -12.085 -1.372  1.608   1.00 6.57  ? 65  LEU A C   1 
ATOM   564  O O   . LEU A 1 72  ? -11.905 -2.550  1.324   1.00 7.03  ? 65  LEU A O   1 
ATOM   565  C CB  . LEU A 1 72  ? -9.954  -1.168  2.941   1.00 6.91  ? 65  LEU A CB  1 
ATOM   566  C CG  . LEU A 1 72  ? -8.561  -0.548  3.103   1.00 6.96  ? 65  LEU A CG  1 
ATOM   567  C CD1 . LEU A 1 72  ? -7.715  -1.325  4.117   1.00 6.65  ? 65  LEU A CD1 1 
ATOM   568  C CD2 . LEU A 1 72  ? -7.856  -0.444  1.758   1.00 9.73  ? 65  LEU A CD2 1 
ATOM   569  N N   . ASP A 1 73  ? -13.297 -0.822  1.612   1.00 7.00  ? 66  ASP A N   1 
ATOM   570  C CA  . ASP A 1 73  ? -14.467 -1.633  1.214   1.00 7.37  ? 66  ASP A CA  1 
ATOM   571  C C   . ASP A 1 73  ? -14.346 -2.052  -0.254  1.00 7.66  ? 66  ASP A C   1 
ATOM   572  O O   . ASP A 1 73  ? -14.709 -3.176  -0.644  1.00 7.91  ? 66  ASP A O   1 
ATOM   573  C CB  . ASP A 1 73  ? -15.785 -0.905  1.479   1.00 7.86  ? 66  ASP A CB  1 
ATOM   574  C CG  . ASP A 1 73  ? -16.118 -0.831  2.959   1.00 8.16  ? 66  ASP A CG  1 
ATOM   575  O OD1 . ASP A 1 73  ? -15.395 -1.413  3.794   1.00 10.48 ? 66  ASP A OD1 1 
ATOM   576  O OD2 . ASP A 1 73  ? -17.118 -0.186  3.296   1.00 12.00 ? 66  ASP A OD2 1 
ATOM   577  N N   . ASN A 1 74  ? -13.820 -1.130  -1.053  1.00 7.17  ? 67  ASN A N   1 
ATOM   578  C CA  . ASN A 1 74  ? -13.495 -1.359  -2.454  1.00 6.81  ? 67  ASN A CA  1 
ATOM   579  C C   . ASN A 1 74  ? -12.433 -0.350  -2.885  1.00 5.64  ? 67  ASN A C   1 
ATOM   580  O O   . ASN A 1 74  ? -12.068 0.532   -2.105  1.00 5.97  ? 67  ASN A O   1 
ATOM   581  C CB  . ASN A 1 74  ? -14.746 -1.219  -3.306  1.00 6.90  ? 67  ASN A CB  1 
ATOM   582  C CG  . ASN A 1 74  ? -15.372 0.166   -3.214  1.00 6.90  ? 67  ASN A CG  1 
ATOM   583  O OD1 . ASN A 1 74  ? -14.783 1.155   -3.650  1.00 7.64  ? 67  ASN A OD1 1 
ATOM   584  N ND2 . ASN A 1 74  ? -16.581 0.232   -2.677  1.00 9.40  ? 67  ASN A ND2 1 
ATOM   585  N N   . PRO A 1 75  ? -11.922 -0.465  -4.120  1.00 5.36  ? 68  PRO A N   1 
ATOM   586  C CA  . PRO A 1 75  ? -10.834 0.441   -4.508  1.00 5.24  ? 68  PRO A CA  1 
ATOM   587  C C   . PRO A 1 75  ? -11.193 1.901   -4.742  1.00 5.66  ? 68  PRO A C   1 
ATOM   588  O O   . PRO A 1 75  ? -10.288 2.692   -4.973  1.00 5.89  ? 68  PRO A O   1 
ATOM   589  C CB  . PRO A 1 75  ? -10.329 -0.154  -5.825  1.00 5.43  ? 68  PRO A CB  1 
ATOM   590  C CG  . PRO A 1 75  ? -10.702 -1.593  -5.769  1.00 4.57  ? 68  PRO A CG  1 
ATOM   591  C CD  . PRO A 1 75  ? -12.038 -1.599  -5.056  1.00 5.04  ? 68  PRO A CD  1 
ATOM   592  N N   . TYR A 1 76  ? -12.481 2.236   -4.712  1.00 5.69  ? 69  TYR A N   1 
ATOM   593  C CA  . TYR A 1 76  ? -12.987 3.495   -5.289  1.00 5.72  ? 69  TYR A CA  1 
ATOM   594  C C   . TYR A 1 76  ? -13.505 4.521   -4.274  1.00 6.20  ? 69  TYR A C   1 
ATOM   595  O O   . TYR A 1 76  ? -14.012 5.548   -4.684  1.00 6.15  ? 69  TYR A O   1 
ATOM   596  C CB  . TYR A 1 76  ? -14.097 3.182   -6.324  1.00 5.59  ? 69  TYR A CB  1 
ATOM   597  C CG  . TYR A 1 76  ? -13.851 1.907   -7.114  1.00 5.66  ? 69  TYR A CG  1 
ATOM   598  C CD1 . TYR A 1 76  ? -12.778 1.809   -8.013  1.00 6.27  ? 69  TYR A CD1 1 
ATOM   599  C CD2 . TYR A 1 76  ? -14.649 0.799   -6.933  1.00 5.45  ? 69  TYR A CD2 1 
ATOM   600  C CE1 . TYR A 1 76  ? -12.523 0.627   -8.720  1.00 6.33  ? 69  TYR A CE1 1 
ATOM   601  C CE2 . TYR A 1 76  ? -14.429 -0.374  -7.643  1.00 5.02  ? 69  TYR A CE2 1 
ATOM   602  C CZ  . TYR A 1 76  ? -13.352 -0.459  -8.524  1.00 3.37  ? 69  TYR A CZ  1 
ATOM   603  O OH  . TYR A 1 76  ? -13.128 -1.653  -9.182  1.00 4.10  ? 69  TYR A OH  1 
ATOM   604  N N   . THR A 1 77  ? -13.364 4.260   -2.974  1.00 6.92  ? 70  THR A N   1 
ATOM   605  C CA  . THR A 1 77  ? -14.052 5.065   -1.954  1.00 7.61  ? 70  THR A CA  1 
ATOM   606  C C   . THR A 1 77  ? -13.420 6.438   -1.723  1.00 7.85  ? 70  THR A C   1 
ATOM   607  O O   . THR A 1 77  ? -14.097 7.424   -1.361  1.00 7.31  ? 70  THR A O   1 
ATOM   608  C CB  . THR A 1 77  ? -14.098 4.344   -0.590  1.00 7.67  ? 70  THR A CB  1 
ATOM   609  O OG1 . THR A 1 77  ? -12.759 4.125   -0.109  1.00 7.53  ? 70  THR A OG1 1 
ATOM   610  C CG2 . THR A 1 77  ? -14.866 3.022   -0.671  1.00 7.26  ? 70  THR A CG2 1 
ATOM   611  N N   . HIS A 1 78  ? -12.103 6.482   -1.883  1.00 8.28  ? 71  HIS A N   1 
ATOM   612  C CA  . HIS A 1 78  ? -11.345 7.671   -1.589  1.00 8.26  ? 71  HIS A CA  1 
ATOM   613  C C   . HIS A 1 78  ? -10.400 7.891   -2.749  1.00 9.11  ? 71  HIS A C   1 
ATOM   614  O O   . HIS A 1 78  ? -9.880  6.932   -3.353  1.00 10.43 ? 71  HIS A O   1 
ATOM   615  C CB  . HIS A 1 78  ? -10.589 7.525   -0.261  1.00 8.30  ? 71  HIS A CB  1 
ATOM   616  C CG  . HIS A 1 78  ? -11.481 7.530   0.942   1.00 7.51  ? 71  HIS A CG  1 
ATOM   617  N ND1 . HIS A 1 78  ? -12.242 6.439   1.307   1.00 6.83  ? 71  HIS A ND1 1 
ATOM   618  C CD2 . HIS A 1 78  ? -11.751 8.499   1.852   1.00 8.06  ? 71  HIS A CD2 1 
ATOM   619  C CE1 . HIS A 1 78  ? -12.944 6.737   2.385   1.00 8.42  ? 71  HIS A CE1 1 
ATOM   620  N NE2 . HIS A 1 78  ? -12.669 7.985   2.735   1.00 6.59  ? 71  HIS A NE2 1 
ATOM   621  N N   . THR A 1 79  ? -10.262 9.148   -3.118  1.00 8.23  ? 72  THR A N   1 
ATOM   622  C CA  . THR A 1 79  ? -9.256  9.569   -4.072  1.00 8.30  ? 72  THR A CA  1 
ATOM   623  C C   . THR A 1 79  ? -8.503  10.685  -3.374  1.00 8.41  ? 72  THR A C   1 
ATOM   624  O O   . THR A 1 79  ? -8.795  11.030  -2.212  1.00 10.37 ? 72  THR A O   1 
ATOM   625  C CB  . THR A 1 79  ? -9.895  10.031  -5.405  1.00 8.64  ? 72  THR A CB  1 
ATOM   626  O OG1 . THR A 1 79  ? -8.867  10.241  -6.380  1.00 8.52  ? 72  THR A OG1 1 
ATOM   627  C CG2 . THR A 1 79  ? -10.682 11.310  -5.200  1.00 8.12  ? 72  THR A CG2 1 
ATOM   628  N N   . TYR A 1 80  ? -7.492  11.200  -4.041  1.00 7.68  ? 73  TYR A N   1 
ATOM   629  C CA  . TYR A 1 80  ? -6.738  12.321  -3.525  1.00 7.09  ? 73  TYR A CA  1 
ATOM   630  C C   . TYR A 1 80  ? -5.895  12.810  -4.682  1.00 6.63  ? 73  TYR A C   1 
ATOM   631  O O   . TYR A 1 80  ? -5.789  12.147  -5.725  1.00 6.57  ? 73  TYR A O   1 
ATOM   632  C CB  . TYR A 1 80  ? -5.848  11.940  -2.313  1.00 6.58  ? 73  TYR A CB  1 
ATOM   633  C CG  . TYR A 1 80  ? -4.872  10.795  -2.566  1.00 6.20  ? 73  TYR A CG  1 
ATOM   634  C CD1 . TYR A 1 80  ? -3.727  10.987  -3.339  1.00 5.85  ? 73  TYR A CD1 1 
ATOM   635  C CD2 . TYR A 1 80  ? -5.083  9.528   -2.014  1.00 6.32  ? 73  TYR A CD2 1 
ATOM   636  C CE1 . TYR A 1 80  ? -2.828  9.946   -3.586  1.00 5.68  ? 73  TYR A CE1 1 
ATOM   637  C CE2 . TYR A 1 80  ? -4.173  8.470   -2.252  1.00 5.17  ? 73  TYR A CE2 1 
ATOM   638  C CZ  . TYR A 1 80  ? -3.057  8.685   -3.043  1.00 4.65  ? 73  TYR A CZ  1 
ATOM   639  O OH  . TYR A 1 80  ? -2.150  7.697   -3.328  1.00 7.82  ? 73  TYR A OH  1 
ATOM   640  N N   . SER A 1 81  ? -5.283  13.968  -4.479  1.00 6.54  ? 74  SER A N   1 
ATOM   641  C CA  A SER A 1 81  ? -4.395  14.576  -5.452  0.50 6.72  ? 74  SER A CA  1 
ATOM   642  C CA  B SER A 1 81  ? -4.389  14.547  -5.463  0.50 6.71  ? 74  SER A CA  1 
ATOM   643  C C   . SER A 1 81  ? -2.946  14.493  -4.975  1.00 6.69  ? 74  SER A C   1 
ATOM   644  O O   . SER A 1 81  ? -2.652  14.741  -3.796  1.00 6.74  ? 74  SER A O   1 
ATOM   645  C CB  A SER A 1 81  ? -4.782  16.044  -5.642  0.50 6.54  ? 74  SER A CB  1 
ATOM   646  C CB  B SER A 1 81  ? -4.776  15.996  -5.756  0.50 6.52  ? 74  SER A CB  1 
ATOM   647  O OG  A SER A 1 81  ? -4.128  16.630  -6.751  0.50 7.57  ? 74  SER A OG  1 
ATOM   648  O OG  B SER A 1 81  ? -6.096  16.086  -6.274  0.50 7.65  ? 74  SER A OG  1 
ATOM   649  N N   . TYR A 1 82  ? -2.039  14.167  -5.888  1.00 6.15  ? 75  TYR A N   1 
ATOM   650  C CA  . TYR A 1 82  ? -0.610  14.152  -5.580  1.00 6.21  ? 75  TYR A CA  1 
ATOM   651  C C   . TYR A 1 82  ? 0.114   14.510  -6.869  1.00 6.54  ? 75  TYR A C   1 
ATOM   652  O O   . TYR A 1 82  ? -0.466  14.437  -7.940  1.00 6.46  ? 75  TYR A O   1 
ATOM   653  C CB  . TYR A 1 82  ? -0.170  12.750  -5.104  1.00 6.46  ? 75  TYR A CB  1 
ATOM   654  C CG  . TYR A 1 82  ? -0.096  11.765  -6.267  1.00 6.83  ? 75  TYR A CG  1 
ATOM   655  C CD1 . TYR A 1 82  ? 1.108   11.545  -6.962  1.00 5.92  ? 75  TYR A CD1 1 
ATOM   656  C CD2 . TYR A 1 82  ? -1.222  11.088  -6.692  1.00 6.76  ? 75  TYR A CD2 1 
ATOM   657  C CE1 . TYR A 1 82  ? 1.168   10.662  -8.036  1.00 6.33  ? 75  TYR A CE1 1 
ATOM   658  C CE2 . TYR A 1 82  ? -1.175  10.221  -7.759  1.00 7.67  ? 75  TYR A CE2 1 
ATOM   659  C CZ  . TYR A 1 82  ? 0.023   10.005  -8.433  1.00 5.52  ? 75  TYR A CZ  1 
ATOM   660  O OH  . TYR A 1 82  ? 0.014   9.127   -9.507  1.00 6.95  ? 75  TYR A OH  1 
ATOM   661  N N   . SER A 1 83  ? 1.382   14.884  -6.750  1.00 6.51  ? 76  SER A N   1 
ATOM   662  C CA  . SER A 1 83  ? 2.283   14.956  -7.901  1.00 6.51  ? 76  SER A CA  1 
ATOM   663  C C   . SER A 1 83  ? 3.559   14.230  -7.534  1.00 5.98  ? 76  SER A C   1 
ATOM   664  O O   . SER A 1 83  ? 3.869   14.028  -6.346  1.00 6.65  ? 76  SER A O   1 
ATOM   665  C CB  . SER A 1 83  ? 2.588   16.389  -8.317  1.00 7.30  ? 76  SER A CB  1 
ATOM   666  O OG  . SER A 1 83  ? 3.080   17.139  -7.222  1.00 9.02  ? 76  SER A OG  1 
ATOM   667  N N   . CYS A 1 84  ? 4.329   13.855  -8.544  1.00 6.05  ? 77  CYS A N   1 
ATOM   668  C CA  . CYS A 1 84  ? 5.631   13.220  -8.283  1.00 6.02  ? 77  CYS A CA  1 
ATOM   669  C C   . CYS A 1 84  ? 6.640   13.352  -9.408  1.00 6.15  ? 77  CYS A C   1 
ATOM   670  O O   . CYS A 1 84  ? 6.290   13.400  -10.578 1.00 6.21  ? 77  CYS A O   1 
ATOM   671  C CB  . CYS A 1 84  ? 5.463   11.737  -7.965  1.00 6.05  ? 77  CYS A CB  1 
ATOM   672  S SG  . CYS A 1 84  ? 4.901   10.734  -9.346  1.00 6.01  ? 77  CYS A SG  1 
ATOM   673  N N   . SER A 1 85  ? 7.901   13.419  -8.989  1.00 6.80  ? 78  SER A N   1 
ATOM   674  C CA  . SER A 1 85  ? 9.074   13.352  -9.839  1.00 7.36  ? 78  SER A CA  1 
ATOM   675  C C   . SER A 1 85  ? 9.926   12.236  -9.246  1.00 7.18  ? 78  SER A C   1 
ATOM   676  O O   . SER A 1 85  ? 10.671  12.449  -8.293  1.00 7.27  ? 78  SER A O   1 
ATOM   677  C CB  . SER A 1 85  ? 9.811   14.697  -9.811  1.00 8.16  ? 78  SER A CB  1 
ATOM   678  O OG  . SER A 1 85  ? 11.057  14.635  -10.455 1.00 10.81 ? 78  SER A OG  1 
ATOM   679  N N   . GLY A 1 86  ? 9.725   11.021  -9.723  1.00 7.38  ? 79  GLY A N   1 
ATOM   680  C CA  . GLY A 1 86  ? 10.337  9.855   -9.084  1.00 7.51  ? 79  GLY A CA  1 
ATOM   681  C C   . GLY A 1 86  ? 9.908   9.741   -7.626  1.00 7.89  ? 79  GLY A C   1 
ATOM   682  O O   . GLY A 1 86  ? 8.730   9.894   -7.298  1.00 7.74  ? 79  GLY A O   1 
ATOM   683  N N   . SER A 1 87  ? 10.859  9.495   -6.731  1.00 7.53  ? 80  SER A N   1 
ATOM   684  C CA  . SER A 1 87  ? 10.514  9.346   -5.312  1.00 8.36  ? 80  SER A CA  1 
ATOM   685  C C   . SER A 1 87  ? 10.264  10.665  -4.579  1.00 8.23  ? 80  SER A C   1 
ATOM   686  O O   . SER A 1 87  ? 9.952   10.654  -3.378  1.00 8.46  ? 80  SER A O   1 
ATOM   687  C CB  . SER A 1 87  ? 11.583  8.523   -4.584  1.00 8.58  ? 80  SER A CB  1 
ATOM   688  O OG  . SER A 1 87  ? 12.848  9.169   -4.625  1.00 10.12 ? 80  SER A OG  1 
ATOM   689  N N   . ALA A 1 88  ? 10.413  11.798  -5.270  1.00 7.76  ? 81  ALA A N   1 
ATOM   690  C CA  . ALA A 1 88  ? 9.915   13.090  -4.765  1.00 8.59  ? 81  ALA A CA  1 
ATOM   691  C C   . ALA A 1 88  ? 8.413   13.196  -5.039  1.00 8.20  ? 81  ALA A C   1 
ATOM   692  O O   . ALA A 1 88  ? 8.009   13.630  -6.113  1.00 9.21  ? 81  ALA A O   1 
ATOM   693  C CB  . ALA A 1 88  ? 10.644  14.251  -5.414  1.00 8.30  ? 81  ALA A CB  1 
ATOM   694  N N   . ILE A 1 89  ? 7.616   12.783  -4.048  1.00 8.26  ? 82  ILE A N   1 
ATOM   695  C CA  . ILE A 1 89  ? 6.168   12.696  -4.132  1.00 7.69  ? 82  ILE A CA  1 
ATOM   696  C C   . ILE A 1 89  ? 5.563   13.739  -3.203  1.00 8.08  ? 82  ILE A C   1 
ATOM   697  O O   . ILE A 1 89  ? 5.930   13.815  -2.018  1.00 8.26  ? 82  ILE A O   1 
ATOM   698  C CB  . ILE A 1 89  ? 5.689   11.296  -3.688  1.00 8.02  ? 82  ILE A CB  1 
ATOM   699  C CG1 . ILE A 1 89  ? 6.257   10.217  -4.621  1.00 8.07  ? 82  ILE A CG1 1 
ATOM   700  C CG2 . ILE A 1 89  ? 4.166   11.259  -3.631  1.00 8.06  ? 82  ILE A CG2 1 
ATOM   701  C CD1 . ILE A 1 89  ? 6.209   8.815   -4.033  1.00 6.50  ? 82  ILE A CD1 1 
ATOM   702  N N   . THR A 1 90  ? 4.661   14.559  -3.739  1.00 7.83  ? 83  THR A N   1 
ATOM   703  C CA  . THR A 1 90  ? 4.004   15.595  -2.959  1.00 8.16  ? 83  THR A CA  1 
ATOM   704  C C   . THR A 1 90  ? 2.500   15.349  -2.866  1.00 7.90  ? 83  THR A C   1 
ATOM   705  O O   . THR A 1 90  ? 1.815   15.263  -3.884  1.00 8.37  ? 83  THR A O   1 
ATOM   706  C CB  . THR A 1 90  ? 4.263   16.990  -3.564  1.00 8.56  ? 83  THR A CB  1 
ATOM   707  O OG1 . THR A 1 90  ? 5.667   17.242  -3.559  1.00 10.39 ? 83  THR A OG1 1 
ATOM   708  C CG2 . THR A 1 90  ? 3.540   18.063  -2.723  1.00 9.20  ? 83  THR A CG2 1 
ATOM   709  N N   . CYS A 1 91  ? 1.998   15.224  -1.639  1.00 7.16  ? 84  CYS A N   1 
ATOM   710  C CA  . CYS A 1 91  ? 0.558   15.101  -1.412  1.00 7.30  ? 84  CYS A CA  1 
ATOM   711  C C   . CYS A 1 91  ? -0.035  16.497  -1.406  1.00 7.75  ? 84  CYS A C   1 
ATOM   712  O O   . CYS A 1 91  ? 0.402   17.354  -0.628  1.00 8.02  ? 84  CYS A O   1 
ATOM   713  C CB  . CYS A 1 91  ? 0.278   14.376  -0.105  1.00 7.32  ? 84  CYS A CB  1 
ATOM   714  S SG  . CYS A 1 91  ? 0.599   12.618  -0.228  1.00 5.76  ? 84  CYS A SG  1 
ATOM   715  N N   . SER A 1 92  ? -1.023  16.730  -2.256  1.00 8.30  ? 85  SER A N   1 
ATOM   716  C CA  A SER A 1 92  ? -1.555  18.073  -2.459  0.50 8.71  ? 85  SER A CA  1 
ATOM   717  C CA  B SER A 1 92  ? -1.552  18.085  -2.444  0.50 8.70  ? 85  SER A CA  1 
ATOM   718  C C   . SER A 1 92  ? -2.097  18.677  -1.150  1.00 8.95  ? 85  SER A C   1 
ATOM   719  O O   . SER A 1 92  ? -2.800  18.016  -0.400  1.00 9.00  ? 85  SER A O   1 
ATOM   720  C CB  A SER A 1 92  ? -2.637  18.049  -3.547  0.50 8.73  ? 85  SER A CB  1 
ATOM   721  C CB  B SER A 1 92  ? -2.652  18.120  -3.502  0.50 8.75  ? 85  SER A CB  1 
ATOM   722  O OG  A SER A 1 92  ? -2.166  17.449  -4.751  0.50 8.66  ? 85  SER A OG  1 
ATOM   723  O OG  B SER A 1 92  ? -3.402  19.325  -3.383  0.50 8.54  ? 85  SER A OG  1 
ATOM   724  N N   . SER A 1 93  ? -1.767  19.946  -0.897  1.00 10.12 ? 86  SER A N   1 
ATOM   725  C CA  . SER A 1 93  ? -2.268  20.654  0.279   1.00 10.78 ? 86  SER A CA  1 
ATOM   726  C C   . SER A 1 93  ? -3.792  20.783  0.310   1.00 10.92 ? 86  SER A C   1 
ATOM   727  O O   . SER A 1 93  ? -4.357  20.991  1.380   1.00 11.34 ? 86  SER A O   1 
ATOM   728  C CB  . SER A 1 93  ? -1.645  22.052  0.363   1.00 11.21 ? 86  SER A CB  1 
ATOM   729  O OG  . SER A 1 93  ? -2.002  22.827  -0.774  1.00 13.10 ? 86  SER A OG  1 
ATOM   730  N N   . LYS A 1 94  ? -4.450  20.673  -0.846  1.00 10.68 ? 87  LYS A N   1 
ATOM   731  C CA  . LYS A 1 94  ? -5.916  20.793  -0.926  1.00 10.45 ? 87  LYS A CA  1 
ATOM   732  C C   . LYS A 1 94  ? -6.662  19.514  -0.539  1.00 9.45  ? 87  LYS A C   1 
ATOM   733  O O   . LYS A 1 94  ? -7.892  19.525  -0.402  1.00 9.57  ? 87  LYS A O   1 
ATOM   734  C CB  . LYS A 1 94  ? -6.347  21.206  -2.334  1.00 11.40 ? 87  LYS A CB  1 
ATOM   735  C CG  . LYS A 1 94  ? -5.738  22.521  -2.831  1.00 13.56 ? 87  LYS A CG  1 
ATOM   736  C CD  . LYS A 1 94  ? -6.260  23.710  -2.017  1.00 15.59 ? 87  LYS A CD  1 
ATOM   737  C CE  . LYS A 1 94  ? -5.578  25.014  -2.375  1.00 17.38 ? 87  LYS A CE  1 
ATOM   738  N NZ  . LYS A 1 94  ? -6.180  26.124  -1.572  1.00 17.48 ? 87  LYS A NZ  1 
ATOM   739  N N   . ASN A 1 95  ? -5.937  18.419  -0.358  1.00 8.17  ? 88  ASN A N   1 
ATOM   740  C CA  . ASN A 1 95  ? -6.555  17.189  0.131   1.00 6.95  ? 88  ASN A CA  1 
ATOM   741  C C   . ASN A 1 95  ? -7.229  17.387  1.490   1.00 6.26  ? 88  ASN A C   1 
ATOM   742  O O   . ASN A 1 95  ? -6.645  17.999  2.416   1.00 5.56  ? 88  ASN A O   1 
ATOM   743  C CB  . ASN A 1 95  ? -5.514  16.075  0.263   1.00 6.81  ? 88  ASN A CB  1 
ATOM   744  C CG  . ASN A 1 95  ? -5.056  15.522  -1.068  1.00 6.34  ? 88  ASN A CG  1 
ATOM   745  O OD1 . ASN A 1 95  ? -5.773  15.578  -2.074  1.00 5.03  ? 88  ASN A OD1 1 
ATOM   746  N ND2 . ASN A 1 95  ? -3.862  14.920  -1.069  1.00 3.44  ? 88  ASN A ND2 1 
ATOM   747  N N   . LYS A 1 96  ? -8.440  16.837  1.603   1.00 5.21  ? 89  LYS A N   1 
ATOM   748  C CA  . LYS A 1 96  ? -9.178  16.774  2.867   1.00 5.64  ? 89  LYS A CA  1 
ATOM   749  C C   . LYS A 1 96  ? -8.506  15.800  3.861   1.00 5.09  ? 89  LYS A C   1 
ATOM   750  O O   . LYS A 1 96  ? -7.547  15.092  3.529   1.00 4.91  ? 89  LYS A O   1 
ATOM   751  C CB  . LYS A 1 96  ? -10.651 16.381  2.612   1.00 5.96  ? 89  LYS A CB  1 
ATOM   752  C CG  . LYS A 1 96  ? -11.515 17.484  1.955   1.00 7.83  ? 89  LYS A CG  1 
ATOM   753  C CD  . LYS A 1 96  ? -13.017 17.084  1.826   1.00 9.39  ? 89  LYS A CD  1 
ATOM   754  C CE  . LYS A 1 96  ? -13.736 17.091  3.179   1.00 10.94 ? 89  LYS A CE  1 
ATOM   755  N NZ  . LYS A 1 96  ? -15.082 16.410  3.170   1.00 11.42 ? 89  LYS A NZ  1 
ATOM   756  N N   . GLU A 1 97  ? -9.014  15.752  5.084   1.00 4.54  ? 90  GLU A N   1 
ATOM   757  C CA  . GLU A 1 97  ? -8.321  15.038  6.169   1.00 4.80  ? 90  GLU A CA  1 
ATOM   758  C C   . GLU A 1 97  ? -8.013  13.575  5.852   1.00 4.08  ? 90  GLU A C   1 
ATOM   759  O O   . GLU A 1 97  ? -6.864  13.144  5.960   1.00 3.61  ? 90  GLU A O   1 
ATOM   760  C CB  . GLU A 1 97  ? -9.112  15.098  7.469   1.00 5.32  ? 90  GLU A CB  1 
ATOM   761  C CG  . GLU A 1 97  ? -8.339  14.520  8.674   1.00 7.83  ? 90  GLU A CG  1 
ATOM   762  C CD  . GLU A 1 97  ? -9.191  14.416  9.944   1.00 9.96  ? 90  GLU A CD  1 
ATOM   763  O OE1 . GLU A 1 97  ? -10.354 13.985  9.844   1.00 12.94 ? 90  GLU A OE1 1 
ATOM   764  O OE2 . GLU A 1 97  ? -8.693  14.790  11.030  1.00 12.91 ? 90  GLU A OE2 1 
ATOM   765  N N   . CYS A 1 98  ? -9.023  12.802  5.466   1.00 4.43  ? 91  CYS A N   1 
ATOM   766  C CA  . CYS A 1 98  ? -8.772  11.388  5.145   1.00 4.55  ? 91  CYS A CA  1 
ATOM   767  C C   . CYS A 1 98  ? -7.911  11.239  3.902   1.00 4.28  ? 91  CYS A C   1 
ATOM   768  O O   . CYS A 1 98  ? -6.942  10.475  3.889   1.00 3.46  ? 91  CYS A O   1 
ATOM   769  C CB  . CYS A 1 98  ? -10.072 10.575  4.987   1.00 4.29  ? 91  CYS A CB  1 
ATOM   770  S SG  . CYS A 1 98  ? -9.732  8.798   4.721   1.00 6.50  ? 91  CYS A SG  1 
ATOM   771  N N   . GLU A 1 99  ? -8.276  11.969  2.850   1.00 3.76  ? 92  GLU A N   1 
ATOM   772  C CA  . GLU A 1 99  ? -7.530  11.959  1.603   1.00 4.73  ? 92  GLU A CA  1 
ATOM   773  C C   . GLU A 1 99  ? -6.037  12.221  1.834   1.00 4.22  ? 92  GLU A C   1 
ATOM   774  O O   . GLU A 1 99  ? -5.187  11.513  1.289   1.00 5.66  ? 92  GLU A O   1 
ATOM   775  C CB  . GLU A 1 99  ? -8.076  13.034  0.667   1.00 4.48  ? 92  GLU A CB  1 
ATOM   776  C CG  . GLU A 1 99  ? -9.465  12.813  0.125   1.00 5.79  ? 92  GLU A CG  1 
ATOM   777  C CD  . GLU A 1 99  ? -9.993  14.014  -0.712  1.00 9.40  ? 92  GLU A CD  1 
ATOM   778  O OE1 . GLU A 1 99  ? -9.381  15.131  -0.702  1.00 10.49 ? 92  GLU A OE1 1 
ATOM   779  O OE2 . GLU A 1 99  ? -11.054 13.847  -1.368  1.00 10.62 ? 92  GLU A OE2 1 
ATOM   780  N N   . ALA A 1 100 ? -5.732  13.272  2.604   1.00 3.95  ? 93  ALA A N   1 
ATOM   781  C CA  . ALA A 1 100 ? -4.349  13.619  2.931   1.00 3.90  ? 93  ALA A CA  1 
ATOM   782  C C   . ALA A 1 100 ? -3.659  12.485  3.681   1.00 3.70  ? 93  ALA A C   1 
ATOM   783  O O   . ALA A 1 100 ? -2.511  12.161  3.436   1.00 4.25  ? 93  ALA A O   1 
ATOM   784  C CB  . ALA A 1 100 ? -4.309  14.900  3.769   1.00 3.86  ? 93  ALA A CB  1 
ATOM   785  N N   . PHE A 1 101 ? -4.372  11.887  4.624   1.00 3.40  ? 94  PHE A N   1 
ATOM   786  C CA  . PHE A 1 101 ? -3.773  10.857  5.444   1.00 3.53  ? 94  PHE A CA  1 
ATOM   787  C C   . PHE A 1 101 ? -3.407  9.624   4.601   1.00 3.66  ? 94  PHE A C   1 
ATOM   788  O O   . PHE A 1 101 ? -2.290  9.085   4.702   1.00 3.75  ? 94  PHE A O   1 
ATOM   789  C CB  . PHE A 1 101 ? -4.718  10.476  6.584   1.00 3.59  ? 94  PHE A CB  1 
ATOM   790  C CG  . PHE A 1 101 ? -4.029  9.750   7.690   1.00 3.82  ? 94  PHE A CG  1 
ATOM   791  C CD1 . PHE A 1 101 ? -3.543  10.433  8.796   1.00 6.57  ? 94  PHE A CD1 1 
ATOM   792  C CD2 . PHE A 1 101 ? -3.834  8.379   7.616   1.00 4.46  ? 94  PHE A CD2 1 
ATOM   793  C CE1 . PHE A 1 101 ? -2.881  9.751   9.816   1.00 6.18  ? 94  PHE A CE1 1 
ATOM   794  C CE2 . PHE A 1 101 ? -3.180  7.700   8.630   1.00 5.36  ? 94  PHE A CE2 1 
ATOM   795  C CZ  . PHE A 1 101 ? -2.696  8.391   9.723   1.00 6.03  ? 94  PHE A CZ  1 
ATOM   796  N N   . ILE A 1 102 ? -4.332  9.167   3.766   1.00 4.12  ? 95  ILE A N   1 
ATOM   797  C CA  . ILE A 1 102 ? -4.027  8.004   2.929   1.00 4.70  ? 95  ILE A CA  1 
ATOM   798  C C   . ILE A 1 102 ? -3.008  8.346   1.844   1.00 4.40  ? 95  ILE A C   1 
ATOM   799  O O   . ILE A 1 102 ? -2.201  7.497   1.483   1.00 3.59  ? 95  ILE A O   1 
ATOM   800  C CB  . ILE A 1 102 ? -5.292  7.291   2.356   1.00 5.38  ? 95  ILE A CB  1 
ATOM   801  C CG1 . ILE A 1 102 ? -6.032  8.161   1.353   1.00 6.42  ? 95  ILE A CG1 1 
ATOM   802  C CG2 . ILE A 1 102 ? -6.180  6.835   3.534   1.00 5.66  ? 95  ILE A CG2 1 
ATOM   803  C CD1 . ILE A 1 102 ? -7.037  7.376   0.447   1.00 7.50  ? 95  ILE A CD1 1 
ATOM   804  N N   . CYS A 1 103 ? -3.005  9.588   1.344   1.00 4.07  ? 96  CYS A N   1 
ATOM   805  C CA  . CYS A 1 103 ? -1.987  9.984   0.383   1.00 4.51  ? 96  CYS A CA  1 
ATOM   806  C C   . CYS A 1 103 ? -0.618  9.809   1.025   1.00 4.89  ? 96  CYS A C   1 
ATOM   807  O O   . CYS A 1 103 ? 0.311   9.283   0.425   1.00 5.39  ? 96  CYS A O   1 
ATOM   808  C CB  . CYS A 1 103 ? -2.177  11.434  -0.078  1.00 4.29  ? 96  CYS A CB  1 
ATOM   809  S SG  . CYS A 1 103 ? -0.969  11.948  -1.330  1.00 4.60  ? 96  CYS A SG  1 
ATOM   810  N N   . ASN A 1 104 ? -0.508  10.234  2.274   1.00 3.79  ? 97  ASN A N   1 
ATOM   811  C CA  . ASN A 1 104 ? 0.745   10.109  2.970   1.00 4.58  ? 97  ASN A CA  1 
ATOM   812  C C   . ASN A 1 104 ? 1.114   8.653   3.267   1.00 3.90  ? 97  ASN A C   1 
ATOM   813  O O   . ASN A 1 104 ? 2.288   8.297   3.155   1.00 4.36  ? 97  ASN A O   1 
ATOM   814  C CB  . ASN A 1 104 ? 0.745   10.989  4.199   1.00 4.87  ? 97  ASN A CB  1 
ATOM   815  C CG  . ASN A 1 104 ? 1.004   12.446  3.850   1.00 6.75  ? 97  ASN A CG  1 
ATOM   816  O OD1 . ASN A 1 104 ? 0.119   13.290  3.989   1.00 11.16 ? 97  ASN A OD1 1 
ATOM   817  N ND2 . ASN A 1 104 ? 2.220   12.741  3.353   1.00 6.01  ? 97  ASN A ND2 1 
ATOM   818  N N   . CYS A 1 105 ? 0.129   7.809   3.597   1.00 3.86  ? 98  CYS A N   1 
ATOM   819  C CA  . CYS A 1 105 ? 0.399   6.373   3.756   1.00 4.16  ? 98  CYS A CA  1 
ATOM   820  C C   . CYS A 1 105 ? 0.956   5.795   2.460   1.00 4.26  ? 98  CYS A C   1 
ATOM   821  O O   . CYS A 1 105 ? 1.925   5.034   2.469   1.00 3.34  ? 98  CYS A O   1 
ATOM   822  C CB  . CYS A 1 105 ? -0.860  5.596   4.105   1.00 4.22  ? 98  CYS A CB  1 
ATOM   823  S SG  . CYS A 1 105 ? -1.630  5.967   5.715   1.00 3.97  ? 98  CYS A SG  1 
ATOM   824  N N   . ASP A 1 106 ? 0.320   6.148   1.347   1.00 3.66  ? 99  ASP A N   1 
ATOM   825  C CA  . ASP A 1 106 ? 0.758   5.644   0.030   1.00 4.26  ? 99  ASP A CA  1 
ATOM   826  C C   . ASP A 1 106 ? 2.159   6.138   -0.350  1.00 4.41  ? 99  ASP A C   1 
ATOM   827  O O   . ASP A 1 106 ? 2.981   5.382   -0.899  1.00 4.58  ? 99  ASP A O   1 
ATOM   828  C CB  . ASP A 1 106 ? -0.235  6.042   -1.075  1.00 3.26  ? 99  ASP A CB  1 
ATOM   829  C CG  . ASP A 1 106 ? -1.553  5.283   -1.001  1.00 3.87  ? 99  ASP A CG  1 
ATOM   830  O OD1 . ASP A 1 106 ? -1.669  4.350   -0.169  1.00 3.52  ? 99  ASP A OD1 1 
ATOM   831  O OD2 . ASP A 1 106 ? -2.470  5.621   -1.788  1.00 3.74  ? 99  ASP A OD2 1 
ATOM   832  N N   . ARG A 1 107 ? 2.418   7.419   -0.080  1.00 4.42  ? 100 ARG A N   1 
ATOM   833  C CA  . ARG A 1 107 ? 3.715   8.032   -0.335  1.00 4.15  ? 100 ARG A CA  1 
ATOM   834  C C   . ARG A 1 107 ? 4.802   7.313   0.454   1.00 3.66  ? 100 ARG A C   1 
ATOM   835  O O   . ARG A 1 107 ? 5.848   6.970   -0.064  1.00 3.75  ? 100 ARG A O   1 
ATOM   836  C CB  . ARG A 1 107 ? 3.707   9.494   0.100   1.00 4.32  ? 100 ARG A CB  1 
ATOM   837  C CG  . ARG A 1 107 ? 5.081   10.144  0.029   1.00 5.00  ? 100 ARG A CG  1 
ATOM   838  C CD  . ARG A 1 107 ? 5.059   11.610  0.438   1.00 4.73  ? 100 ARG A CD  1 
ATOM   839  N NE  . ARG A 1 107 ? 6.424   12.127  0.430   1.00 5.80  ? 100 ARG A NE  1 
ATOM   840  C CZ  . ARG A 1 107 ? 7.345   11.870  1.359   1.00 7.78  ? 100 ARG A CZ  1 
ATOM   841  N NH1 . ARG A 1 107 ? 7.053   11.131  2.430   1.00 7.63  ? 100 ARG A NH1 1 
ATOM   842  N NH2 . ARG A 1 107 ? 8.575   12.364  1.219   1.00 9.88  ? 100 ARG A NH2 1 
ATOM   843  N N   . ASN A 1 108 ? 4.564   7.139   1.748   1.00 3.97  ? 101 ASN A N   1 
ATOM   844  C CA  . ASN A 1 108 ? 5.542   6.422   2.564   1.00 3.77  ? 101 ASN A CA  1 
ATOM   845  C C   . ASN A 1 108 ? 5.799   5.004   2.020   1.00 3.82  ? 101 ASN A C   1 
ATOM   846  O O   . ASN A 1 108 ? 6.941   4.551   1.960   1.00 3.75  ? 101 ASN A O   1 
ATOM   847  C CB  . ASN A 1 108 ? 5.102   6.318   4.026   1.00 4.28  ? 101 ASN A CB  1 
ATOM   848  C CG  . ASN A 1 108 ? 4.767   7.637   4.661   1.00 7.44  ? 101 ASN A CG  1 
ATOM   849  O OD1 . ASN A 1 108 ? 5.174   8.717   4.206   1.00 8.31  ? 101 ASN A OD1 1 
ATOM   850  N ND2 . ASN A 1 108 ? 4.017   7.555   5.771   1.00 8.74  ? 101 ASN A ND2 1 
ATOM   851  N N   . ALA A 1 109 ? 4.733   4.307   1.616   1.00 3.65  ? 102 ALA A N   1 
ATOM   852  C CA  . ALA A 1 109 ? 4.856   2.975   1.026   1.00 3.62  ? 102 ALA A CA  1 
ATOM   853  C C   . ALA A 1 109 ? 5.635   2.983   -0.289  1.00 4.25  ? 102 ALA A C   1 
ATOM   854  O O   . ALA A 1 109 ? 6.542   2.159   -0.486  1.00 3.22  ? 102 ALA A O   1 
ATOM   855  C CB  . ALA A 1 109 ? 3.467   2.347   0.834   1.00 3.80  ? 102 ALA A CB  1 
ATOM   856  N N   . ALA A 1 110 ? 5.296   3.900   -1.187  1.00 4.29  ? 103 ALA A N   1 
ATOM   857  C CA  . ALA A 1 110 ? 6.006   4.026   -2.459  1.00 4.47  ? 103 ALA A CA  1 
ATOM   858  C C   . ALA A 1 110 ? 7.517   4.260   -2.273  1.00 4.44  ? 103 ALA A C   1 
ATOM   859  O O   . ALA A 1 110 ? 8.350   3.618   -2.913  1.00 4.67  ? 103 ALA A O   1 
ATOM   860  C CB  . ALA A 1 110 ? 5.369   5.140   -3.291  1.00 5.02  ? 103 ALA A CB  1 
ATOM   861  N N   . ILE A 1 111 ? 7.866   5.153   -1.357  1.00 3.88  ? 104 ILE A N   1 
ATOM   862  C CA  . ILE A 1 111 ? 9.277   5.425   -1.072  1.00 3.63  ? 104 ILE A CA  1 
ATOM   863  C C   . ILE A 1 111 ? 9.940   4.174   -0.493  1.00 3.73  ? 104 ILE A C   1 
ATOM   864  O O   . ILE A 1 111 ? 11.039  3.800   -0.903  1.00 3.21  ? 104 ILE A O   1 
ATOM   865  C CB  . ILE A 1 111 ? 9.400   6.632   -0.146  1.00 3.48  ? 104 ILE A CB  1 
ATOM   866  C CG1 . ILE A 1 111 ? 8.942   7.880   -0.926  1.00 4.64  ? 104 ILE A CG1 1 
ATOM   867  C CG2 . ILE A 1 111 ? 10.827  6.765   0.366   1.00 3.57  ? 104 ILE A CG2 1 
ATOM   868  C CD1 . ILE A 1 111 ? 8.819   9.119   -0.098  1.00 7.39  ? 104 ILE A CD1 1 
ATOM   869  N N   . CYS A 1 112 ? 9.248   3.508   0.427   1.00 3.85  ? 105 CYS A N   1 
ATOM   870  C CA  . CYS A 1 112 ? 9.760   2.263   1.018   1.00 3.91  ? 105 CYS A CA  1 
ATOM   871  C C   . CYS A 1 112 ? 9.986   1.200   -0.073  1.00 4.42  ? 105 CYS A C   1 
ATOM   872  O O   . CYS A 1 112 ? 11.039  0.546   -0.132  1.00 3.78  ? 105 CYS A O   1 
ATOM   873  C CB  . CYS A 1 112 ? 8.763   1.760   2.070   1.00 4.10  ? 105 CYS A CB  1 
ATOM   874  S SG  . CYS A 1 112 ? 9.350   0.481   3.187   1.00 4.29  ? 105 CYS A SG  1 
ATOM   875  N N   . PHE A 1 113 ? 9.012   1.042   -0.956  1.00 4.62  ? 106 PHE A N   1 
ATOM   876  C CA  . PHE A 1 113 ? 9.116   0.054   -2.013  1.00 4.41  ? 106 PHE A CA  1 
ATOM   877  C C   . PHE A 1 113 ? 10.239  0.395   -2.994  1.00 5.35  ? 106 PHE A C   1 
ATOM   878  O O   . PHE A 1 113 ? 10.834  -0.519  -3.567  1.00 5.01  ? 106 PHE A O   1 
ATOM   879  C CB  . PHE A 1 113 ? 7.794   -0.087  -2.775  1.00 4.69  ? 106 PHE A CB  1 
ATOM   880  C CG  . PHE A 1 113 ? 6.673   -0.685  -1.973  1.00 4.72  ? 106 PHE A CG  1 
ATOM   881  C CD1 . PHE A 1 113 ? 6.867   -1.828  -1.228  1.00 4.74  ? 106 PHE A CD1 1 
ATOM   882  C CD2 . PHE A 1 113 ? 5.383   -0.164  -2.062  1.00 5.10  ? 106 PHE A CD2 1 
ATOM   883  C CE1 . PHE A 1 113 ? 5.830   -2.405  -0.530  1.00 3.07  ? 106 PHE A CE1 1 
ATOM   884  C CE2 . PHE A 1 113 ? 4.322   -0.742  -1.349  1.00 3.45  ? 106 PHE A CE2 1 
ATOM   885  C CZ  . PHE A 1 113 ? 4.548   -1.868  -0.587  1.00 3.47  ? 106 PHE A CZ  1 
ATOM   886  N N   . SER A 1 114 ? 10.521  1.681   -3.198  1.00 5.31  ? 107 SER A N   1 
ATOM   887  C CA  . SER A 1 114 ? 11.563  2.090   -4.169  1.00 5.74  ? 107 SER A CA  1 
ATOM   888  C C   . SER A 1 114 ? 12.948  1.613   -3.724  1.00 6.10  ? 107 SER A C   1 
ATOM   889  O O   . SER A 1 114 ? 13.890  1.549   -4.541  1.00 5.49  ? 107 SER A O   1 
ATOM   890  C CB  . SER A 1 114 ? 11.586  3.604   -4.370  1.00 6.13  ? 107 SER A CB  1 
ATOM   891  O OG  . SER A 1 114 ? 12.160  4.274   -3.261  1.00 5.30  ? 107 SER A OG  1 
ATOM   892  N N   . LYS A 1 115 ? 13.065  1.284   -2.437  1.00 6.57  ? 108 LYS A N   1 
ATOM   893  C CA  . LYS A 1 115 ? 14.326  0.831   -1.833  1.00 7.10  ? 108 LYS A CA  1 
ATOM   894  C C   . LYS A 1 115 ? 14.399  -0.661  -1.506  1.00 7.46  ? 108 LYS A C   1 
ATOM   895  O O   . LYS A 1 115 ? 15.467  -1.131  -1.118  1.00 8.62  ? 108 LYS A O   1 
ATOM   896  C CB  . LYS A 1 115 ? 14.576  1.608   -0.544  1.00 7.80  ? 108 LYS A CB  1 
ATOM   897  C CG  . LYS A 1 115 ? 14.777  3.073   -0.770  1.00 9.50  ? 108 LYS A CG  1 
ATOM   898  C CD  . LYS A 1 115 ? 15.104  3.805   0.517   1.00 12.21 ? 108 LYS A CD  1 
ATOM   899  C CE  . LYS A 1 115 ? 13.878  4.078   1.350   1.00 14.17 ? 108 LYS A CE  1 
ATOM   900  N NZ  . LYS A 1 115 ? 14.076  5.325   2.172   1.00 16.05 ? 108 LYS A NZ  1 
ATOM   901  N N   . ALA A 1 116 ? 13.288  -1.392  -1.670  1.00 6.56  ? 109 ALA A N   1 
ATOM   902  C CA  . ALA A 1 116 ? 13.189  -2.800  -1.260  1.00 7.04  ? 109 ALA A CA  1 
ATOM   903  C C   . ALA A 1 116 ? 13.359  -3.702  -2.486  1.00 7.49  ? 109 ALA A C   1 
ATOM   904  O O   . ALA A 1 116 ? 12.586  -3.594  -3.449  1.00 7.85  ? 109 ALA A O   1 
ATOM   905  C CB  . ALA A 1 116 ? 11.819  -3.071  -0.596  1.00 7.03  ? 109 ALA A CB  1 
ATOM   906  N N   . PRO A 1 117 ? 14.339  -4.616  -2.457  1.00 7.87  ? 110 PRO A N   1 
ATOM   907  C CA  . PRO A 1 117 ? 14.473  -5.566  -3.550  1.00 8.13  ? 110 PRO A CA  1 
ATOM   908  C C   . PRO A 1 117 ? 13.208  -6.388  -3.745  1.00 8.40  ? 110 PRO A C   1 
ATOM   909  O O   . PRO A 1 117 ? 12.542  -6.749  -2.765  1.00 8.72  ? 110 PRO A O   1 
ATOM   910  C CB  . PRO A 1 117 ? 15.617  -6.480  -3.090  1.00 8.71  ? 110 PRO A CB  1 
ATOM   911  C CG  . PRO A 1 117 ? 16.384  -5.682  -2.166  1.00 8.44  ? 110 PRO A CG  1 
ATOM   912  C CD  . PRO A 1 117 ? 15.409  -4.774  -1.464  1.00 7.35  ? 110 PRO A CD  1 
ATOM   913  N N   . TYR A 1 118 ? 12.875  -6.672  -4.998  1.00 8.41  ? 111 TYR A N   1 
ATOM   914  C CA  . TYR A 1 118 ? 11.725  -7.504  -5.298  1.00 8.27  ? 111 TYR A CA  1 
ATOM   915  C C   . TYR A 1 118 ? 12.204  -8.936  -5.398  1.00 9.02  ? 111 TYR A C   1 
ATOM   916  O O   . TYR A 1 118 ? 12.993  -9.257  -6.291  1.00 9.67  ? 111 TYR A O   1 
ATOM   917  C CB  . TYR A 1 118 ? 11.039  -7.082  -6.600  1.00 8.77  ? 111 TYR A CB  1 
ATOM   918  C CG  . TYR A 1 118 ? 9.662   -7.681  -6.717  1.00 8.55  ? 111 TYR A CG  1 
ATOM   919  C CD1 . TYR A 1 118 ? 8.550   -6.991  -6.258  1.00 7.55  ? 111 TYR A CD1 1 
ATOM   920  C CD2 . TYR A 1 118 ? 9.481   -8.959  -7.224  1.00 8.13  ? 111 TYR A CD2 1 
ATOM   921  C CE1 . TYR A 1 118 ? 7.282   -7.538  -6.340  1.00 7.75  ? 111 TYR A CE1 1 
ATOM   922  C CE2 . TYR A 1 118 ? 8.203   -9.543  -7.291  1.00 7.51  ? 111 TYR A CE2 1 
ATOM   923  C CZ  . TYR A 1 118 ? 7.107   -8.811  -6.843  1.00 7.36  ? 111 TYR A CZ  1 
ATOM   924  O OH  . TYR A 1 118 ? 5.845   -9.339  -6.905  1.00 8.24  ? 111 TYR A OH  1 
ATOM   925  N N   . ASN A 1 119 ? 11.736  -9.778  -4.478  1.00 8.56  ? 112 ASN A N   1 
ATOM   926  C CA  . ASN A 1 119 ? 12.140  -11.168 -4.399  1.00 8.87  ? 112 ASN A CA  1 
ATOM   927  C C   . ASN A 1 119 ? 10.978  -12.023 -4.892  1.00 8.73  ? 112 ASN A C   1 
ATOM   928  O O   . ASN A 1 119 ? 10.029  -12.294 -4.151  1.00 8.59  ? 112 ASN A O   1 
ATOM   929  C CB  . ASN A 1 119 ? 12.539  -11.540 -2.964  1.00 8.44  ? 112 ASN A CB  1 
ATOM   930  C CG  . ASN A 1 119 ? 13.676  -10.668 -2.415  1.00 10.63 ? 112 ASN A CG  1 
ATOM   931  O OD1 . ASN A 1 119 ? 13.598  -10.158 -1.287  1.00 12.33 ? 112 ASN A OD1 1 
ATOM   932  N ND2 . ASN A 1 119 ? 14.733  -10.481 -3.218  1.00 9.20  ? 112 ASN A ND2 1 
ATOM   933  N N   . LYS A 1 120 ? 11.057  -12.415 -6.164  1.00 9.44  ? 113 LYS A N   1 
ATOM   934  C CA  . LYS A 1 120 ? 9.968   -13.125 -6.828  1.00 9.75  ? 113 LYS A CA  1 
ATOM   935  C C   . LYS A 1 120 ? 9.493   -14.385 -6.087  1.00 9.15  ? 113 LYS A C   1 
ATOM   936  O O   . LYS A 1 120 ? 8.314   -14.725 -6.138  1.00 9.06  ? 113 LYS A O   1 
ATOM   937  C CB  . LYS A 1 120 ? 10.358  -13.484 -8.271  1.00 10.50 ? 113 LYS A CB  1 
ATOM   938  C CG  . LYS A 1 120 ? 9.238   -14.134 -9.086  1.00 14.12 ? 113 LYS A CG  1 
ATOM   939  C CD  . LYS A 1 120 ? 7.941   -13.307 -9.110  1.00 18.00 ? 113 LYS A CD  1 
ATOM   940  C CE  . LYS A 1 120 ? 6.736   -14.167 -9.490  1.00 19.12 ? 113 LYS A CE  1 
ATOM   941  N NZ  . LYS A 1 120 ? 5.579   -13.297 -9.930  1.00 20.21 ? 113 LYS A NZ  1 
ATOM   942  N N   . ALA A 1 121 ? 10.415  -15.073 -5.422  1.00 8.49  ? 114 ALA A N   1 
ATOM   943  C CA  . ALA A 1 121 ? 10.095  -16.257 -4.623  1.00 8.27  ? 114 ALA A CA  1 
ATOM   944  C C   . ALA A 1 121 ? 9.044   -16.023 -3.524  1.00 7.65  ? 114 ALA A C   1 
ATOM   945  O O   . ALA A 1 121 ? 8.415   -16.977 -3.061  1.00 7.81  ? 114 ALA A O   1 
ATOM   946  C CB  . ALA A 1 121 ? 11.391  -16.849 -3.997  1.00 7.70  ? 114 ALA A CB  1 
ATOM   947  N N   . HIS A 1 122 ? 8.851   -14.768 -3.125  1.00 6.90  ? 115 HIS A N   1 
ATOM   948  C CA  . HIS A 1 122 ? 7.942   -14.397 -2.051  1.00 6.66  ? 115 HIS A CA  1 
ATOM   949  C C   . HIS A 1 122 ? 6.553   -13.971 -2.532  1.00 6.55  ? 115 HIS A C   1 
ATOM   950  O O   . HIS A 1 122 ? 5.665   -13.725 -1.707  1.00 5.07  ? 115 HIS A O   1 
ATOM   951  C CB  . HIS A 1 122 ? 8.573   -13.302 -1.188  1.00 6.57  ? 115 HIS A CB  1 
ATOM   952  C CG  . HIS A 1 122 ? 9.788   -13.767 -0.440  1.00 6.95  ? 115 HIS A CG  1 
ATOM   953  N ND1 . HIS A 1 122 ? 10.762  -12.913 0.036   1.00 6.72  ? 115 HIS A ND1 1 
ATOM   954  C CD2 . HIS A 1 122 ? 10.185  -15.017 -0.098  1.00 7.86  ? 115 HIS A CD2 1 
ATOM   955  C CE1 . HIS A 1 122 ? 11.696  -13.621 0.656   1.00 8.53  ? 115 HIS A CE1 1 
ATOM   956  N NE2 . HIS A 1 122 ? 11.364  -14.898 0.594   1.00 7.92  ? 115 HIS A NE2 1 
ATOM   957  N N   . LYS A 1 123 ? 6.359   -13.878 -3.849  1.00 6.41  ? 116 LYS A N   1 
ATOM   958  C CA  . LYS A 1 123 ? 5.041   -13.567 -4.395  1.00 6.17  ? 116 LYS A CA  1 
ATOM   959  C C   . LYS A 1 123 ? 4.149   -14.762 -4.102  1.00 6.21  ? 116 LYS A C   1 
ATOM   960  O O   . LYS A 1 123 ? 4.548   -15.892 -4.324  1.00 5.99  ? 116 LYS A O   1 
ATOM   961  C CB  . LYS A 1 123 ? 5.120   -13.309 -5.903  1.00 6.39  ? 116 LYS A CB  1 
ATOM   962  C CG  . LYS A 1 123 ? 3.806   -12.847 -6.537  1.00 6.33  ? 116 LYS A CG  1 
ATOM   963  C CD  . LYS A 1 123 ? 3.345   -11.500 -5.977  1.00 5.80  ? 116 LYS A CD  1 
ATOM   964  C CE  . LYS A 1 123 ? 2.104   -10.984 -6.682  1.00 6.17  ? 116 LYS A CE  1 
ATOM   965  N NZ  . LYS A 1 123 ? 0.875   -11.703 -6.224  1.00 4.17  ? 116 LYS A NZ  1 
ATOM   966  N N   . ASN A 1 124 ? 2.966   -14.534 -3.547  1.00 6.53  ? 117 ASN A N   1 
ATOM   967  C CA  . ASN A 1 124 ? 2.090   -15.629 -3.121  1.00 7.54  ? 117 ASN A CA  1 
ATOM   968  C C   . ASN A 1 124 ? 2.823   -16.729 -2.366  1.00 8.34  ? 117 ASN A C   1 
ATOM   969  O O   . ASN A 1 124 ? 2.631   -17.915 -2.626  1.00 8.64  ? 117 ASN A O   1 
ATOM   970  C CB  . ASN A 1 124 ? 1.300   -16.186 -4.297  1.00 7.85  ? 117 ASN A CB  1 
ATOM   971  C CG  . ASN A 1 124 ? 0.397   -15.138 -4.924  1.00 9.60  ? 117 ASN A CG  1 
ATOM   972  O OD1 . ASN A 1 124 ? 0.706   -14.593 -5.981  1.00 11.96 ? 117 ASN A OD1 1 
ATOM   973  N ND2 . ASN A 1 124 ? -0.697  -14.830 -4.259  1.00 9.84  ? 117 ASN A ND2 1 
ATOM   974  N N   . LEU A 1 125 ? 3.662   -16.297 -1.423  1.00 8.88  ? 118 LEU A N   1 
ATOM   975  C CA  . LEU A 1 125 ? 4.250   -17.142 -0.389  1.00 9.66  ? 118 LEU A CA  1 
ATOM   976  C C   . LEU A 1 125 ? 3.152   -17.984 0.285   1.00 9.92  ? 118 LEU A C   1 
ATOM   977  O O   . LEU A 1 125 ? 1.997   -17.534 0.420   1.00 10.89 ? 118 LEU A O   1 
ATOM   978  C CB  . LEU A 1 125 ? 4.962   -16.212 0.637   1.00 9.64  ? 118 LEU A CB  1 
ATOM   979  C CG  . LEU A 1 125 ? 5.863   -16.713 1.754   1.00 12.30 ? 118 LEU A CG  1 
ATOM   980  C CD1 . LEU A 1 125 ? 7.153   -17.290 1.186   1.00 15.05 ? 118 LEU A CD1 1 
ATOM   981  C CD2 . LEU A 1 125 ? 6.163   -15.571 2.725   1.00 13.23 ? 118 LEU A CD2 1 
ATOM   982  N N   . ASP A 1 126 ? 3.498   -19.207 0.663   1.00 9.89  ? 119 ASP A N   1 
ATOM   983  C CA  . ASP A 1 126 ? 2.584   -20.048 1.441   1.00 10.19 ? 119 ASP A CA  1 
ATOM   984  C C   . ASP A 1 126 ? 2.475   -19.480 2.846   1.00 9.99  ? 119 ASP A C   1 
ATOM   985  O O   . ASP A 1 126 ? 3.329   -19.751 3.695   1.00 9.65  ? 119 ASP A O   1 
ATOM   986  C CB  . ASP A 1 126 ? 3.076   -21.490 1.510   1.00 9.98  ? 119 ASP A CB  1 
ATOM   987  C CG  . ASP A 1 126 ? 2.110   -22.406 2.261   1.00 11.01 ? 119 ASP A CG  1 
ATOM   988  O OD1 . ASP A 1 126 ? 1.070   -21.931 2.752   1.00 11.53 ? 119 ASP A OD1 1 
ATOM   989  O OD2 . ASP A 1 126 ? 2.400   -23.614 2.352   1.00 14.77 ? 119 ASP A OD2 1 
ATOM   990  N N   . THR A 1 127 ? 1.433   -18.680 3.081   1.00 10.43 ? 120 THR A N   1 
ATOM   991  C CA  . THR A 1 127 ? 1.285   -17.977 4.358   1.00 11.03 ? 120 THR A CA  1 
ATOM   992  C C   . THR A 1 127 ? 0.968   -18.951 5.491   1.00 11.38 ? 120 THR A C   1 
ATOM   993  O O   . THR A 1 127 ? 1.348   -18.733 6.647   1.00 11.81 ? 120 THR A O   1 
ATOM   994  C CB  . THR A 1 127 ? 0.196   -16.852 4.319   1.00 10.97 ? 120 THR A CB  1 
ATOM   995  O OG1 . THR A 1 127 ? -1.095  -17.417 4.052   1.00 10.94 ? 120 THR A OG1 1 
ATOM   996  C CG2 . THR A 1 127 ? 0.502   -15.803 3.271   1.00 11.85 ? 120 THR A CG2 1 
ATOM   997  N N   . LYS A 1 128 ? 0.304   -20.050 5.168   1.00 11.69 ? 121 LYS A N   1 
ATOM   998  C CA  . LYS A 1 128 ? 0.011   -21.061 6.178   1.00 11.90 ? 121 LYS A CA  1 
ATOM   999  C C   . LYS A 1 128 ? 1.311   -21.630 6.768   1.00 11.76 ? 121 LYS A C   1 
ATOM   1000 O O   . LYS A 1 128 ? 1.377   -21.934 7.963   1.00 12.56 ? 121 LYS A O   1 
ATOM   1001 C CB  . LYS A 1 128 ? -0.868  -22.175 5.600   1.00 12.00 ? 121 LYS A CB  1 
ATOM   1002 C CG  . LYS A 1 128 ? -2.266  -21.712 5.165   1.00 12.63 ? 121 LYS A CG  1 
ATOM   1003 C CD  . LYS A 1 128 ? -3.110  -22.885 4.696   1.00 13.89 ? 121 LYS A CD  1 
ATOM   1004 C CE  . LYS A 1 128 ? -4.551  -22.466 4.413   1.00 15.83 ? 121 LYS A CE  1 
ATOM   1005 N NZ  . LYS A 1 128 ? -5.544  -23.587 4.562   1.00 18.95 ? 121 LYS A NZ  1 
ATOM   1006 N N   . LYS A 1 129 ? 2.345   -21.727 5.935   1.00 11.48 ? 122 LYS A N   1 
ATOM   1007 C CA  . LYS A 1 129 ? 3.667   -22.222 6.343   1.00 11.12 ? 122 LYS A CA  1 
ATOM   1008 C C   . LYS A 1 129 ? 4.593   -21.152 6.943   1.00 11.48 ? 122 LYS A C   1 
ATOM   1009 O O   . LYS A 1 129 ? 5.244   -21.384 7.968   1.00 12.13 ? 122 LYS A O   1 
ATOM   1010 C CB  . LYS A 1 129 ? 4.356   -22.838 5.125   1.00 11.54 ? 122 LYS A CB  1 
ATOM   1011 C CG  . LYS A 1 129 ? 5.766   -23.392 5.378   1.00 11.43 ? 122 LYS A CG  1 
ATOM   1012 C CD  . LYS A 1 129 ? 6.060   -24.551 4.447   1.00 13.66 ? 122 LYS A CD  1 
ATOM   1013 C CE  . LYS A 1 129 ? 7.520   -24.953 4.464   1.00 14.62 ? 122 LYS A CE  1 
ATOM   1014 N NZ  . LYS A 1 129 ? 7.803   -26.022 3.461   1.00 15.74 ? 122 LYS A NZ  1 
ATOM   1015 N N   . TYR A 1 130 ? 4.667   -19.990 6.297   1.00 10.16 ? 123 TYR A N   1 
ATOM   1016 C CA  . TYR A 1 130 ? 5.700   -18.999 6.620   1.00 9.44  ? 123 TYR A CA  1 
ATOM   1017 C C   . TYR A 1 130 ? 5.208   -17.808 7.461   1.00 9.08  ? 123 TYR A C   1 
ATOM   1018 O O   . TYR A 1 130 ? 6.020   -16.989 7.903   1.00 9.48  ? 123 TYR A O   1 
ATOM   1019 C CB  . TYR A 1 130 ? 6.345   -18.478 5.319   1.00 9.26  ? 123 TYR A CB  1 
ATOM   1020 C CG  . TYR A 1 130 ? 7.129   -19.535 4.572   1.00 9.54  ? 123 TYR A CG  1 
ATOM   1021 C CD1 . TYR A 1 130 ? 8.371   -19.947 5.024   1.00 8.28  ? 123 TYR A CD1 1 
ATOM   1022 C CD2 . TYR A 1 130 ? 6.610   -20.148 3.424   1.00 8.38  ? 123 TYR A CD2 1 
ATOM   1023 C CE1 . TYR A 1 130 ? 9.091   -20.924 4.348   1.00 8.38  ? 123 TYR A CE1 1 
ATOM   1024 C CE2 . TYR A 1 130 ? 7.311   -21.139 2.758   1.00 8.62  ? 123 TYR A CE2 1 
ATOM   1025 C CZ  . TYR A 1 130 ? 8.548   -21.512 3.223   1.00 8.61  ? 123 TYR A CZ  1 
ATOM   1026 O OH  . TYR A 1 130 ? 9.258   -22.469 2.557   1.00 9.36  ? 123 TYR A OH  1 
ATOM   1027 N N   . CYS A 1 131 ? 3.900   -17.705 7.689   1.00 8.33  ? 124 CYS A N   1 
ATOM   1028 C CA  . CYS A 1 131 ? 3.336   -16.484 8.284   1.00 7.43  ? 124 CYS A CA  1 
ATOM   1029 C C   . CYS A 1 131 ? 2.516   -16.782 9.518   1.00 8.40  ? 124 CYS A C   1 
ATOM   1030 O O   . CYS A 1 131 ? 1.527   -16.106 9.802   1.00 7.87  ? 124 CYS A O   1 
ATOM   1031 C CB  . CYS A 1 131 ? 2.480   -15.759 7.247   1.00 7.20  ? 124 CYS A CB  1 
ATOM   1032 S SG  . CYS A 1 131 ? 3.383   -15.415 5.736   1.00 7.04  ? 124 CYS A SG  1 
ATOM   1033 N N   . GLN A 1 132 ? 2.962   -17.773 10.282  1.00 7.89  ? 125 GLN A N   1 
ATOM   1034 C CA  A GLN A 1 132 ? 2.281   -18.138 11.510  0.50 8.26  ? 125 GLN A CA  1 
ATOM   1035 C CA  B GLN A 1 132 ? 2.280   -18.140 11.510  0.50 8.28  ? 125 GLN A CA  1 
ATOM   1036 C C   . GLN A 1 132 ? 2.632   -17.173 12.634  1.00 8.65  ? 125 GLN A C   1 
ATOM   1037 O O   . GLN A 1 132 ? 3.804   -16.742 12.777  1.00 8.57  ? 125 GLN A O   1 
ATOM   1038 C CB  A GLN A 1 132 ? 2.643   -19.565 11.924  0.50 8.20  ? 125 GLN A CB  1 
ATOM   1039 C CB  B GLN A 1 132 ? 2.637   -19.571 11.928  0.50 8.23  ? 125 GLN A CB  1 
ATOM   1040 C CG  A GLN A 1 132 ? 2.225   -20.629 10.930  0.50 8.25  ? 125 GLN A CG  1 
ATOM   1041 C CG  B GLN A 1 132 ? 2.258   -20.643 10.921  0.50 8.31  ? 125 GLN A CG  1 
ATOM   1042 C CD  A GLN A 1 132 ? 2.589   -22.025 11.392  0.50 8.42  ? 125 GLN A CD  1 
ATOM   1043 C CD  B GLN A 1 132 ? 0.768   -20.696 10.646  0.50 8.54  ? 125 GLN A CD  1 
ATOM   1044 O OE1 A GLN A 1 132 ? 3.137   -22.213 12.481  0.50 8.00  ? 125 GLN A OE1 1 
ATOM   1045 O OE1 B GLN A 1 132 ? -0.033  -21.064 11.509  0.50 9.72  ? 125 GLN A OE1 1 
ATOM   1046 N NE2 A GLN A 1 132 ? 2.284   -23.017 10.562  0.50 9.90  ? 125 GLN A NE2 1 
ATOM   1047 N NE2 B GLN A 1 132 ? 0.387   -20.342 9.425   0.50 8.50  ? 125 GLN A NE2 1 
ATOM   1048 N N   . SER A 1 133 ? 1.619   -16.832 13.423  1.00 8.94  ? 126 SER A N   1 
ATOM   1049 C CA  . SER A 1 133 ? 1.785   -16.085 14.658  1.00 9.10  ? 126 SER A CA  1 
ATOM   1050 C C   . SER A 1 133 ? 1.353   -17.008 15.795  1.00 9.52  ? 126 SER A C   1 
ATOM   1051 O O   . SER A 1 133 ? 0.728   -18.078 15.600  1.00 8.42  ? 126 SER A O   1 
ATOM   1052 C CB  . SER A 1 133 ? 0.916   -14.828 14.658  1.00 8.71  ? 126 SER A CB  1 
ATOM   1053 O OG  . SER A 1 133 ? 1.453   -13.790 13.835  1.00 11.22 ? 126 SER A OG  1 
ATOM   1054 O OXT . SER A 1 133 ? 1.588   -16.674 16.947  1.00 10.49 ? 126 SER A OXT 1 
HETATM 1055 S S   . SO4 B 2 .   ? -10.776 -2.459  -11.699 0.33 11.44 ? 127 SO4 A S   1 
HETATM 1056 O O1  . SO4 B 2 .   ? -12.208 -2.546  -11.963 0.33 12.48 ? 127 SO4 A O1  1 
HETATM 1057 O O2  . SO4 B 2 .   ? -10.240 -3.798  -11.477 0.33 12.52 ? 127 SO4 A O2  1 
HETATM 1058 O O3  . SO4 B 2 .   ? -10.111 -1.847  -12.849 0.33 15.34 ? 127 SO4 A O3  1 
HETATM 1059 O O4  . SO4 B 2 .   ? -10.554 -1.641  -10.514 0.33 12.37 ? 127 SO4 A O4  1 
HETATM 1060 O O   . HOH C 3 .   ? 5.111   2.475   -13.994 1.00 15.45 ? 128 HOH A O   1 
HETATM 1061 O O   . HOH C 3 .   ? 8.237   0.612   6.868   1.00 11.62 ? 129 HOH A O   1 
HETATM 1062 O O   . HOH C 3 .   ? 15.185  -7.852  9.791   1.00 16.39 ? 130 HOH A O   1 
HETATM 1063 O O   . HOH C 3 .   ? 13.286  -14.520 -5.252  1.00 20.11 ? 131 HOH A O   1 
HETATM 1064 O O   . HOH C 3 .   ? -15.380 -0.260  6.213   1.00 32.57 ? 132 HOH A O   1 
HETATM 1065 O O   . HOH C 3 .   ? -0.441  -18.312 -1.042  1.00 17.03 ? 133 HOH A O   1 
HETATM 1066 O O   . HOH C 3 .   ? 4.181   -13.234 15.258  1.00 27.49 ? 134 HOH A O   1 
HETATM 1067 O O   . HOH C 3 .   ? -7.967  16.517  -3.208  1.00 21.41 ? 135 HOH A O   1 
HETATM 1068 O O   . HOH C 3 .   ? -10.957 17.911  5.996   1.00 18.87 ? 136 HOH A O   1 
HETATM 1069 O O   . HOH C 3 .   ? -12.529 -11.788 0.890   1.00 21.15 ? 137 HOH A O   1 
HETATM 1070 O O   . HOH C 3 .   ? -6.641  18.187  5.223   1.00 19.58 ? 138 HOH A O   1 
HETATM 1071 O O   . HOH C 3 .   ? 13.589  -12.210 -7.552  1.00 27.43 ? 139 HOH A O   1 
HETATM 1072 O O   . HOH C 3 .   ? 0.808   -25.181 4.052   1.00 22.86 ? 140 HOH A O   1 
HETATM 1073 O O   . HOH C 3 .   ? 14.062  2.222   -7.148  1.00 24.08 ? 141 HOH A O   1 
HETATM 1074 O O   . HOH C 3 .   ? 8.855   -5.350  11.226  1.00 25.71 ? 142 HOH A O   1 
HETATM 1075 O O   . HOH C 3 .   ? -4.001  18.700  2.901   1.00 19.31 ? 143 HOH A O   1 
HETATM 1076 O O   . HOH C 3 .   ? 7.050   -3.009  9.343   1.00 22.60 ? 144 HOH A O   1 
HETATM 1077 O O   . HOH C 3 .   ? 13.031  -16.559 -7.499  1.00 26.54 ? 145 HOH A O   1 
HETATM 1078 O O   . HOH C 3 .   ? 5.830   -23.697 9.478   1.00 27.39 ? 146 HOH A O   1 
HETATM 1079 O O   . HOH C 3 .   ? 9.163   -4.200  -8.689  1.00 21.11 ? 147 HOH A O   1 
HETATM 1080 O O   . HOH C 3 .   ? 3.481   -16.510 -7.007  1.00 26.84 ? 148 HOH A O   1 
HETATM 1081 O O   . HOH C 3 .   ? 8.205   -24.167 0.878   1.00 23.51 ? 149 HOH A O   1 
HETATM 1082 O O   . HOH C 3 .   ? -13.169 13.017  10.193  1.00 30.12 ? 150 HOH A O   1 
HETATM 1083 O O   . HOH C 3 .   ? -11.591 12.468  12.282  1.00 24.51 ? 151 HOH A O   1 
HETATM 1084 O O   . HOH C 3 .   ? 16.297  -2.956  1.172   1.00 23.06 ? 152 HOH A O   1 
HETATM 1085 O O   . HOH C 3 .   ? 12.850  -9.352  -9.424  1.00 30.41 ? 153 HOH A O   1 
HETATM 1086 O O   . HOH C 3 .   ? 12.651  4.608   -9.244  1.00 27.80 ? 154 HOH A O   1 
HETATM 1087 O O   . HOH C 3 .   ? -2.978  18.149  5.549   1.00 20.89 ? 155 HOH A O   1 
HETATM 1088 O O   . HOH C 3 .   ? 7.984   -14.999 7.788   1.00 22.27 ? 156 HOH A O   1 
HETATM 1089 O O   . HOH C 3 .   ? -11.354 14.640  12.513  1.00 21.85 ? 157 HOH A O   1 
HETATM 1090 O O   . HOH C 3 .   ? 3.556   16.395  0.592   1.00 23.48 ? 158 HOH A O   1 
HETATM 1091 O O   . HOH C 3 .   ? 9.591   -2.605  10.225  1.00 31.02 ? 159 HOH A O   1 
HETATM 1092 O O   . HOH C 3 .   ? -11.225 -4.212  4.916   1.00 32.11 ? 160 HOH A O   1 
HETATM 1093 O O   . HOH C 3 .   ? 17.359  -12.583 -3.001  1.00 14.54 ? 161 HOH A O   1 
HETATM 1094 O O   . HOH C 3 .   ? 12.955  6.069   -6.730  1.00 28.10 ? 162 HOH A O   1 
HETATM 1095 O O   . HOH C 3 .   ? 14.870  -13.784 -1.912  1.00 21.58 ? 163 HOH A O   1 
HETATM 1096 O O   . HOH C 3 .   ? -13.669 -4.411  -3.735  1.00 9.03  ? 164 HOH A O   1 
HETATM 1097 O O   . HOH C 3 .   ? -5.330  13.976  11.755  1.00 26.55 ? 165 HOH A O   1 
HETATM 1098 O O   . HOH C 3 .   ? 5.418   -3.614  -18.289 1.00 21.84 ? 166 HOH A O   1 
HETATM 1099 O O   . HOH C 3 .   ? 2.912   -3.588  -15.175 1.00 18.81 ? 167 HOH A O   1 
HETATM 1100 O O   . HOH C 3 .   ? -7.298  9.033   -10.564 1.00 20.25 ? 168 HOH A O   1 
HETATM 1101 O O   . HOH C 3 .   ? -13.348 -3.989  -7.734  0.33 16.43 ? 169 HOH A O   1 
HETATM 1102 O O   . HOH C 3 .   ? -11.348 12.184  8.329   1.00 36.78 ? 170 HOH A O   1 
HETATM 1103 O O   . HOH C 3 .   ? -1.593  -12.787 1.823   1.00 34.84 ? 171 HOH A O   1 
HETATM 1104 O O   . HOH C 3 .   ? -19.043 -0.403  4.908   1.00 23.68 ? 172 HOH A O   1 
HETATM 1105 O O   . HOH C 3 .   ? 4.939   5.288   -15.907 1.00 34.69 ? 173 HOH A O   1 
HETATM 1106 O O   . HOH C 3 .   ? -8.683  -1.212  -14.876 0.33 3.97  ? 174 HOH A O   1 
HETATM 1107 O O   . HOH C 3 .   ? 6.952   16.759  -10.320 1.00 14.05 ? 175 HOH A O   1 
HETATM 1108 O O   . HOH C 3 .   ? -15.293 15.489  5.526   1.00 22.60 ? 176 HOH A O   1 
HETATM 1109 O O   . HOH C 3 .   ? 16.860  -2.192  3.839   1.00 30.92 ? 177 HOH A O   1 
HETATM 1110 O O   . HOH C 3 .   ? 1.337   -8.963  13.294  1.00 30.79 ? 178 HOH A O   1 
HETATM 1111 O O   . HOH C 3 .   ? -7.784  20.878  2.841   1.00 32.20 ? 179 HOH A O   1 
HETATM 1112 O O   . HOH C 3 .   ? 11.876  10.665  -1.190  1.00 34.02 ? 180 HOH A O   1 
HETATM 1113 O O   . HOH C 3 .   ? 0.521   7.153   -12.762 1.00 27.57 ? 181 HOH A O   1 
HETATM 1114 O O   . HOH C 3 .   ? 5.425   -8.668  12.897  1.00 33.78 ? 182 HOH A O   1 
HETATM 1115 O O   . HOH C 3 .   ? 0.611   3.313   11.899  1.00 33.31 ? 183 HOH A O   1 
HETATM 1116 O O   . HOH C 3 .   ? 0.121   9.735   -13.030 1.00 31.18 ? 184 HOH A O   1 
HETATM 1117 O O   . HOH C 3 .   ? 0.125   0.369   -11.029 1.00 6.34  ? 185 HOH A O   1 
HETATM 1118 O O   . HOH C 3 .   ? 2.920   3.369   4.517   1.00 4.77  ? 186 HOH A O   1 
HETATM 1119 O O   . HOH C 3 .   ? 7.585   10.181  -11.432 1.00 4.07  ? 187 HOH A O   1 
HETATM 1120 O O   . HOH C 3 .   ? -2.295  15.933  1.260   1.00 8.28  ? 188 HOH A O   1 
HETATM 1121 O O   . HOH C 3 .   ? 12.679  -6.944  -0.128  1.00 7.02  ? 189 HOH A O   1 
HETATM 1122 O O   . HOH C 3 .   ? -13.493 8.281   -4.518  1.00 6.05  ? 190 HOH A O   1 
HETATM 1123 O O   . HOH C 3 .   ? 5.135   1.723   4.038   1.00 6.91  ? 191 HOH A O   1 
HETATM 1124 O O   . HOH C 3 .   ? 1.185   -13.829 -8.446  1.00 5.82  ? 192 HOH A O   1 
HETATM 1125 O O   . HOH C 3 .   ? -10.932 2.323   -0.244  1.00 5.89  ? 193 HOH A O   1 
HETATM 1126 O O   . HOH C 3 .   ? -0.583  9.212   6.899   1.00 5.27  ? 194 HOH A O   1 
HETATM 1127 O O   . HOH C 3 .   ? 11.619  -2.014  4.248   1.00 8.92  ? 195 HOH A O   1 
HETATM 1128 O O   . HOH C 3 .   ? 3.596   4.869   6.822   1.00 5.78  ? 196 HOH A O   1 
HETATM 1129 O O   . HOH C 3 .   ? 15.056  -7.913  1.436   1.00 9.67  ? 197 HOH A O   1 
HETATM 1130 O O   . HOH C 3 .   ? 7.385   7.852   -12.856 1.00 10.85 ? 198 HOH A O   1 
HETATM 1131 O O   . HOH C 3 .   ? -4.990  4.972   -2.382  1.00 8.49  ? 199 HOH A O   1 
HETATM 1132 O O   . HOH C 3 .   ? -4.640  14.219  7.216   1.00 6.98  ? 200 HOH A O   1 
HETATM 1133 O O   . HOH C 3 .   ? 9.885   -2.983  -4.133  1.00 7.80  ? 201 HOH A O   1 
HETATM 1134 O O   . HOH C 3 .   ? 7.365   2.687   5.336   1.00 9.24  ? 202 HOH A O   1 
HETATM 1135 O O   . HOH C 3 .   ? 5.383   -19.477 10.135  1.00 8.47  ? 203 HOH A O   1 
HETATM 1136 O O   . HOH C 3 .   ? -0.112  -13.730 6.567   1.00 10.62 ? 204 HOH A O   1 
HETATM 1137 O O   . HOH C 3 .   ? -1.262  -5.848  8.322   1.00 13.08 ? 205 HOH A O   1 
HETATM 1138 O O   . HOH C 3 .   ? 14.295  -12.496 2.763   1.00 9.93  ? 206 HOH A O   1 
HETATM 1139 O O   . HOH C 3 .   ? -15.684 1.838   7.476   1.00 16.25 ? 207 HOH A O   1 
HETATM 1140 O O   . HOH C 3 .   ? 7.243   2.438   -17.160 1.00 8.39  ? 208 HOH A O   1 
HETATM 1141 O O   . HOH C 3 .   ? 15.279  -14.111 0.655   1.00 9.59  ? 209 HOH A O   1 
HETATM 1142 O O   . HOH C 3 .   ? 12.655  -0.428  2.022   1.00 7.74  ? 210 HOH A O   1 
HETATM 1143 O O   . HOH C 3 .   ? 2.078   -14.114 -0.248  1.00 12.78 ? 211 HOH A O   1 
HETATM 1144 O O   . HOH C 3 .   ? -4.681  14.092  9.933   1.00 10.10 ? 212 HOH A O   1 
HETATM 1145 O O   . HOH C 3 .   ? -1.889  0.406   -13.086 1.00 12.95 ? 213 HOH A O   1 
HETATM 1146 O O   . HOH C 3 .   ? -1.455  -10.589 3.717   1.00 10.02 ? 214 HOH A O   1 
HETATM 1147 O O   . HOH C 3 .   ? 12.937  -1.879  -6.105  1.00 27.25 ? 215 HOH A O   1 
HETATM 1148 O O   . HOH C 3 .   ? -4.451  -4.450  4.585   1.00 8.62  ? 216 HOH A O   1 
HETATM 1149 O O   . HOH C 3 .   ? 0.507   -11.338 1.654   1.00 10.43 ? 217 HOH A O   1 
HETATM 1150 O O   . HOH C 3 .   ? -18.226 2.804   -2.814  1.00 14.02 ? 218 HOH A O   1 
HETATM 1151 O O   . HOH C 3 .   ? -6.435  0.663   -12.510 1.00 16.22 ? 219 HOH A O   1 
HETATM 1152 O O   . HOH C 3 .   ? 2.064   8.536   -11.177 1.00 10.71 ? 220 HOH A O   1 
HETATM 1153 O O   . HOH C 3 .   ? -11.276 13.192  3.097   1.00 13.64 ? 221 HOH A O   1 
HETATM 1154 O O   . HOH C 3 .   ? -7.330  6.208   -3.620  1.00 13.35 ? 222 HOH A O   1 
HETATM 1155 O O   . HOH C 3 .   ? -5.008  -2.019  6.622   1.00 18.73 ? 223 HOH A O   1 
HETATM 1156 O O   . HOH C 3 .   ? -3.627  9.316   13.442  1.00 17.24 ? 224 HOH A O   1 
HETATM 1157 O O   . HOH C 3 .   ? 7.175   16.289  -5.986  1.00 17.45 ? 225 HOH A O   1 
HETATM 1158 O O   . HOH C 3 .   ? 17.499  -7.105  1.053   1.00 10.56 ? 226 HOH A O   1 
HETATM 1159 O O   . HOH C 3 .   ? 3.677   0.751   11.378  1.00 18.72 ? 227 HOH A O   1 
HETATM 1160 O O   . HOH C 3 .   ? 4.909   -10.628 -9.127  1.00 14.84 ? 228 HOH A O   1 
HETATM 1161 O O   . HOH C 3 .   ? 9.056   5.509   3.548   1.00 18.39 ? 229 HOH A O   1 
HETATM 1162 O O   . HOH C 3 .   ? 15.411  -9.028  3.788   1.00 15.15 ? 230 HOH A O   1 
HETATM 1163 O O   . HOH C 3 .   ? 13.227  14.000  -7.975  1.00 18.36 ? 231 HOH A O   1 
HETATM 1164 O O   . HOH C 3 .   ? 4.410   8.821   -12.351 1.00 11.56 ? 232 HOH A O   1 
HETATM 1165 O O   . HOH C 3 .   ? 1.463   -6.217  12.047  1.00 23.69 ? 233 HOH A O   1 
HETATM 1166 O O   . HOH C 3 .   ? 16.511  -4.357  7.890   1.00 7.33  ? 234 HOH A O   1 
HETATM 1167 O O   . HOH C 3 .   ? -5.821  -6.344  -2.823  1.00 9.17  ? 235 HOH A O   1 
HETATM 1168 O O   . HOH C 3 .   ? 11.164  -9.111  9.364   1.00 15.96 ? 236 HOH A O   1 
HETATM 1169 O O   . HOH C 3 .   ? -1.448  5.791   -14.269 1.00 28.25 ? 237 HOH A O   1 
HETATM 1170 O O   . HOH C 3 .   ? -6.125  -4.648  11.948  1.00 14.47 ? 238 HOH A O   1 
HETATM 1171 O O   . HOH C 3 .   ? 6.021   -16.026 10.758  1.00 17.74 ? 239 HOH A O   1 
HETATM 1172 O O   . HOH C 3 .   ? -1.151  -18.376 1.406   1.00 12.34 ? 240 HOH A O   1 
HETATM 1173 O O   . HOH C 3 .   ? -6.129  15.982  11.461  1.00 19.03 ? 241 HOH A O   1 
HETATM 1174 O O   . HOH C 3 .   ? 17.253  -9.341  -2.729  1.00 20.10 ? 242 HOH A O   1 
HETATM 1175 O O   . HOH C 3 .   ? -12.647 3.217   8.025   1.00 16.42 ? 243 HOH A O   1 
HETATM 1176 O O   . HOH C 3 .   ? 0.143   -5.090  10.355  1.00 24.40 ? 244 HOH A O   1 
HETATM 1177 O O   . HOH C 3 .   ? 9.184   13.003  -1.414  1.00 21.75 ? 245 HOH A O   1 
HETATM 1178 O O   . HOH C 3 .   ? 5.597   -3.406  -13.518 1.00 24.59 ? 246 HOH A O   1 
HETATM 1179 O O   . HOH C 3 .   ? -12.401 -6.889  2.616   1.00 18.11 ? 247 HOH A O   1 
HETATM 1180 O O   . HOH C 3 .   ? -5.741  17.455  9.418   1.00 14.00 ? 248 HOH A O   1 
HETATM 1181 O O   . HOH C 3 .   ? 11.345  11.402  1.794   1.00 20.18 ? 249 HOH A O   1 
HETATM 1182 O O   . HOH C 3 .   ? -3.083  -17.195 5.849   1.00 13.26 ? 250 HOH A O   1 
HETATM 1183 O O   . HOH C 3 .   ? 13.901  -8.177  5.943   1.00 16.06 ? 251 HOH A O   1 
HETATM 1184 O O   . HOH C 3 .   ? 14.255  -5.430  -7.238  1.00 18.96 ? 252 HOH A O   1 
HETATM 1185 O O   . HOH C 3 .   ? 6.327   -14.470 14.045  1.00 29.88 ? 253 HOH A O   1 
HETATM 1186 O O   . HOH C 3 .   ? -19.180 0.529   0.956   1.00 18.57 ? 254 HOH A O   1 
HETATM 1187 O O   . HOH C 3 .   ? 0.917   18.112  -5.507  1.00 26.29 ? 255 HOH A O   1 
HETATM 1188 O O   . HOH C 3 .   ? -16.172 8.060   3.391   1.00 15.57 ? 256 HOH A O   1 
HETATM 1189 O O   . HOH C 3 .   ? -5.453  3.506   -11.174 1.00 18.76 ? 257 HOH A O   1 
HETATM 1190 O O   . HOH C 3 .   ? 4.086   -24.706 0.857   1.00 20.58 ? 258 HOH A O   1 
HETATM 1191 O O   . HOH C 3 .   ? 10.445  -7.452  11.311  1.00 19.71 ? 259 HOH A O   1 
HETATM 1192 O O   . HOH C 3 .   ? -13.644 5.929   9.796   1.00 17.81 ? 260 HOH A O   1 
HETATM 1193 O O   . HOH C 3 .   ? -5.085  -11.193 1.028   1.00 20.53 ? 261 HOH A O   1 
HETATM 1194 O O   . HOH C 3 .   ? 13.935  -10.851 6.220   1.00 16.73 ? 262 HOH A O   1 
HETATM 1195 O O   . HOH C 3 .   ? 6.419   15.749  0.262   1.00 18.05 ? 263 HOH A O   1 
HETATM 1196 O O   . HOH C 3 .   ? -4.733  16.994  7.035   1.00 15.30 ? 264 HOH A O   1 
HETATM 1197 O O   . HOH C 3 .   ? 5.808   -20.456 -0.399  1.00 16.44 ? 265 HOH A O   1 
HETATM 1198 O O   . HOH C 3 .   ? 10.693  -0.542  6.308   1.00 15.52 ? 266 HOH A O   1 
HETATM 1199 O O   . HOH C 3 .   ? -9.275  -3.678  6.385   1.00 20.09 ? 267 HOH A O   1 
HETATM 1200 O O   . HOH C 3 .   ? -10.613 -4.872  2.381   1.00 14.16 ? 268 HOH A O   1 
HETATM 1201 O O   . HOH C 3 .   ? 12.266  0.940   -9.138  1.00 18.02 ? 269 HOH A O   1 
HETATM 1202 O O   . HOH C 3 .   ? 2.332   -8.647  -13.467 1.00 23.44 ? 270 HOH A O   1 
HETATM 1203 O O   . HOH C 3 .   ? -12.966 -2.246  4.682   1.00 25.40 ? 271 HOH A O   1 
HETATM 1204 O O   . HOH C 3 .   ? 14.372  5.862   -3.514  1.00 24.53 ? 272 HOH A O   1 
HETATM 1205 O O   . HOH C 3 .   ? -2.294  0.973   13.118  1.00 16.03 ? 273 HOH A O   1 
HETATM 1206 O O   . HOH C 3 .   ? 13.388  8.433   -7.850  1.00 23.02 ? 274 HOH A O   1 
HETATM 1207 O O   . HOH C 3 .   ? -10.134 4.497   -2.169  1.00 22.18 ? 275 HOH A O   1 
HETATM 1208 O O   . HOH C 3 .   ? 3.635   -15.118 17.398  1.00 24.29 ? 276 HOH A O   1 
HETATM 1209 O O   . HOH C 3 .   ? -8.440  14.740  -5.357  1.00 19.89 ? 277 HOH A O   1 
HETATM 1210 O O   . HOH C 3 .   ? -6.729  12.786  -8.393  1.00 21.59 ? 278 HOH A O   1 
HETATM 1211 O O   . HOH C 3 .   ? 3.998   14.564  0.775   1.00 26.76 ? 279 HOH A O   1 
HETATM 1212 O O   . HOH C 3 .   ? 2.783   -4.090  13.063  1.00 25.39 ? 280 HOH A O   1 
HETATM 1213 O O   . HOH C 3 .   ? -18.329 9.055   8.877   1.00 14.50 ? 281 HOH A O   1 
HETATM 1214 O O   . HOH C 3 .   ? -2.906  2.836   -12.808 1.00 32.21 ? 282 HOH A O   1 
HETATM 1215 O O   . HOH C 3 .   ? 8.472   -20.250 -0.428  1.00 30.99 ? 283 HOH A O   1 
HETATM 1216 O O   . HOH C 3 .   ? -12.911 1.001   6.894   1.00 22.45 ? 284 HOH A O   1 
HETATM 1217 O O   . HOH C 3 .   ? -3.847  -4.780  9.072   1.00 21.82 ? 285 HOH A O   1 
HETATM 1218 O O   . HOH C 3 .   ? 11.630  4.432   3.094   1.00 15.08 ? 286 HOH A O   1 
HETATM 1219 O O   . HOH C 3 .   ? 11.843  2.056   5.718   1.00 16.22 ? 287 HOH A O   1 
HETATM 1220 O O   . HOH C 3 .   ? 11.511  -1.254  8.926   1.00 23.31 ? 288 HOH A O   1 
HETATM 1221 O O   . HOH C 3 .   ? -18.855 8.191   1.792   1.00 22.60 ? 289 HOH A O   1 
HETATM 1222 O O   . HOH C 3 .   ? 12.754  7.239   -10.624 1.00 21.21 ? 290 HOH A O   1 
HETATM 1223 O O   . HOH C 3 .   ? 10.638  8.127   -12.198 1.00 21.38 ? 291 HOH A O   1 
# 
